data_9V7G
#
_entry.id   9V7G
#
_cell.length_a   1.00
_cell.length_b   1.00
_cell.length_c   1.00
_cell.angle_alpha   90.00
_cell.angle_beta   90.00
_cell.angle_gamma   90.00
#
_symmetry.space_group_name_H-M   'P 1'
#
loop_
_entity.id
_entity.type
_entity.pdbx_description
1 polymer 'Glr2806 protein'
2 polymer 'Phycocyanin alpha chain'
3 polymer 'Phycocyanin beta chain'
4 non-polymer PHYCOCYANOBILIN
#
loop_
_entity_poly.entity_id
_entity_poly.type
_entity_poly.pdbx_seq_one_letter_code
_entity_poly.pdbx_strand_id
1 'polypeptide(L)'
;MSATTYDWRKVIDSIKIEDPVKPGDFANFLDMARGIESRTGVWSISYESLRTLGPPEGGMLRPAVGGTAEAAAQKQLGIT
AVAPASVVELRPNASEEDLQGVLRAVYRQVLGNTYVMESERPTQAESLLRNGSISVREFVRRIAKSDLYKERFFNKASNN
RFIELNFKHLLGRAPYNHGEIQEHFGLYHKAGYDVEIDSYIDSDEYIETFGENIVPYFRGFKYQTNQSAGGFPRMVKLWG
GDAGSDTDRGKNGQRTLVTTKDLIGPTKIFVPFVAPGRDADMVSGDYTRLAFGLSGEAAAQRQLGIASVAPAPICQLRPN
ASEEDLQGVLRAVYRQVLGNTYVMESERPTQAESLLRNGSISVREFVRRIAKSDLYKERFFNKASNNRFIELNFKHLLGR
APYNHGEIQEHFGLYHKAGYDVEIDSYIDSDEYIETFGENIVPYFRGFKYQTNQSAGGFPRMVKLWGGDAGSDTDRATGG
QRTLVTTRELVKTLPLLTEIPAVPATRGFEQVLNQLKRPAPGGTGEAQGQKQLGITAVAPAPICQLRPNASEEDLQGVLR
AVYRQVLGNTYVMESERPTQAESLLRNGSISVREFVRRIAKSDLYKERFFNKASNNRFIELNFKHLLGRAPYNHGEIQEH
FGLYHKAGYDAEIDSYIDSDEYLLTFGEDVVPYFRGFKYQTNQSAGGFPRFTKLYGGDAGSDTDRGKNGQRTLVTTKDLV
VSGQFSKPV
;
X
2 'polypeptide(L)'
;MKTVITEVIASADSQGRFLNNTELQAANGRFQRATASMEAARALTSNADSLVKGAVQEVYNKFPYLTQPGQMGYGDTNQA
KCARDISHYLRFITYSLVAGGTGPLDDYIVAGLREVNRTFNLSPSWYIEALKHIKGKVGSQLSGQPLTEANAYIDYCINA
LS
;
A,C,E,G,I,K
3 'polypeptide(L)'
;MQDAFTKAIVAADLRGSFLSEQELNQLTNLVKESNKRLDAVNAITGNAAEIISDAAHKLFAEQTDLIRPGGNAYPNRRMA
ACLRDMEIILRYVSYALLAGDASVLEDRCLNGLKETYVALGTPTRSVARAVQLMKETAIGYVNSPSGVTRGDCSALVNEA
ATYFDKAAASIA
;
B,D,F,H,J,L
#
loop_
_chem_comp.id
_chem_comp.type
_chem_comp.name
_chem_comp.formula
CYC non-polymer PHYCOCYANOBILIN 'C33 H40 N4 O6'
#
# COMPACT_ATOMS: atom_id res chain seq x y z
N LEU A 61 32.85 -25.09 23.17
CA LEU A 61 33.00 -24.08 24.25
C LEU A 61 33.68 -22.82 23.69
N ARG A 62 34.77 -22.98 22.92
CA ARG A 62 35.50 -21.80 22.45
C ARG A 62 34.57 -21.05 21.49
N PRO A 63 34.54 -19.70 21.49
CA PRO A 63 33.70 -18.99 20.52
C PRO A 63 34.28 -18.91 19.13
N ALA A 64 33.41 -18.56 18.18
CA ALA A 64 33.83 -18.31 16.83
C ALA A 64 34.78 -17.12 16.83
N VAL A 65 35.80 -17.15 15.97
CA VAL A 65 36.76 -16.06 15.89
C VAL A 65 36.04 -14.77 15.46
N GLY A 66 35.50 -14.72 14.25
CA GLY A 66 34.75 -13.54 13.83
C GLY A 66 33.80 -13.04 14.92
N GLY A 67 32.85 -13.89 15.33
CA GLY A 67 32.12 -13.67 16.56
C GLY A 67 31.28 -12.39 16.58
N THR A 68 30.42 -12.20 15.57
CA THR A 68 29.42 -11.15 15.65
C THR A 68 28.27 -11.65 16.49
N ALA A 69 27.49 -10.73 17.07
CA ALA A 69 26.23 -11.09 17.70
C ALA A 69 25.11 -11.13 16.66
N GLU A 70 24.07 -11.90 16.94
CA GLU A 70 22.84 -11.82 16.16
C GLU A 70 22.31 -10.40 16.25
N ALA A 71 21.92 -9.84 15.12
CA ALA A 71 21.54 -8.43 15.06
C ALA A 71 22.72 -7.53 14.71
N ALA A 72 23.95 -8.02 14.80
CA ALA A 72 25.10 -7.26 14.39
C ALA A 72 24.94 -6.69 12.99
N ALA A 73 24.44 -7.49 12.05
CA ALA A 73 24.35 -7.03 10.67
C ALA A 73 23.36 -5.89 10.57
N GLN A 74 22.24 -6.03 11.29
CA GLN A 74 21.20 -5.02 11.30
C GLN A 74 21.74 -3.75 11.93
N LYS A 75 22.38 -3.88 13.10
CA LYS A 75 23.08 -2.77 13.73
C LYS A 75 24.01 -2.06 12.73
N GLN A 76 24.85 -2.81 12.02
CA GLN A 76 25.82 -2.23 11.12
C GLN A 76 25.16 -1.51 9.95
N LEU A 77 24.02 -2.03 9.48
CA LEU A 77 23.34 -1.47 8.31
C LEU A 77 22.40 -0.32 8.70
N GLY A 78 22.05 -0.24 10.00
CA GLY A 78 21.13 0.77 10.45
C GLY A 78 19.69 0.45 10.06
N ILE A 79 19.42 -0.83 9.87
CA ILE A 79 18.10 -1.28 9.47
C ILE A 79 17.47 -1.97 10.68
N THR A 80 18.03 -1.71 11.85
CA THR A 80 17.67 -2.48 13.03
C THR A 80 16.23 -2.24 13.46
N ALA A 81 15.63 -1.11 13.07
CA ALA A 81 14.25 -0.84 13.44
C ALA A 81 13.26 -1.28 12.37
N VAL A 82 13.76 -1.62 11.19
CA VAL A 82 12.87 -1.89 10.09
C VAL A 82 13.14 -3.25 9.47
N ALA A 83 14.22 -3.96 9.87
CA ALA A 83 14.53 -5.16 9.14
C ALA A 83 13.37 -6.13 9.38
N PRO A 84 13.06 -6.45 10.65
CA PRO A 84 11.75 -7.01 11.00
C PRO A 84 10.94 -5.81 11.48
N ALA A 85 10.17 -5.23 10.55
CA ALA A 85 9.38 -4.05 10.85
C ALA A 85 8.12 -4.47 11.62
N SER A 86 7.77 -3.67 12.64
CA SER A 86 6.56 -3.91 13.41
C SER A 86 5.35 -3.68 12.53
N VAL A 87 4.30 -4.48 12.74
CA VAL A 87 3.09 -4.40 11.93
C VAL A 87 1.98 -3.79 12.78
N VAL A 88 1.35 -2.73 12.26
CA VAL A 88 0.26 -2.04 12.95
C VAL A 88 -1.06 -2.31 12.21
N GLU A 89 -2.03 -2.84 12.94
CA GLU A 89 -3.31 -3.20 12.37
C GLU A 89 -4.38 -2.35 13.04
N LEU A 90 -5.28 -1.76 12.26
CA LEU A 90 -6.43 -1.10 12.85
C LEU A 90 -7.41 -2.20 13.24
N ARG A 91 -7.84 -2.19 14.50
CA ARG A 91 -8.70 -3.25 14.99
C ARG A 91 -10.12 -2.71 15.10
N PRO A 92 -11.15 -3.59 15.15
CA PRO A 92 -12.52 -3.11 15.35
C PRO A 92 -12.66 -2.53 16.77
N ASN A 93 -13.60 -1.57 16.89
CA ASN A 93 -13.87 -0.92 18.17
C ASN A 93 -12.60 -0.28 18.72
N ALA A 94 -11.75 0.22 17.79
CA ALA A 94 -10.46 0.80 18.15
C ALA A 94 -10.67 2.04 19.01
N SER A 95 -9.83 2.16 20.07
CA SER A 95 -9.78 3.35 20.88
C SER A 95 -9.24 4.54 20.07
N GLU A 96 -9.37 5.74 20.64
CA GLU A 96 -8.85 6.94 20.01
C GLU A 96 -7.32 6.88 20.03
N GLU A 97 -6.77 6.37 21.13
CA GLU A 97 -5.34 6.17 21.26
C GLU A 97 -4.83 5.28 20.13
N ASP A 98 -5.59 4.20 19.85
CA ASP A 98 -5.20 3.19 18.89
C ASP A 98 -5.23 3.77 17.46
N LEU A 99 -6.23 4.61 17.17
CA LEU A 99 -6.37 5.17 15.83
C LEU A 99 -5.21 6.11 15.55
N GLN A 100 -4.79 6.88 16.56
CA GLN A 100 -3.71 7.84 16.38
C GLN A 100 -2.42 7.13 16.01
N GLY A 101 -2.14 6.00 16.68
CA GLY A 101 -1.02 5.14 16.32
C GLY A 101 -1.02 4.78 14.84
N VAL A 102 -2.17 4.41 14.30
CA VAL A 102 -2.28 3.98 12.92
C VAL A 102 -1.97 5.15 12.02
N LEU A 103 -2.45 6.34 12.40
CA LEU A 103 -2.28 7.48 11.52
C LEU A 103 -0.83 7.88 11.42
N ARG A 104 -0.14 7.87 12.56
CA ARG A 104 1.27 8.14 12.60
C ARG A 104 2.03 7.18 11.69
N ALA A 105 1.74 5.89 11.85
CA ALA A 105 2.40 4.88 11.04
C ALA A 105 2.19 5.15 9.55
N VAL A 106 0.97 5.53 9.16
CA VAL A 106 0.66 5.75 7.77
C VAL A 106 1.49 6.90 7.21
N TYR A 107 1.54 7.98 7.96
CA TYR A 107 2.19 9.18 7.46
C TYR A 107 3.67 8.95 7.30
N ARG A 108 4.26 8.24 8.28
CA ARG A 108 5.67 7.92 8.22
C ARG A 108 5.98 7.06 6.99
N GLN A 109 5.24 5.96 6.82
CA GLN A 109 5.49 5.05 5.72
C GLN A 109 5.14 5.72 4.40
N VAL A 110 3.94 6.28 4.27
CA VAL A 110 3.47 6.64 2.94
C VAL A 110 4.11 7.94 2.47
N LEU A 111 4.55 8.79 3.39
CA LEU A 111 5.13 10.05 2.96
C LEU A 111 6.64 10.09 3.16
N GLY A 112 7.25 8.96 3.52
CA GLY A 112 8.71 8.85 3.53
C GLY A 112 9.36 9.69 4.62
N ASN A 113 8.82 9.61 5.84
CA ASN A 113 9.38 10.30 6.98
C ASN A 113 9.64 11.76 6.64
N THR A 114 8.76 12.38 5.85
CA THR A 114 8.81 13.82 5.63
C THR A 114 7.86 14.40 6.65
N TYR A 115 8.10 15.66 7.06
CA TYR A 115 7.28 16.27 8.08
C TYR A 115 5.95 16.68 7.45
N VAL A 116 4.89 16.54 8.23
CA VAL A 116 3.61 17.07 7.81
C VAL A 116 3.18 18.09 8.86
N MET A 117 3.01 19.35 8.42
CA MET A 117 2.56 20.41 9.32
C MET A 117 1.09 20.21 9.65
N GLU A 118 0.58 20.90 10.68
CA GLU A 118 -0.80 20.71 11.12
C GLU A 118 -1.79 21.23 10.09
N SER A 119 -1.39 22.19 9.28
CA SER A 119 -2.22 22.68 8.20
C SER A 119 -2.43 21.60 7.13
N GLU A 120 -1.47 20.69 6.98
CA GLU A 120 -1.52 19.72 5.89
C GLU A 120 -2.32 18.47 6.27
N ARG A 121 -2.56 18.22 7.56
CA ARG A 121 -3.26 17.02 7.96
C ARG A 121 -4.59 16.88 7.23
N PRO A 122 -4.95 15.68 6.72
CA PRO A 122 -6.22 15.51 6.00
C PRO A 122 -7.54 15.71 6.76
N THR A 123 -7.68 15.13 7.96
CA THR A 123 -8.75 15.51 8.88
C THR A 123 -10.11 14.92 8.49
N GLN A 124 -10.65 15.28 7.31
CA GLN A 124 -11.88 14.70 6.82
C GLN A 124 -11.68 13.22 6.53
N ALA A 125 -10.57 12.87 5.87
CA ALA A 125 -10.26 11.47 5.63
C ALA A 125 -10.17 10.72 6.97
N GLU A 126 -9.54 11.32 7.96
CA GLU A 126 -9.38 10.63 9.23
C GLU A 126 -10.74 10.46 9.87
N SER A 127 -11.69 11.32 9.50
CA SER A 127 -13.02 11.23 10.06
C SER A 127 -13.62 9.89 9.65
N LEU A 128 -13.43 9.52 8.38
CA LEU A 128 -13.94 8.27 7.86
C LEU A 128 -13.28 7.09 8.55
N LEU A 129 -11.95 7.12 8.69
CA LEU A 129 -11.25 6.03 9.29
C LEU A 129 -11.76 5.79 10.71
N ARG A 130 -11.95 6.87 11.46
CA ARG A 130 -12.48 6.77 12.82
C ARG A 130 -13.88 6.17 12.81
N ASN A 131 -14.70 6.51 11.79
CA ASN A 131 -16.05 6.02 11.65
C ASN A 131 -16.07 4.53 11.28
N GLY A 132 -15.15 4.11 10.42
CA GLY A 132 -15.17 2.77 9.85
C GLY A 132 -15.78 2.79 8.46
N SER A 133 -16.04 3.99 7.94
CA SER A 133 -16.54 4.16 6.59
C SER A 133 -15.49 3.71 5.58
N ILE A 134 -14.22 3.89 5.91
CA ILE A 134 -13.16 3.39 5.05
C ILE A 134 -12.24 2.50 5.88
N SER A 135 -11.49 1.66 5.18
CA SER A 135 -10.45 0.83 5.75
C SER A 135 -9.10 1.53 5.67
N VAL A 136 -8.09 0.98 6.34
CA VAL A 136 -6.73 1.48 6.23
C VAL A 136 -6.31 1.47 4.76
N ARG A 137 -6.76 0.48 3.99
CA ARG A 137 -6.33 0.39 2.61
C ARG A 137 -6.87 1.54 1.77
N GLU A 138 -8.11 1.93 2.03
CA GLU A 138 -8.73 3.02 1.31
C GLU A 138 -8.08 4.34 1.73
N PHE A 139 -7.80 4.47 3.02
CA PHE A 139 -7.17 5.67 3.55
C PHE A 139 -5.82 5.88 2.87
N VAL A 140 -5.01 4.83 2.78
CA VAL A 140 -3.72 4.87 2.10
C VAL A 140 -3.88 5.30 0.65
N ARG A 141 -4.94 4.87 -0.03
CA ARG A 141 -5.15 5.23 -1.42
C ARG A 141 -5.53 6.70 -1.56
N ARG A 142 -6.20 7.26 -0.55
CA ARG A 142 -6.58 8.66 -0.57
C ARG A 142 -5.34 9.54 -0.37
N ILE A 143 -4.47 9.16 0.58
CA ILE A 143 -3.23 9.86 0.83
C ILE A 143 -2.35 9.83 -0.41
N ALA A 144 -2.24 8.69 -1.10
CA ALA A 144 -1.36 8.58 -2.24
C ALA A 144 -1.85 9.38 -3.45
N LYS A 145 -3.17 9.58 -3.53
CA LYS A 145 -3.76 10.36 -4.60
C LYS A 145 -3.80 11.85 -4.25
N SER A 146 -3.53 12.18 -2.97
CA SER A 146 -3.59 13.55 -2.49
C SER A 146 -2.40 14.38 -2.96
N ASP A 147 -2.56 15.71 -2.86
CA ASP A 147 -1.54 16.65 -3.30
C ASP A 147 -0.39 16.69 -2.30
N LEU A 148 -0.61 16.18 -1.09
CA LEU A 148 0.49 16.00 -0.17
C LEU A 148 1.50 15.04 -0.78
N TYR A 149 0.99 13.91 -1.27
CA TYR A 149 1.83 12.95 -1.94
C TYR A 149 2.32 13.57 -3.24
N LYS A 150 1.41 14.13 -4.03
CA LYS A 150 1.83 14.49 -5.37
C LYS A 150 2.93 15.54 -5.32
N GLU A 151 2.81 16.50 -4.40
CA GLU A 151 3.76 17.60 -4.35
C GLU A 151 5.17 17.10 -4.04
N ARG A 152 5.31 16.35 -2.96
CA ARG A 152 6.60 15.78 -2.61
C ARG A 152 7.11 14.88 -3.74
N PHE A 153 6.42 13.76 -3.99
CA PHE A 153 7.03 12.65 -4.68
C PHE A 153 6.83 12.73 -6.18
N PHE A 154 5.87 13.49 -6.70
CA PHE A 154 5.55 13.36 -8.11
C PHE A 154 5.93 14.59 -8.93
N ASN A 155 5.62 15.80 -8.46
CA ASN A 155 5.70 16.97 -9.33
C ASN A 155 7.14 17.37 -9.65
N LYS A 156 8.04 17.18 -8.70
CA LYS A 156 9.43 17.57 -8.89
C LYS A 156 10.20 16.42 -9.53
N ALA A 157 9.83 15.16 -9.23
CA ALA A 157 10.56 13.96 -9.61
C ALA A 157 10.32 13.57 -11.06
N SER A 158 11.16 12.64 -11.56
CA SER A 158 10.90 11.95 -12.83
C SER A 158 10.13 10.66 -12.58
N ASN A 159 9.64 10.03 -13.66
CA ASN A 159 8.79 8.87 -13.48
C ASN A 159 9.59 7.74 -12.84
N ASN A 160 10.82 7.58 -13.32
CA ASN A 160 11.73 6.56 -12.82
C ASN A 160 11.85 6.67 -11.30
N ARG A 161 12.05 7.88 -10.79
CA ARG A 161 12.15 8.15 -9.36
C ARG A 161 10.80 8.01 -8.66
N PHE A 162 9.73 8.40 -9.34
CA PHE A 162 8.39 8.31 -8.80
C PHE A 162 7.98 6.85 -8.59
N ILE A 163 8.27 5.98 -9.58
CA ILE A 163 7.90 4.58 -9.49
C ILE A 163 8.57 3.91 -8.31
N GLU A 164 9.88 4.08 -8.15
CA GLU A 164 10.55 3.44 -7.03
C GLU A 164 10.14 4.02 -5.70
N LEU A 165 9.79 5.31 -5.69
CA LEU A 165 9.26 5.90 -4.48
C LEU A 165 7.96 5.21 -4.09
N ASN A 166 7.13 4.87 -5.10
CA ASN A 166 5.83 4.25 -4.85
C ASN A 166 5.98 2.85 -4.28
N PHE A 167 6.91 2.08 -4.82
CA PHE A 167 7.20 0.77 -4.28
C PHE A 167 7.59 0.84 -2.81
N LYS A 168 8.50 1.73 -2.47
CA LYS A 168 8.94 1.86 -1.10
C LYS A 168 7.79 2.30 -0.21
N HIS A 169 6.98 3.23 -0.70
CA HIS A 169 5.96 3.84 0.15
C HIS A 169 4.82 2.86 0.36
N LEU A 170 4.34 2.25 -0.74
CA LEU A 170 3.12 1.46 -0.72
C LEU A 170 3.41 -0.02 -0.55
N LEU A 171 4.38 -0.57 -1.27
CA LEU A 171 4.65 -1.99 -1.17
C LEU A 171 5.67 -2.31 -0.09
N GLY A 172 6.62 -1.42 0.18
CA GLY A 172 7.59 -1.62 1.24
C GLY A 172 8.88 -2.29 0.73
N ARG A 173 9.13 -2.26 -0.56
CA ARG A 173 10.24 -3.00 -1.14
C ARG A 173 10.89 -2.18 -2.25
N ALA A 174 11.95 -2.67 -2.86
CA ALA A 174 12.51 -2.03 -4.05
C ALA A 174 11.93 -2.62 -5.33
N PRO A 175 11.98 -1.91 -6.47
CA PRO A 175 11.60 -2.50 -7.74
C PRO A 175 12.55 -3.65 -8.09
N TYR A 176 11.98 -4.78 -8.58
CA TYR A 176 12.74 -6.01 -8.70
C TYR A 176 13.39 -6.09 -10.05
N ASN A 177 12.85 -5.39 -11.04
CA ASN A 177 13.40 -5.46 -12.39
C ASN A 177 12.92 -4.26 -13.22
N HIS A 178 13.56 -4.03 -14.36
CA HIS A 178 13.22 -2.92 -15.23
C HIS A 178 11.85 -3.11 -15.86
N GLY A 179 11.26 -4.30 -15.74
CA GLY A 179 9.95 -4.57 -16.26
C GLY A 179 8.86 -3.92 -15.41
N GLU A 180 9.10 -3.80 -14.11
CA GLU A 180 8.18 -3.08 -13.23
C GLU A 180 8.18 -1.60 -13.61
N ILE A 181 9.33 -1.07 -14.01
CA ILE A 181 9.41 0.31 -14.43
C ILE A 181 8.63 0.46 -15.71
N GLN A 182 8.81 -0.51 -16.61
CA GLN A 182 8.20 -0.43 -17.92
C GLN A 182 6.69 -0.47 -17.85
N GLU A 183 6.18 -1.27 -16.91
CA GLU A 183 4.75 -1.46 -16.76
C GLU A 183 4.10 -0.21 -16.20
N HIS A 184 4.64 0.31 -15.11
CA HIS A 184 4.09 1.48 -14.45
C HIS A 184 4.31 2.77 -15.24
N PHE A 185 5.38 2.88 -16.03
CA PHE A 185 5.53 4.06 -16.85
C PHE A 185 4.50 4.01 -17.97
N GLY A 186 4.16 2.80 -18.40
CA GLY A 186 3.23 2.62 -19.50
C GLY A 186 1.82 2.92 -19.04
N LEU A 187 1.51 2.57 -17.80
CA LEU A 187 0.17 2.77 -17.30
C LEU A 187 -0.11 4.26 -17.23
N TYR A 188 0.86 5.02 -16.68
CA TYR A 188 0.73 6.44 -16.46
C TYR A 188 0.45 7.13 -17.78
N HIS A 189 1.18 6.74 -18.82
CA HIS A 189 1.06 7.44 -20.08
C HIS A 189 -0.27 7.13 -20.77
N LYS A 190 -0.86 5.97 -20.46
CA LYS A 190 -2.14 5.61 -21.05
C LYS A 190 -3.29 6.11 -20.17
N ALA A 191 -3.14 6.09 -18.85
CA ALA A 191 -4.28 6.31 -17.96
C ALA A 191 -4.04 7.32 -16.85
N GLY A 192 -2.88 7.99 -16.84
CA GLY A 192 -2.56 9.04 -15.89
C GLY A 192 -2.29 8.50 -14.48
N TYR A 193 -2.25 9.41 -13.51
CA TYR A 193 -1.69 9.23 -12.19
C TYR A 193 -2.55 8.32 -11.32
N ASP A 194 -3.85 8.53 -11.33
CA ASP A 194 -4.70 7.84 -10.36
C ASP A 194 -4.77 6.34 -10.62
N VAL A 195 -4.87 5.98 -11.90
CA VAL A 195 -4.84 4.59 -12.30
C VAL A 195 -3.53 3.96 -11.84
N GLU A 196 -2.41 4.67 -12.02
CA GLU A 196 -1.13 4.17 -11.58
C GLU A 196 -1.18 3.86 -10.08
N ILE A 197 -1.49 4.85 -9.26
CA ILE A 197 -1.49 4.65 -7.83
C ILE A 197 -2.41 3.49 -7.44
N ASP A 198 -3.49 3.30 -8.21
CA ASP A 198 -4.43 2.21 -7.92
C ASP A 198 -3.74 0.86 -8.10
N SER A 199 -2.94 0.76 -9.15
CA SER A 199 -2.25 -0.49 -9.42
C SER A 199 -1.55 -1.03 -8.16
N TYR A 200 -0.75 -0.23 -7.46
CA TYR A 200 -0.02 -0.72 -6.32
C TYR A 200 -1.04 -1.15 -5.26
N ILE A 201 -2.05 -0.33 -5.00
CA ILE A 201 -2.94 -0.59 -3.89
C ILE A 201 -3.81 -1.80 -4.20
N ASP A 202 -4.14 -1.96 -5.49
CA ASP A 202 -4.96 -3.05 -5.96
C ASP A 202 -4.05 -4.07 -6.63
N SER A 203 -3.21 -4.72 -5.84
CA SER A 203 -2.28 -5.70 -6.37
C SER A 203 -2.19 -6.85 -5.39
N ASP A 204 -1.91 -8.03 -5.91
CA ASP A 204 -2.02 -9.24 -5.10
C ASP A 204 -1.02 -9.12 -3.94
N GLU A 205 0.14 -8.54 -4.28
CA GLU A 205 1.19 -8.27 -3.32
C GLU A 205 0.65 -7.43 -2.16
N TYR A 206 0.02 -6.30 -2.49
CA TYR A 206 -0.57 -5.45 -1.47
C TYR A 206 -1.56 -6.29 -0.69
N ILE A 207 -2.53 -6.87 -1.41
CA ILE A 207 -3.71 -7.47 -0.81
C ILE A 207 -3.36 -8.66 0.10
N GLU A 208 -2.39 -9.48 -0.32
CA GLU A 208 -1.98 -10.64 0.47
C GLU A 208 -1.20 -10.22 1.72
N THR A 209 -0.29 -9.26 1.60
CA THR A 209 0.53 -8.86 2.74
C THR A 209 -0.28 -8.04 3.73
N PHE A 210 -0.71 -6.84 3.31
CA PHE A 210 -1.31 -5.88 4.20
C PHE A 210 -2.81 -6.18 4.29
N GLY A 211 -3.42 -6.45 3.14
CA GLY A 211 -4.86 -6.69 3.10
C GLY A 211 -5.64 -5.39 3.26
N GLU A 212 -6.48 -5.29 4.30
CA GLU A 212 -7.34 -4.13 4.47
C GLU A 212 -7.02 -3.32 5.74
N ASN A 213 -6.59 -3.99 6.80
CA ASN A 213 -6.46 -3.36 8.10
C ASN A 213 -5.01 -3.06 8.46
N ILE A 214 -4.05 -3.69 7.79
CA ILE A 214 -2.65 -3.49 8.14
C ILE A 214 -2.09 -2.29 7.39
N VAL A 215 -1.37 -1.43 8.12
CA VAL A 215 -0.66 -0.32 7.49
C VAL A 215 0.54 -0.90 6.75
N PRO A 216 0.87 -0.46 5.54
CA PRO A 216 2.09 -0.94 4.90
C PRO A 216 3.31 -0.81 5.80
N TYR A 217 4.25 -1.76 5.68
CA TYR A 217 5.47 -1.74 6.45
C TYR A 217 6.59 -2.23 5.57
N PHE A 218 7.84 -2.12 6.04
CA PHE A 218 8.98 -2.38 5.18
C PHE A 218 9.20 -3.88 5.05
N ARG A 219 9.19 -4.38 3.81
CA ARG A 219 9.23 -5.81 3.61
C ARG A 219 10.64 -6.16 3.17
N GLY A 220 11.26 -5.30 2.35
CA GLY A 220 12.67 -5.47 1.98
C GLY A 220 13.50 -5.65 3.25
N PHE A 221 14.79 -5.90 3.10
CA PHE A 221 15.64 -6.19 4.26
C PHE A 221 15.29 -7.56 4.84
N LYS A 222 14.24 -8.20 4.33
CA LYS A 222 13.97 -9.61 4.60
C LYS A 222 13.62 -10.26 3.27
N TYR A 223 13.75 -11.60 3.19
CA TYR A 223 13.56 -12.33 1.95
C TYR A 223 12.07 -12.44 1.70
N GLN A 224 11.64 -12.03 0.50
CA GLN A 224 10.25 -12.18 0.09
C GLN A 224 10.19 -13.19 -1.05
N THR A 225 9.04 -13.85 -1.25
CA THR A 225 9.00 -15.03 -2.06
C THR A 225 9.37 -14.76 -3.51
N ASN A 226 8.89 -13.71 -4.17
CA ASN A 226 9.27 -13.61 -5.58
C ASN A 226 10.44 -12.66 -5.79
N GLN A 227 11.06 -12.20 -4.70
CA GLN A 227 12.13 -11.24 -4.72
C GLN A 227 13.23 -11.65 -5.70
N SER A 228 13.84 -10.69 -6.40
CA SER A 228 15.11 -10.96 -7.09
C SER A 228 16.27 -10.74 -6.13
N ALA A 229 17.50 -11.09 -6.52
CA ALA A 229 18.60 -11.02 -5.57
C ALA A 229 18.99 -9.56 -5.38
N GLY A 230 18.82 -8.76 -6.46
CA GLY A 230 19.08 -7.34 -6.45
C GLY A 230 18.21 -6.56 -5.47
N GLY A 231 17.13 -7.19 -4.99
CA GLY A 231 16.17 -6.56 -4.09
C GLY A 231 16.72 -6.05 -2.76
N PHE A 232 17.69 -6.71 -2.14
CA PHE A 232 18.15 -6.27 -0.83
C PHE A 232 19.19 -5.15 -0.98
N PRO A 233 20.15 -5.21 -1.89
CA PRO A 233 21.01 -4.06 -2.13
C PRO A 233 20.25 -2.79 -2.53
N ARG A 234 19.13 -2.94 -3.24
CA ARG A 234 18.38 -1.80 -3.71
C ARG A 234 17.65 -1.15 -2.56
N MET A 235 17.19 -1.94 -1.59
CA MET A 235 16.54 -1.37 -0.43
C MET A 235 17.54 -0.57 0.39
N VAL A 236 18.81 -0.97 0.34
CA VAL A 236 19.84 -0.29 1.08
C VAL A 236 20.09 1.07 0.44
N LYS A 237 19.99 1.17 -0.88
CA LYS A 237 20.14 2.46 -1.52
C LYS A 237 18.93 3.37 -1.27
N LEU A 238 17.77 2.80 -1.05
CA LEU A 238 16.57 3.57 -0.79
C LEU A 238 16.48 4.02 0.67
N TRP A 239 17.19 3.39 1.60
CA TRP A 239 17.00 3.70 3.01
C TRP A 239 18.14 4.58 3.51
N GLY A 240 17.78 5.81 3.88
CA GLY A 240 18.74 6.79 4.37
C GLY A 240 19.01 6.61 5.86
N GLY A 241 18.09 6.00 6.59
CA GLY A 241 18.25 5.79 8.00
C GLY A 241 16.95 6.15 8.70
N ASP A 242 16.89 5.97 10.01
CA ASP A 242 15.74 6.48 10.73
C ASP A 242 15.53 7.97 10.45
N ALA A 243 16.60 8.77 10.52
CA ALA A 243 16.54 10.20 10.27
C ALA A 243 16.51 10.56 8.78
N GLY A 244 16.66 9.58 7.91
CA GLY A 244 16.53 9.88 6.51
C GLY A 244 15.09 10.22 6.17
N SER A 245 14.88 10.78 4.99
CA SER A 245 13.57 11.02 4.44
C SER A 245 13.68 11.00 2.93
N ASP A 246 12.53 11.04 2.25
CA ASP A 246 12.56 11.18 0.81
C ASP A 246 12.06 12.57 0.47
N THR A 247 12.88 13.60 0.67
CA THR A 247 12.34 14.93 0.71
C THR A 247 12.71 15.68 -0.56
N ASP A 248 11.71 16.35 -1.11
CA ASP A 248 11.87 17.24 -2.25
C ASP A 248 12.69 18.46 -1.85
N ARG A 249 12.72 18.77 -0.55
CA ARG A 249 13.22 20.05 -0.08
C ARG A 249 14.75 20.02 0.12
N GLY A 250 15.47 19.51 -0.86
CA GLY A 250 16.91 19.35 -0.72
C GLY A 250 17.63 20.22 -1.75
N LYS A 251 18.97 20.21 -1.70
CA LYS A 251 19.76 21.00 -2.62
C LYS A 251 19.61 20.44 -4.04
N ASN A 252 19.77 19.12 -4.16
CA ASN A 252 19.78 18.43 -5.45
C ASN A 252 18.35 18.19 -5.98
N GLY A 253 17.35 18.22 -5.08
CA GLY A 253 15.98 17.88 -5.45
C GLY A 253 15.83 16.35 -5.58
N GLN A 254 14.69 15.89 -6.12
CA GLN A 254 14.39 14.46 -6.17
C GLN A 254 15.19 13.82 -7.31
N ARG A 255 16.16 12.97 -6.96
CA ARG A 255 16.94 12.27 -7.98
C ARG A 255 16.74 10.76 -7.82
N THR A 256 17.10 10.01 -8.86
CA THR A 256 16.91 8.57 -8.89
C THR A 256 18.03 7.88 -8.11
N LEU A 257 17.67 7.18 -7.02
CA LEU A 257 18.62 6.36 -6.27
C LEU A 257 18.91 5.05 -7.02
N VAL A 258 17.90 4.47 -7.69
CA VAL A 258 18.04 3.20 -8.37
C VAL A 258 18.02 3.41 -9.87
N THR A 259 19.20 3.43 -10.50
CA THR A 259 19.31 3.77 -11.93
C THR A 259 18.71 2.67 -12.80
N THR A 260 18.57 2.96 -14.09
CA THR A 260 18.23 1.94 -15.07
C THR A 260 19.40 0.99 -15.15
N LYS A 261 20.61 1.54 -15.12
CA LYS A 261 21.81 0.74 -15.15
C LYS A 261 21.75 -0.31 -14.05
N ASP A 262 21.29 0.07 -12.87
CA ASP A 262 21.13 -0.92 -11.78
C ASP A 262 20.14 -2.00 -12.21
N LEU A 263 18.93 -1.59 -12.63
CA LEU A 263 17.88 -2.55 -13.02
C LEU A 263 18.32 -3.25 -14.31
N MET B 1 -8.39 3.31 27.80
CA MET B 1 -7.47 4.45 27.95
C MET B 1 -6.06 3.88 27.99
N LYS B 2 -5.04 4.72 28.04
CA LYS B 2 -3.70 4.23 28.32
C LYS B 2 -3.52 4.07 29.81
N THR B 3 -3.23 2.84 30.25
CA THR B 3 -2.78 2.55 31.60
C THR B 3 -1.64 1.54 31.46
N VAL B 4 -0.96 1.19 32.56
CA VAL B 4 0.08 0.19 32.43
C VAL B 4 -0.55 -1.11 31.93
N ILE B 5 -1.71 -1.47 32.47
CA ILE B 5 -2.31 -2.76 32.18
C ILE B 5 -2.77 -2.83 30.73
N THR B 6 -3.43 -1.79 30.24
CA THR B 6 -3.90 -1.81 28.87
C THR B 6 -2.72 -1.83 27.90
N GLU B 7 -1.63 -1.16 28.24
CA GLU B 7 -0.50 -1.04 27.34
C GLU B 7 0.24 -2.37 27.20
N VAL B 8 0.38 -3.11 28.30
CA VAL B 8 1.05 -4.40 28.23
C VAL B 8 0.17 -5.36 27.42
N ILE B 9 -1.16 -5.31 27.63
CA ILE B 9 -2.04 -6.20 26.90
C ILE B 9 -1.99 -5.88 25.41
N ALA B 10 -1.95 -4.60 25.09
CA ALA B 10 -1.93 -4.18 23.69
C ALA B 10 -0.67 -4.67 22.99
N SER B 11 0.47 -4.60 23.69
CA SER B 11 1.73 -5.03 23.12
C SER B 11 1.67 -6.52 22.82
N ALA B 12 1.20 -7.30 23.80
CA ALA B 12 1.13 -8.75 23.64
C ALA B 12 0.23 -9.08 22.45
N ASP B 13 -0.91 -8.38 22.36
CA ASP B 13 -1.88 -8.66 21.31
C ASP B 13 -1.29 -8.35 19.94
N SER B 14 -0.48 -7.28 19.85
CA SER B 14 0.10 -6.90 18.59
C SER B 14 1.05 -7.99 18.08
N GLN B 15 1.80 -8.60 18.99
CA GLN B 15 2.72 -9.66 18.61
C GLN B 15 1.97 -11.00 18.55
N GLY B 16 0.72 -11.01 19.00
CA GLY B 16 -0.10 -12.21 19.01
C GLY B 16 0.45 -13.24 19.99
N ARG B 17 0.84 -12.78 21.17
CA ARG B 17 1.47 -13.63 22.16
C ARG B 17 0.63 -13.66 23.43
N PHE B 18 0.72 -14.76 24.18
CA PHE B 18 0.28 -14.79 25.57
C PHE B 18 1.14 -13.85 26.40
N LEU B 19 0.59 -13.27 27.47
CA LEU B 19 1.34 -12.37 28.34
C LEU B 19 2.43 -13.19 29.01
N ASN B 20 3.68 -12.67 29.01
CA ASN B 20 4.79 -13.38 29.63
C ASN B 20 5.22 -12.65 30.89
N ASN B 21 6.29 -13.12 31.52
CA ASN B 21 6.80 -12.56 32.76
C ASN B 21 7.18 -11.10 32.57
N THR B 22 7.64 -10.76 31.36
CA THR B 22 7.99 -9.39 31.02
C THR B 22 6.79 -8.47 31.26
N GLU B 23 5.63 -8.83 30.69
CA GLU B 23 4.43 -8.06 30.92
C GLU B 23 3.99 -8.07 32.38
N LEU B 24 4.04 -9.23 33.04
CA LEU B 24 3.53 -9.29 34.39
C LEU B 24 4.39 -8.48 35.35
N GLN B 25 5.69 -8.35 35.05
CA GLN B 25 6.57 -7.55 35.92
C GLN B 25 6.14 -6.09 35.82
N ALA B 26 5.91 -5.62 34.60
CA ALA B 26 5.41 -4.28 34.38
C ALA B 26 4.11 -4.05 35.16
N ALA B 27 3.18 -5.00 35.06
CA ALA B 27 1.92 -4.93 35.76
C ALA B 27 2.13 -4.81 37.26
N ASN B 28 3.11 -5.51 37.79
CA ASN B 28 3.36 -5.47 39.22
C ASN B 28 3.81 -4.08 39.65
N GLY B 29 4.48 -3.36 38.75
CA GLY B 29 4.94 -2.01 39.02
C GLY B 29 3.79 -1.05 39.20
N ARG B 30 2.74 -1.24 38.39
CA ARG B 30 1.55 -0.45 38.50
C ARG B 30 0.83 -0.69 39.83
N PHE B 31 0.76 -1.94 40.26
CA PHE B 31 0.01 -2.29 41.44
C PHE B 31 0.72 -1.85 42.71
N GLN B 32 2.05 -1.71 42.64
CA GLN B 32 2.80 -1.26 43.79
C GLN B 32 2.67 0.25 43.94
N ARG B 33 2.67 0.97 42.83
CA ARG B 33 2.55 2.41 42.82
C ARG B 33 1.18 2.84 43.34
N ALA B 34 0.20 1.94 43.23
CA ALA B 34 -1.19 2.26 43.47
C ALA B 34 -1.41 2.86 44.86
N THR B 35 -0.69 2.41 45.87
CA THR B 35 -0.88 2.93 47.21
C THR B 35 -0.56 4.43 47.29
N ALA B 36 0.56 4.86 46.69
CA ALA B 36 0.93 6.27 46.66
C ALA B 36 -0.06 7.06 45.82
N SER B 37 -0.46 6.50 44.67
CA SER B 37 -1.36 7.18 43.76
C SER B 37 -2.73 7.38 44.41
N MET B 38 -3.19 6.41 45.19
CA MET B 38 -4.49 6.53 45.83
C MET B 38 -4.44 7.63 46.88
N GLU B 39 -3.34 7.73 47.59
CA GLU B 39 -3.22 8.72 48.66
C GLU B 39 -3.26 10.12 48.07
N ALA B 40 -2.58 10.32 46.94
CA ALA B 40 -2.58 11.58 46.23
C ALA B 40 -4.01 11.91 45.82
N ALA B 41 -4.69 10.92 45.21
CA ALA B 41 -6.02 11.14 44.66
C ALA B 41 -7.00 11.54 45.77
N ARG B 42 -6.90 10.92 46.92
CA ARG B 42 -7.79 11.27 48.02
C ARG B 42 -7.55 12.71 48.50
N ALA B 43 -6.28 13.13 48.54
CA ALA B 43 -5.94 14.47 49.02
C ALA B 43 -6.40 15.54 48.04
N LEU B 44 -6.21 15.30 46.75
CA LEU B 44 -6.67 16.21 45.73
C LEU B 44 -8.20 16.30 45.76
N THR B 45 -8.87 15.20 46.07
CA THR B 45 -10.33 15.18 46.09
C THR B 45 -10.82 15.99 47.29
N SER B 46 -10.16 15.83 48.43
CA SER B 46 -10.59 16.52 49.63
C SER B 46 -10.47 18.05 49.47
N ASN B 47 -9.41 18.54 48.81
CA ASN B 47 -9.16 19.96 48.72
C ASN B 47 -9.57 20.54 47.37
N ALA B 48 -10.38 19.80 46.59
CA ALA B 48 -10.62 20.19 45.22
C ALA B 48 -11.38 21.51 45.14
N ASP B 49 -12.34 21.73 46.06
CA ASP B 49 -13.09 22.97 46.04
C ASP B 49 -12.15 24.15 46.26
N SER B 50 -11.32 24.07 47.31
CA SER B 50 -10.40 25.15 47.63
C SER B 50 -9.34 25.32 46.53
N LEU B 51 -8.89 24.22 45.94
CA LEU B 51 -7.85 24.31 44.94
C LEU B 51 -8.37 25.09 43.74
N VAL B 52 -9.61 24.83 43.35
CA VAL B 52 -10.17 25.49 42.19
C VAL B 52 -10.41 26.97 42.48
N LYS B 53 -10.91 27.30 43.66
CA LYS B 53 -11.19 28.70 43.95
C LYS B 53 -9.91 29.54 43.87
N GLY B 54 -8.84 29.03 44.50
CA GLY B 54 -7.56 29.72 44.50
C GLY B 54 -6.99 29.81 43.10
N ALA B 55 -7.14 28.76 42.32
CA ALA B 55 -6.59 28.73 40.97
C ALA B 55 -7.23 29.80 40.11
N VAL B 56 -8.54 29.99 40.25
CA VAL B 56 -9.26 30.94 39.42
C VAL B 56 -8.83 32.34 39.82
N GLN B 57 -8.67 32.58 41.13
CA GLN B 57 -8.30 33.89 41.61
C GLN B 57 -6.90 34.23 41.14
N GLU B 58 -6.03 33.21 41.09
CA GLU B 58 -4.65 33.41 40.65
C GLU B 58 -4.63 33.89 39.21
N VAL B 59 -5.48 33.33 38.36
CA VAL B 59 -5.55 33.73 36.99
C VAL B 59 -5.93 35.21 36.91
N TYR B 60 -6.87 35.62 37.76
CA TYR B 60 -7.33 37.00 37.72
C TYR B 60 -6.22 37.93 38.20
N ASN B 61 -5.39 37.45 39.15
CA ASN B 61 -4.29 38.26 39.63
C ASN B 61 -3.18 38.35 38.58
N LYS B 62 -2.89 37.24 37.91
CA LYS B 62 -1.83 37.22 36.94
C LYS B 62 -2.18 38.04 35.69
N PHE B 63 -3.45 38.02 35.27
CA PHE B 63 -3.88 38.81 34.13
C PHE B 63 -5.03 39.72 34.54
N PRO B 64 -4.73 40.86 35.17
CA PRO B 64 -5.78 41.78 35.63
C PRO B 64 -6.77 42.26 34.55
N TYR B 65 -6.36 42.27 33.28
CA TYR B 65 -7.22 42.81 32.24
C TYR B 65 -8.48 41.96 32.10
N LEU B 66 -8.35 40.64 32.27
CA LEU B 66 -9.47 39.76 32.01
C LEU B 66 -10.71 40.17 32.81
N THR B 67 -10.49 40.70 34.02
CA THR B 67 -11.58 41.03 34.89
C THR B 67 -12.31 42.28 34.41
N GLN B 68 -11.64 43.11 33.62
CA GLN B 68 -12.23 44.35 33.14
C GLN B 68 -13.33 44.07 32.11
N PRO B 69 -14.34 44.97 31.97
CA PRO B 69 -15.47 44.74 31.06
C PRO B 69 -15.09 44.59 29.58
N GLY B 70 -15.83 43.71 28.90
CA GLY B 70 -15.54 43.39 27.51
C GLY B 70 -14.44 42.33 27.38
N GLN B 71 -14.06 41.69 28.49
CA GLN B 71 -12.96 40.75 28.50
C GLN B 71 -13.48 39.39 29.00
N MET B 72 -12.71 38.33 28.71
CA MET B 72 -13.15 36.98 28.95
C MET B 72 -13.36 36.71 30.43
N GLY B 73 -12.64 37.39 31.31
CA GLY B 73 -12.78 37.15 32.74
C GLY B 73 -14.05 37.78 33.31
N TYR B 74 -14.61 38.75 32.59
CA TYR B 74 -15.71 39.54 33.11
C TYR B 74 -17.03 38.79 33.06
N GLY B 75 -17.88 39.03 34.07
CA GLY B 75 -19.24 38.50 34.08
C GLY B 75 -19.33 37.15 34.77
N ASP B 76 -20.50 36.85 35.37
CA ASP B 76 -20.73 35.62 36.12
C ASP B 76 -20.62 34.37 35.25
N THR B 77 -21.19 34.43 34.04
CA THR B 77 -21.15 33.27 33.17
C THR B 77 -19.71 32.89 32.87
N ASN B 78 -18.89 33.90 32.58
CA ASN B 78 -17.51 33.69 32.21
C ASN B 78 -16.74 33.15 33.41
N GLN B 79 -16.98 33.73 34.58
CA GLN B 79 -16.27 33.30 35.76
C GLN B 79 -16.67 31.87 36.14
N ALA B 80 -17.95 31.54 35.91
CA ALA B 80 -18.46 30.22 36.23
C ALA B 80 -17.84 29.18 35.31
N LYS B 81 -17.65 29.55 34.05
CA LYS B 81 -17.06 28.64 33.09
C LYS B 81 -15.60 28.39 33.44
N CYS B 82 -14.94 29.38 34.03
CA CYS B 82 -13.56 29.22 34.46
C CYS B 82 -13.51 28.15 35.55
N ALA B 83 -14.34 28.31 36.57
CA ALA B 83 -14.32 27.40 37.69
C ALA B 83 -14.66 25.99 37.24
N ARG B 84 -15.58 25.87 36.27
CA ARG B 84 -15.94 24.59 35.72
C ARG B 84 -14.71 23.94 35.09
N ASP B 85 -13.95 24.70 34.31
CA ASP B 85 -12.86 24.14 33.53
C ASP B 85 -11.74 23.65 34.44
N ILE B 86 -11.40 24.46 35.44
CA ILE B 86 -10.36 24.08 36.36
C ILE B 86 -10.81 22.85 37.14
N SER B 87 -12.09 22.80 37.52
CA SER B 87 -12.58 21.63 38.21
C SER B 87 -12.44 20.38 37.33
N HIS B 88 -12.71 20.51 36.04
CA HIS B 88 -12.55 19.38 35.15
C HIS B 88 -11.14 18.87 35.21
N TYR B 89 -10.16 19.78 35.15
CA TYR B 89 -8.76 19.41 35.16
C TYR B 89 -8.45 18.60 36.43
N LEU B 90 -8.87 19.08 37.59
CA LEU B 90 -8.65 18.30 38.79
C LEU B 90 -9.27 16.90 38.73
N ARG B 91 -10.51 16.81 38.23
CA ARG B 91 -11.21 15.55 38.19
C ARG B 91 -10.44 14.54 37.33
N PHE B 92 -9.95 15.00 36.17
CA PHE B 92 -9.23 14.10 35.30
C PHE B 92 -7.83 13.76 35.82
N ILE B 93 -7.27 14.62 36.67
CA ILE B 93 -6.02 14.29 37.32
C ILE B 93 -6.24 13.19 38.34
N THR B 94 -7.27 13.29 39.16
CA THR B 94 -7.54 12.24 40.13
C THR B 94 -7.88 10.93 39.43
N TYR B 95 -8.56 11.00 38.28
CA TYR B 95 -8.87 9.78 37.56
C TYR B 95 -7.58 9.13 37.10
N SER B 96 -6.63 9.93 36.60
CA SER B 96 -5.37 9.42 36.08
C SER B 96 -4.53 8.79 37.19
N LEU B 97 -4.56 9.39 38.38
CA LEU B 97 -3.90 8.78 39.51
C LEU B 97 -4.45 7.39 39.79
N VAL B 98 -5.77 7.25 39.86
CA VAL B 98 -6.38 5.96 40.13
C VAL B 98 -6.21 4.97 38.97
N ALA B 99 -6.22 5.44 37.73
CA ALA B 99 -6.13 4.55 36.59
C ALA B 99 -4.72 3.99 36.42
N GLY B 100 -3.70 4.69 36.90
CA GLY B 100 -2.34 4.24 36.69
C GLY B 100 -1.87 4.52 35.27
N GLY B 101 -2.37 5.62 34.70
CA GLY B 101 -1.87 6.11 33.44
C GLY B 101 -2.37 7.52 33.18
N THR B 102 -1.84 8.12 32.13
CA THR B 102 -2.23 9.46 31.73
C THR B 102 -3.45 9.37 30.82
N GLY B 103 -3.93 8.16 30.55
CA GLY B 103 -5.00 7.93 29.57
C GLY B 103 -6.26 8.74 29.85
N PRO B 104 -6.78 8.78 31.09
CA PRO B 104 -7.94 9.62 31.38
C PRO B 104 -7.69 11.08 31.00
N LEU B 105 -6.54 11.64 31.34
CA LEU B 105 -6.23 13.00 30.95
C LEU B 105 -6.14 13.14 29.44
N ASP B 106 -5.55 12.15 28.79
CA ASP B 106 -5.38 12.19 27.36
C ASP B 106 -6.70 12.19 26.59
N ASP B 107 -7.64 11.34 26.98
CA ASP B 107 -8.89 11.20 26.27
C ASP B 107 -9.86 12.32 26.59
N TYR B 108 -9.92 12.77 27.83
CA TYR B 108 -10.87 13.83 28.17
C TYR B 108 -10.32 15.22 27.82
N ILE B 109 -9.05 15.52 28.13
CA ILE B 109 -8.58 16.89 27.96
C ILE B 109 -7.72 17.02 26.71
N VAL B 110 -6.68 16.21 26.59
CA VAL B 110 -5.62 16.53 25.66
C VAL B 110 -6.09 16.41 24.22
N ALA B 111 -6.89 15.39 23.90
CA ALA B 111 -7.37 15.22 22.54
C ALA B 111 -8.33 16.35 22.15
N GLY B 112 -8.02 17.05 21.06
CA GLY B 112 -8.84 18.14 20.53
C GLY B 112 -8.64 19.49 21.23
N LEU B 113 -7.71 19.55 22.18
CA LEU B 113 -7.56 20.71 23.06
C LEU B 113 -7.24 21.98 22.27
N ARG B 114 -6.33 21.85 21.31
CA ARG B 114 -5.80 22.98 20.57
C ARG B 114 -6.89 23.60 19.71
N GLU B 115 -7.69 22.77 19.06
CA GLU B 115 -8.73 23.24 18.16
C GLU B 115 -9.84 23.92 18.94
N VAL B 116 -10.17 23.34 20.09
CA VAL B 116 -11.21 23.92 20.91
C VAL B 116 -10.79 25.29 21.42
N ASN B 117 -9.52 25.38 21.84
CA ASN B 117 -9.03 26.58 22.48
C ASN B 117 -8.94 27.72 21.48
N ARG B 118 -8.60 27.35 20.25
CA ARG B 118 -8.50 28.31 19.15
C ARG B 118 -9.87 28.91 18.86
N THR B 119 -10.88 28.05 18.69
CA THR B 119 -12.19 28.48 18.30
C THR B 119 -12.82 29.36 19.37
N PHE B 120 -12.63 29.01 20.64
CA PHE B 120 -13.27 29.74 21.71
C PHE B 120 -12.36 30.84 22.25
N ASN B 121 -11.17 31.00 21.65
CA ASN B 121 -10.24 32.04 22.04
C ASN B 121 -9.89 31.92 23.53
N LEU B 122 -9.59 30.70 23.96
CA LEU B 122 -9.19 30.45 25.33
C LEU B 122 -7.67 30.30 25.35
N SER B 123 -6.98 31.15 26.13
CA SER B 123 -5.52 31.14 26.18
C SER B 123 -5.00 29.97 26.99
N PRO B 124 -4.01 29.21 26.47
CA PRO B 124 -3.37 28.15 27.23
C PRO B 124 -2.68 28.67 28.48
N SER B 125 -2.24 29.92 28.43
CA SER B 125 -1.53 30.53 29.56
C SER B 125 -2.40 30.70 30.80
N TRP B 126 -3.72 30.86 30.66
CA TRP B 126 -4.56 30.99 31.83
C TRP B 126 -4.64 29.65 32.56
N TYR B 127 -4.77 28.59 31.78
CA TYR B 127 -4.86 27.27 32.37
C TYR B 127 -3.55 26.92 33.04
N ILE B 128 -2.45 27.25 32.37
CA ILE B 128 -1.13 26.92 32.88
C ILE B 128 -0.89 27.66 34.20
N GLU B 129 -1.37 28.88 34.32
CA GLU B 129 -1.22 29.61 35.55
C GLU B 129 -2.01 29.01 36.69
N ALA B 130 -3.19 28.49 36.38
CA ALA B 130 -4.02 27.85 37.39
C ALA B 130 -3.39 26.54 37.85
N LEU B 131 -2.92 25.74 36.89
CA LEU B 131 -2.30 24.46 37.21
C LEU B 131 -1.08 24.66 38.09
N LYS B 132 -0.26 25.67 37.79
CA LYS B 132 0.93 25.95 38.57
C LYS B 132 0.55 26.38 39.99
N HIS B 133 -0.58 27.06 40.14
CA HIS B 133 -1.02 27.45 41.47
C HIS B 133 -1.35 26.21 42.28
N ILE B 134 -2.06 25.27 41.63
CA ILE B 134 -2.49 24.06 42.28
C ILE B 134 -1.27 23.25 42.71
N LYS B 135 -0.27 23.20 41.81
CA LYS B 135 0.95 22.43 42.05
C LYS B 135 1.65 22.91 43.31
N GLY B 136 1.67 24.22 43.53
CA GLY B 136 2.25 24.78 44.74
C GLY B 136 1.50 24.38 46.00
N LYS B 137 0.17 24.36 45.93
CA LYS B 137 -0.66 24.07 47.09
C LYS B 137 -0.63 22.57 47.39
N VAL B 138 -0.61 21.76 46.32
CA VAL B 138 -0.52 20.33 46.48
C VAL B 138 0.76 19.99 47.23
N GLY B 139 1.85 20.70 46.87
CA GLY B 139 3.15 20.46 47.49
C GLY B 139 3.10 20.59 49.00
N SER B 140 2.27 21.52 49.49
CA SER B 140 2.07 21.66 50.92
C SER B 140 1.28 20.47 51.49
N GLN B 141 0.30 19.96 50.74
CA GLN B 141 -0.62 18.94 51.23
C GLN B 141 0.00 17.55 51.24
N LEU B 142 0.81 17.23 50.22
CA LEU B 142 1.33 15.89 50.04
C LEU B 142 2.85 15.89 50.18
N SER B 143 3.42 14.72 50.48
CA SER B 143 4.87 14.59 50.58
C SER B 143 5.33 13.27 49.97
N GLY B 144 6.60 13.21 49.57
CA GLY B 144 7.21 11.96 49.14
C GLY B 144 6.57 11.42 47.87
N GLN B 145 6.26 10.13 47.87
CA GLN B 145 5.87 9.46 46.63
C GLN B 145 4.48 9.89 46.20
N PRO B 146 3.51 10.12 47.12
CA PRO B 146 2.25 10.75 46.76
C PRO B 146 2.48 12.07 46.00
N LEU B 147 3.38 12.89 46.54
CA LEU B 147 3.66 14.18 45.93
C LEU B 147 4.26 14.03 44.54
N THR B 148 5.07 13.00 44.37
CA THR B 148 5.73 12.78 43.11
C THR B 148 4.68 12.45 42.05
N GLU B 149 3.73 11.60 42.42
CA GLU B 149 2.67 11.16 41.53
C GLU B 149 1.82 12.36 41.12
N ALA B 150 1.38 13.14 42.10
CA ALA B 150 0.56 14.31 41.85
C ALA B 150 1.25 15.23 40.87
N ASN B 151 2.53 15.53 41.14
CA ASN B 151 3.28 16.51 40.38
C ASN B 151 3.40 16.08 38.93
N ALA B 152 3.51 14.77 38.70
CA ALA B 152 3.71 14.27 37.35
C ALA B 152 2.49 14.50 36.46
N TYR B 153 1.29 14.31 37.02
CA TYR B 153 0.06 14.47 36.29
C TYR B 153 -0.26 15.94 36.07
N ILE B 154 0.05 16.79 37.05
CA ILE B 154 -0.12 18.22 36.84
C ILE B 154 0.85 18.70 35.77
N ASP B 155 2.08 18.16 35.76
CA ASP B 155 3.09 18.57 34.80
C ASP B 155 2.73 18.11 33.40
N TYR B 156 2.09 16.95 33.29
CA TYR B 156 1.67 16.44 32.00
C TYR B 156 0.69 17.42 31.35
N CYS B 157 -0.24 17.94 32.15
CA CYS B 157 -1.22 18.90 31.66
C CYS B 157 -0.52 20.18 31.21
N ILE B 158 0.39 20.67 32.04
CA ILE B 158 1.11 21.88 31.74
C ILE B 158 1.87 21.76 30.43
N ASN B 159 2.52 20.62 30.20
CA ASN B 159 3.25 20.42 28.96
C ASN B 159 2.32 20.31 27.77
N ALA B 160 1.13 19.75 27.96
CA ALA B 160 0.18 19.58 26.86
C ALA B 160 -0.40 20.93 26.46
N LEU B 161 -0.59 21.81 27.45
CA LEU B 161 -1.05 23.15 27.22
C LEU B 161 0.06 23.95 26.54
N SER B 162 1.29 23.70 26.96
CA SER B 162 2.46 24.34 26.39
C SER B 162 2.77 23.76 25.00
N MET C 1 -8.86 0.10 24.68
CA MET C 1 -9.07 -1.09 25.56
C MET C 1 -9.55 -0.62 26.94
N GLN C 2 -10.12 -1.53 27.73
CA GLN C 2 -10.66 -1.18 29.04
C GLN C 2 -10.12 -2.14 30.09
N ASP C 3 -10.00 -1.67 31.33
CA ASP C 3 -9.68 -2.53 32.46
C ASP C 3 -10.58 -2.12 33.62
N ALA C 4 -10.50 -2.81 34.75
CA ALA C 4 -11.43 -2.57 35.82
C ALA C 4 -11.38 -1.12 36.33
N PHE C 5 -10.17 -0.56 36.46
CA PHE C 5 -9.99 0.81 36.90
C PHE C 5 -10.63 1.75 35.89
N THR C 6 -10.30 1.55 34.62
CA THR C 6 -10.78 2.43 33.58
C THR C 6 -12.31 2.42 33.53
N LYS C 7 -12.93 1.27 33.81
CA LYS C 7 -14.37 1.15 33.76
C LYS C 7 -15.02 2.03 34.84
N ALA C 8 -14.45 2.05 36.03
CA ALA C 8 -15.00 2.82 37.13
C ALA C 8 -14.93 4.34 36.87
N ILE C 9 -13.84 4.76 36.24
CA ILE C 9 -13.60 6.15 35.91
C ILE C 9 -14.65 6.63 34.92
N VAL C 10 -14.94 5.80 33.92
CA VAL C 10 -15.85 6.17 32.88
C VAL C 10 -17.25 6.38 33.43
N ALA C 11 -17.63 5.55 34.40
CA ALA C 11 -18.90 5.69 35.06
C ALA C 11 -18.98 7.01 35.83
N ALA C 12 -17.91 7.32 36.58
CA ALA C 12 -17.89 8.51 37.40
C ALA C 12 -17.89 9.76 36.52
N ASP C 13 -17.23 9.66 35.36
CA ASP C 13 -17.19 10.78 34.45
C ASP C 13 -18.59 11.13 33.97
N LEU C 14 -19.41 10.12 33.65
CA LEU C 14 -20.75 10.37 33.14
C LEU C 14 -21.58 11.07 34.21
N ARG C 15 -21.34 10.74 35.48
CA ARG C 15 -21.98 11.47 36.57
C ARG C 15 -21.32 12.83 36.73
N GLY C 16 -20.13 13.02 36.13
CA GLY C 16 -19.34 14.24 36.29
C GLY C 16 -18.86 14.43 37.72
N SER C 17 -18.44 13.35 38.36
CA SER C 17 -18.14 13.36 39.77
C SER C 17 -16.74 12.80 40.01
N PHE C 18 -16.11 13.26 41.09
CA PHE C 18 -14.89 12.64 41.61
C PHE C 18 -15.26 11.24 42.09
N LEU C 19 -14.37 10.25 41.87
CA LEU C 19 -14.67 8.88 42.27
C LEU C 19 -15.06 8.88 43.75
N SER C 20 -16.14 8.14 44.05
CA SER C 20 -16.69 8.03 45.39
C SER C 20 -15.81 7.12 46.24
N GLU C 21 -15.92 7.28 47.56
CA GLU C 21 -15.08 6.52 48.48
C GLU C 21 -15.40 5.02 48.35
N GLN C 22 -16.67 4.70 48.10
CA GLN C 22 -17.07 3.33 47.83
C GLN C 22 -16.39 2.80 46.56
N GLU C 23 -16.37 3.59 45.50
CA GLU C 23 -15.73 3.19 44.26
C GLU C 23 -14.23 3.00 44.50
N LEU C 24 -13.65 3.92 45.28
CA LEU C 24 -12.23 3.83 45.61
C LEU C 24 -11.96 2.52 46.35
N ASN C 25 -12.84 2.18 47.31
CA ASN C 25 -12.67 0.97 48.10
C ASN C 25 -12.64 -0.27 47.20
N GLN C 26 -13.53 -0.34 46.22
CA GLN C 26 -13.56 -1.49 45.34
C GLN C 26 -12.21 -1.62 44.65
N LEU C 27 -11.67 -0.50 44.18
CA LEU C 27 -10.43 -0.50 43.42
C LEU C 27 -9.27 -0.92 44.31
N THR C 28 -9.30 -0.47 45.57
CA THR C 28 -8.26 -0.79 46.52
C THR C 28 -8.22 -2.29 46.74
N ASN C 29 -9.40 -2.94 46.77
CA ASN C 29 -9.48 -4.38 46.95
C ASN C 29 -8.86 -5.10 45.76
N LEU C 30 -9.02 -4.57 44.55
CA LEU C 30 -8.40 -5.18 43.40
C LEU C 30 -6.88 -5.13 43.50
N VAL C 31 -6.35 -4.03 44.03
CA VAL C 31 -4.91 -3.87 44.20
C VAL C 31 -4.42 -4.84 45.27
N LYS C 32 -5.23 -5.02 46.30
CA LYS C 32 -4.87 -5.89 47.41
C LYS C 32 -4.73 -7.33 46.96
N GLU C 33 -5.55 -7.77 46.01
CA GLU C 33 -5.54 -9.16 45.55
C GLU C 33 -4.69 -9.34 44.31
N SER C 34 -3.89 -8.34 43.94
CA SER C 34 -3.24 -8.31 42.62
C SER C 34 -2.17 -9.39 42.48
N ASN C 35 -1.51 -9.75 43.58
CA ASN C 35 -0.49 -10.79 43.53
C ASN C 35 -1.12 -12.12 43.17
N LYS C 36 -2.26 -12.45 43.80
CA LYS C 36 -2.98 -13.67 43.46
C LYS C 36 -3.43 -13.65 42.00
N ARG C 37 -3.87 -12.50 41.53
CA ARG C 37 -4.29 -12.39 40.15
C ARG C 37 -3.12 -12.68 39.23
N LEU C 38 -1.93 -12.16 39.56
CA LEU C 38 -0.76 -12.31 38.72
C LEU C 38 -0.35 -13.78 38.67
N ASP C 39 -0.46 -14.46 39.82
CA ASP C 39 -0.20 -15.88 39.87
C ASP C 39 -1.13 -16.65 38.93
N ALA C 40 -2.43 -16.32 38.94
CA ALA C 40 -3.39 -16.99 38.10
C ALA C 40 -3.07 -16.79 36.63
N VAL C 41 -2.74 -15.56 36.23
CA VAL C 41 -2.45 -15.29 34.84
C VAL C 41 -1.22 -16.09 34.43
N ASN C 42 -0.26 -16.22 35.33
CA ASN C 42 0.96 -16.95 35.08
C ASN C 42 0.65 -18.43 34.86
N ALA C 43 -0.28 -18.99 35.63
CA ALA C 43 -0.63 -20.39 35.54
C ALA C 43 -1.19 -20.73 34.16
N ILE C 44 -2.01 -19.86 33.60
CA ILE C 44 -2.57 -20.13 32.30
C ILE C 44 -1.47 -20.02 31.25
N THR C 45 -0.67 -18.97 31.31
CA THR C 45 0.36 -18.75 30.31
C THR C 45 1.39 -19.87 30.34
N GLY C 46 1.76 -20.29 31.53
CA GLY C 46 2.79 -21.29 31.70
C GLY C 46 2.34 -22.67 31.22
N ASN C 47 1.03 -22.93 31.25
CA ASN C 47 0.51 -24.23 30.85
C ASN C 47 -0.30 -24.13 29.57
N ALA C 48 -0.11 -23.09 28.77
CA ALA C 48 -1.01 -22.82 27.68
C ALA C 48 -1.06 -23.95 26.66
N ALA C 49 0.09 -24.48 26.26
CA ALA C 49 0.15 -25.54 25.26
C ALA C 49 -0.54 -26.80 25.79
N GLU C 50 -0.37 -27.09 27.07
CA GLU C 50 -0.99 -28.26 27.66
C GLU C 50 -2.51 -28.10 27.72
N ILE C 51 -2.98 -26.88 28.04
CA ILE C 51 -4.39 -26.62 28.15
C ILE C 51 -5.04 -26.91 26.81
N ILE C 52 -4.49 -26.38 25.73
CA ILE C 52 -5.09 -26.56 24.43
C ILE C 52 -5.05 -28.03 24.03
N SER C 53 -3.92 -28.68 24.25
CA SER C 53 -3.80 -30.06 23.84
C SER C 53 -4.80 -30.93 24.60
N ASP C 54 -4.94 -30.72 25.91
CA ASP C 54 -5.79 -31.57 26.71
C ASP C 54 -7.25 -31.38 26.30
N ALA C 55 -7.63 -30.15 25.98
CA ALA C 55 -8.97 -29.85 25.52
C ALA C 55 -9.20 -30.54 24.18
N ALA C 56 -8.25 -30.41 23.26
CA ALA C 56 -8.38 -30.97 21.93
C ALA C 56 -8.59 -32.48 22.04
N HIS C 57 -7.81 -33.16 22.87
CA HIS C 57 -7.95 -34.60 22.99
C HIS C 57 -9.36 -34.96 23.45
N LYS C 58 -9.89 -34.19 24.39
CA LYS C 58 -11.19 -34.51 24.95
C LYS C 58 -12.26 -34.22 23.91
N LEU C 59 -12.11 -33.13 23.15
CA LEU C 59 -13.12 -32.73 22.20
C LEU C 59 -13.26 -33.81 21.13
N PHE C 60 -12.14 -34.30 20.62
CA PHE C 60 -12.17 -35.19 19.48
C PHE C 60 -12.58 -36.58 19.93
N ALA C 61 -12.41 -36.92 21.21
CA ALA C 61 -12.96 -38.16 21.72
C ALA C 61 -14.48 -38.07 21.85
N GLU C 62 -14.97 -36.93 22.33
CA GLU C 62 -16.39 -36.68 22.49
C GLU C 62 -17.10 -36.64 21.13
N GLN C 63 -16.52 -35.93 20.16
CA GLN C 63 -17.14 -35.78 18.85
C GLN C 63 -16.29 -36.38 17.76
N THR C 64 -16.40 -37.70 17.57
CA THR C 64 -15.58 -38.39 16.59
C THR C 64 -15.92 -37.88 15.18
N ASP C 65 -17.15 -37.45 14.98
CA ASP C 65 -17.61 -36.98 13.68
C ASP C 65 -16.73 -35.86 13.12
N LEU C 66 -16.21 -34.97 13.96
CA LEU C 66 -15.48 -33.83 13.45
C LEU C 66 -14.22 -34.23 12.69
N ILE C 67 -13.60 -35.33 13.14
CA ILE C 67 -12.34 -35.81 12.63
C ILE C 67 -12.55 -36.80 11.50
N ARG C 68 -13.75 -37.36 11.36
CA ARG C 68 -14.04 -38.22 10.22
C ARG C 68 -14.15 -37.38 8.94
N PRO C 69 -14.02 -37.97 7.74
CA PRO C 69 -14.17 -37.23 6.48
C PRO C 69 -15.58 -36.68 6.30
N GLY C 70 -15.65 -35.39 6.00
CA GLY C 70 -16.91 -34.65 6.00
C GLY C 70 -17.13 -33.86 7.29
N GLY C 71 -16.35 -34.18 8.35
CA GLY C 71 -16.38 -33.42 9.59
C GLY C 71 -15.71 -32.06 9.45
N ASN C 72 -15.95 -31.13 10.38
CA ASN C 72 -15.44 -29.79 10.21
C ASN C 72 -13.96 -29.72 10.53
N ALA C 73 -13.45 -30.67 11.31
CA ALA C 73 -12.03 -30.68 11.59
C ALA C 73 -11.26 -31.64 10.69
N TYR C 74 -11.84 -32.04 9.54
CA TYR C 74 -11.40 -33.28 8.91
C TYR C 74 -10.18 -33.21 8.02
N PRO C 75 -10.00 -32.29 7.06
CA PRO C 75 -8.67 -32.22 6.46
C PRO C 75 -7.72 -31.59 7.51
N ASN C 76 -6.40 -31.82 7.38
CA ASN C 76 -5.41 -31.20 8.24
C ASN C 76 -5.56 -29.68 8.32
N ARG C 77 -5.93 -29.05 7.22
CA ARG C 77 -6.04 -27.62 7.19
C ARG C 77 -7.09 -27.17 8.20
N ARG C 78 -8.22 -27.87 8.24
CA ARG C 78 -9.30 -27.51 9.13
C ARG C 78 -8.92 -27.79 10.57
N MET C 79 -8.32 -28.94 10.81
CA MET C 79 -7.90 -29.27 12.15
C MET C 79 -6.92 -28.23 12.69
N ALA C 80 -6.03 -27.74 11.83
CA ALA C 80 -5.07 -26.75 12.22
C ALA C 80 -5.77 -25.45 12.57
N ALA C 81 -6.76 -25.06 11.79
CA ALA C 81 -7.52 -23.84 12.05
C ALA C 81 -8.29 -23.96 13.36
N CYS C 82 -8.82 -25.15 13.66
CA CYS C 82 -9.51 -25.37 14.92
C CYS C 82 -8.58 -25.16 16.10
N LEU C 83 -7.36 -25.67 16.02
CA LEU C 83 -6.42 -25.55 17.11
C LEU C 83 -5.97 -24.10 17.26
N ARG C 84 -5.91 -23.38 16.15
CA ARG C 84 -5.53 -21.99 16.18
C ARG C 84 -6.59 -21.19 16.92
N ASP C 85 -7.85 -21.48 16.66
CA ASP C 85 -8.96 -20.79 17.29
C ASP C 85 -8.95 -21.00 18.79
N MET C 86 -8.68 -22.21 19.23
CA MET C 86 -8.66 -22.48 20.66
C MET C 86 -7.57 -21.67 21.33
N GLU C 87 -6.42 -21.54 20.66
CA GLU C 87 -5.31 -20.76 21.19
C GLU C 87 -5.72 -19.30 21.30
N ILE C 88 -6.40 -18.76 20.28
CA ILE C 88 -6.83 -17.37 20.30
C ILE C 88 -7.80 -17.13 21.45
N ILE C 89 -8.79 -18.00 21.64
CA ILE C 89 -9.75 -17.78 22.70
C ILE C 89 -9.02 -17.76 24.03
N LEU C 90 -8.09 -18.69 24.27
CA LEU C 90 -7.40 -18.77 25.55
C LEU C 90 -6.57 -17.50 25.79
N ARG C 91 -5.98 -16.98 24.71
CA ARG C 91 -5.16 -15.80 24.81
C ARG C 91 -6.01 -14.66 25.36
N TYR C 92 -7.20 -14.47 24.76
CA TYR C 92 -8.04 -13.34 25.10
C TYR C 92 -8.64 -13.50 26.48
N VAL C 93 -8.93 -14.72 26.91
CA VAL C 93 -9.40 -14.91 28.27
C VAL C 93 -8.31 -14.53 29.25
N SER C 94 -7.05 -14.83 28.92
CA SER C 94 -5.96 -14.52 29.83
C SER C 94 -5.76 -13.02 29.89
N TYR C 95 -5.93 -12.33 28.75
CA TYR C 95 -5.86 -10.89 28.73
C TYR C 95 -6.92 -10.31 29.65
N ALA C 96 -8.14 -10.83 29.56
CA ALA C 96 -9.26 -10.35 30.34
C ALA C 96 -9.01 -10.56 31.83
N LEU C 97 -8.36 -11.65 32.18
CA LEU C 97 -8.11 -11.96 33.57
C LEU C 97 -7.10 -10.99 34.17
N LEU C 98 -6.11 -10.54 33.37
CA LEU C 98 -5.17 -9.56 33.86
C LEU C 98 -5.88 -8.20 33.99
N ALA C 99 -6.64 -7.83 32.96
CA ALA C 99 -7.38 -6.58 32.95
C ALA C 99 -8.41 -6.51 34.09
N GLY C 100 -9.06 -7.63 34.40
CA GLY C 100 -10.12 -7.63 35.38
C GLY C 100 -11.46 -7.23 34.75
N ASP C 101 -11.49 -7.16 33.42
CA ASP C 101 -12.68 -6.78 32.68
C ASP C 101 -12.71 -7.57 31.37
N ALA C 102 -13.91 -7.95 30.93
CA ALA C 102 -14.10 -8.79 29.77
C ALA C 102 -14.12 -8.00 28.48
N SER C 103 -13.94 -6.69 28.54
CA SER C 103 -14.06 -5.86 27.34
C SER C 103 -13.14 -6.32 26.21
N VAL C 104 -11.87 -6.58 26.53
CA VAL C 104 -10.87 -6.91 25.52
C VAL C 104 -11.32 -8.20 24.83
N LEU C 105 -11.90 -9.12 25.59
CA LEU C 105 -12.38 -10.39 25.05
C LEU C 105 -13.52 -10.13 24.08
N GLU C 106 -14.47 -9.28 24.50
CA GLU C 106 -15.60 -8.93 23.65
C GLU C 106 -15.20 -8.15 22.41
N ASP C 107 -14.38 -7.12 22.58
CA ASP C 107 -14.12 -6.18 21.49
C ASP C 107 -13.28 -6.77 20.37
N ARG C 108 -12.31 -7.63 20.71
CA ARG C 108 -11.38 -8.11 19.70
C ARG C 108 -11.71 -9.54 19.29
N CYS C 109 -12.08 -10.41 20.22
CA CYS C 109 -12.24 -11.81 19.89
C CYS C 109 -13.71 -12.11 19.56
N LEU C 110 -14.61 -11.81 20.49
CA LEU C 110 -15.95 -12.36 20.48
C LEU C 110 -16.85 -11.70 19.44
N ASN C 111 -16.62 -10.45 19.07
CA ASN C 111 -17.56 -9.72 18.21
C ASN C 111 -17.53 -10.22 16.77
N GLY C 112 -18.67 -10.79 16.33
CA GLY C 112 -18.78 -11.30 14.98
C GLY C 112 -18.39 -12.77 14.88
N LEU C 113 -18.00 -13.39 15.99
CA LEU C 113 -17.47 -14.74 15.91
C LEU C 113 -18.57 -15.70 15.46
N LYS C 114 -19.75 -15.60 16.06
CA LYS C 114 -20.83 -16.55 15.77
C LYS C 114 -21.26 -16.39 14.31
N GLU C 115 -21.26 -15.16 13.81
CA GLU C 115 -21.64 -14.89 12.44
C GLU C 115 -20.63 -15.51 11.48
N THR C 116 -19.34 -15.35 11.81
CA THR C 116 -18.29 -15.91 10.97
C THR C 116 -18.42 -17.42 10.95
N TYR C 117 -18.67 -18.03 12.10
CA TYR C 117 -18.75 -19.48 12.18
C TYR C 117 -19.93 -19.99 11.36
N VAL C 118 -21.05 -19.29 11.40
CA VAL C 118 -22.23 -19.70 10.64
C VAL C 118 -21.98 -19.63 9.14
N ALA C 119 -21.30 -18.56 8.68
CA ALA C 119 -20.94 -18.45 7.29
C ALA C 119 -20.00 -19.58 6.87
N LEU C 120 -19.01 -19.88 7.70
CA LEU C 120 -18.05 -20.94 7.38
C LEU C 120 -18.77 -22.29 7.37
N GLY C 121 -19.77 -22.45 8.23
CA GLY C 121 -20.40 -23.75 8.42
C GLY C 121 -19.79 -24.52 9.58
N THR C 122 -18.92 -23.85 10.35
CA THR C 122 -18.34 -24.41 11.55
C THR C 122 -19.46 -24.60 12.57
N PRO C 123 -19.55 -25.75 13.27
CA PRO C 123 -20.61 -25.96 14.26
C PRO C 123 -20.35 -25.24 15.59
N THR C 124 -21.15 -24.21 15.89
CA THR C 124 -20.88 -23.31 16.99
C THR C 124 -20.92 -24.05 18.33
N ARG C 125 -21.82 -25.02 18.47
CA ARG C 125 -21.96 -25.70 19.73
C ARG C 125 -20.71 -26.52 20.05
N SER C 126 -20.04 -27.06 19.03
CA SER C 126 -18.79 -27.78 19.23
C SER C 126 -17.70 -26.80 19.66
N VAL C 127 -17.69 -25.61 19.06
CA VAL C 127 -16.70 -24.60 19.44
C VAL C 127 -16.90 -24.27 20.91
N ALA C 128 -18.16 -24.14 21.31
CA ALA C 128 -18.48 -23.82 22.69
C ALA C 128 -18.02 -24.95 23.59
N ARG C 129 -18.14 -26.20 23.14
CA ARG C 129 -17.74 -27.32 23.98
C ARG C 129 -16.23 -27.31 24.17
N ALA C 130 -15.50 -26.91 23.14
CA ALA C 130 -14.07 -26.78 23.22
C ALA C 130 -13.67 -25.72 24.25
N VAL C 131 -14.40 -24.60 24.28
CA VAL C 131 -14.10 -23.55 25.24
C VAL C 131 -14.39 -24.01 26.66
N GLN C 132 -15.42 -24.84 26.84
CA GLN C 132 -15.71 -25.37 28.17
C GLN C 132 -14.65 -26.37 28.62
N LEU C 133 -14.09 -27.12 27.67
CA LEU C 133 -13.07 -28.10 28.03
C LEU C 133 -11.79 -27.37 28.43
N MET C 134 -11.46 -26.32 27.68
CA MET C 134 -10.31 -25.52 28.03
C MET C 134 -10.46 -24.94 29.43
N LYS C 135 -11.68 -24.46 29.72
CA LYS C 135 -11.94 -23.88 31.01
C LYS C 135 -11.60 -24.84 32.16
N GLU C 136 -12.04 -26.08 32.06
CA GLU C 136 -11.83 -27.00 33.16
C GLU C 136 -10.34 -27.27 33.36
N THR C 137 -9.58 -27.37 32.26
CA THR C 137 -8.15 -27.61 32.36
C THR C 137 -7.47 -26.40 32.99
N ALA C 138 -7.76 -25.21 32.45
CA ALA C 138 -7.15 -23.98 32.92
C ALA C 138 -7.43 -23.80 34.41
N ILE C 139 -8.66 -24.02 34.84
CA ILE C 139 -9.01 -23.73 36.22
C ILE C 139 -8.18 -24.63 37.14
N GLY C 140 -7.91 -25.85 36.68
CA GLY C 140 -7.14 -26.80 37.47
C GLY C 140 -5.73 -26.29 37.74
N TYR C 141 -5.11 -25.69 36.72
CA TYR C 141 -3.76 -25.14 36.84
C TYR C 141 -3.76 -23.97 37.82
N VAL C 142 -4.74 -23.08 37.68
CA VAL C 142 -4.85 -21.96 38.59
C VAL C 142 -5.06 -22.48 40.01
N ASN C 143 -5.87 -23.52 40.18
CA ASN C 143 -6.19 -24.04 41.49
C ASN C 143 -5.02 -24.79 42.12
N SER C 144 -4.08 -25.28 41.31
CA SER C 144 -2.97 -26.03 41.88
C SER C 144 -1.65 -25.60 41.25
N PRO C 145 -1.17 -24.38 41.56
CA PRO C 145 0.15 -23.92 41.07
C PRO C 145 1.19 -24.47 42.05
N SER C 146 2.43 -24.58 41.55
CA SER C 146 3.51 -25.16 42.34
C SER C 146 4.38 -24.03 42.91
N GLY C 147 4.58 -24.06 44.23
CA GLY C 147 5.46 -23.11 44.89
C GLY C 147 4.78 -21.76 45.16
N VAL C 148 3.49 -21.65 44.83
CA VAL C 148 2.73 -20.47 45.22
C VAL C 148 2.33 -20.61 46.69
N THR C 149 2.23 -19.46 47.38
CA THR C 149 1.89 -19.44 48.78
C THR C 149 0.45 -19.90 48.93
N ARG C 150 0.14 -20.76 49.90
CA ARG C 150 -1.20 -21.30 50.07
C ARG C 150 -2.17 -20.21 50.52
N GLY C 151 -3.30 -20.11 49.83
CA GLY C 151 -4.30 -19.09 50.06
C GLY C 151 -5.59 -19.43 49.31
N ASP C 152 -6.63 -18.61 49.51
CA ASP C 152 -7.90 -18.85 48.83
C ASP C 152 -7.91 -18.04 47.54
N CYS C 153 -8.07 -18.75 46.41
CA CYS C 153 -8.08 -18.13 45.10
C CYS C 153 -9.47 -18.16 44.47
N SER C 154 -10.48 -18.47 45.29
CA SER C 154 -11.80 -18.81 44.79
C SER C 154 -12.41 -17.70 43.95
N ALA C 155 -12.29 -16.45 44.41
CA ALA C 155 -12.87 -15.33 43.67
C ALA C 155 -12.23 -15.21 42.28
N LEU C 156 -10.91 -15.42 42.20
CA LEU C 156 -10.22 -15.30 40.93
C LEU C 156 -10.64 -16.44 40.00
N VAL C 157 -10.82 -17.64 40.59
CA VAL C 157 -11.24 -18.78 39.79
C VAL C 157 -12.62 -18.51 39.20
N ASN C 158 -13.53 -17.96 40.03
CA ASN C 158 -14.88 -17.66 39.58
C ASN C 158 -14.85 -16.61 38.47
N GLU C 159 -13.99 -15.60 38.59
CA GLU C 159 -13.88 -14.56 37.58
C GLU C 159 -13.40 -15.16 36.25
N ALA C 160 -12.45 -16.09 36.34
CA ALA C 160 -11.94 -16.75 35.15
C ALA C 160 -13.05 -17.55 34.51
N ALA C 161 -13.83 -18.22 35.36
CA ALA C 161 -14.93 -19.05 34.89
C ALA C 161 -15.92 -18.21 34.08
N THR C 162 -16.22 -16.99 34.56
CA THR C 162 -17.17 -16.14 33.85
C THR C 162 -16.64 -15.76 32.47
N TYR C 163 -15.34 -15.50 32.35
CA TYR C 163 -14.78 -15.10 31.08
C TYR C 163 -14.87 -16.24 30.08
N PHE C 164 -14.60 -17.46 30.55
CA PHE C 164 -14.77 -18.63 29.70
C PHE C 164 -16.22 -18.74 29.30
N ASP C 165 -17.13 -18.56 30.26
CA ASP C 165 -18.56 -18.71 30.01
C ASP C 165 -19.05 -17.65 29.02
N LYS C 166 -18.56 -16.42 29.14
CA LYS C 166 -18.92 -15.37 28.20
C LYS C 166 -18.54 -15.80 26.79
N ALA C 167 -17.32 -16.32 26.65
CA ALA C 167 -16.81 -16.69 25.33
C ALA C 167 -17.69 -17.78 24.74
N ALA C 168 -18.05 -18.75 25.57
CA ALA C 168 -18.83 -19.89 25.12
C ALA C 168 -20.21 -19.43 24.67
N ALA C 169 -20.84 -18.54 25.46
CA ALA C 169 -22.18 -18.06 25.17
C ALA C 169 -22.19 -17.21 23.91
N SER C 170 -21.16 -16.41 23.69
CA SER C 170 -21.09 -15.60 22.49
C SER C 170 -21.00 -16.50 21.27
N ILE C 171 -20.09 -17.48 21.33
CA ILE C 171 -19.79 -18.32 20.17
C ILE C 171 -21.04 -19.12 19.82
N ALA C 172 -21.66 -19.72 20.84
CA ALA C 172 -22.81 -20.56 20.58
C ALA C 172 -23.98 -19.72 20.05
N MET D 1 4.91 26.97 -5.84
CA MET D 1 3.88 27.88 -5.28
C MET D 1 2.59 27.72 -6.08
N LYS D 2 1.45 27.65 -5.37
CA LYS D 2 0.17 27.57 -6.04
C LYS D 2 -0.17 28.92 -6.68
N THR D 3 -0.34 28.89 -8.00
CA THR D 3 -0.89 30.01 -8.75
C THR D 3 -1.91 29.40 -9.70
N VAL D 4 -2.68 30.22 -10.43
CA VAL D 4 -3.60 29.64 -11.38
C VAL D 4 -2.80 28.84 -12.41
N ILE D 5 -1.67 29.39 -12.86
CA ILE D 5 -0.93 28.78 -13.96
C ILE D 5 -0.31 27.47 -13.51
N THR D 6 0.31 27.44 -12.34
CA THR D 6 0.94 26.21 -11.90
C THR D 6 -0.11 25.13 -11.67
N GLU D 7 -1.31 25.51 -11.20
CA GLU D 7 -2.32 24.53 -10.85
C GLU D 7 -2.89 23.86 -12.10
N VAL D 8 -3.09 24.63 -13.18
CA VAL D 8 -3.60 24.05 -14.39
C VAL D 8 -2.53 23.12 -14.98
N ILE D 9 -1.26 23.52 -14.95
CA ILE D 9 -0.21 22.70 -15.51
C ILE D 9 -0.09 21.40 -14.71
N ALA D 10 -0.23 21.51 -13.38
CA ALA D 10 -0.10 20.34 -12.53
C ALA D 10 -1.20 19.32 -12.83
N SER D 11 -2.42 19.83 -13.04
CA SER D 11 -3.55 18.97 -13.31
C SER D 11 -3.31 18.21 -14.62
N ALA D 12 -2.90 18.94 -15.64
CA ALA D 12 -2.66 18.36 -16.94
C ALA D 12 -1.60 17.27 -16.85
N ASP D 13 -0.53 17.55 -16.09
CA ASP D 13 0.57 16.61 -15.95
C ASP D 13 0.09 15.34 -15.24
N SER D 14 -0.78 15.47 -14.25
CA SER D 14 -1.28 14.33 -13.52
C SER D 14 -2.08 13.40 -14.44
N GLN D 15 -2.87 13.99 -15.35
CA GLN D 15 -3.65 13.23 -16.31
C GLN D 15 -2.73 12.74 -17.44
N GLY D 16 -1.55 13.35 -17.55
CA GLY D 16 -0.64 13.05 -18.63
C GLY D 16 -1.15 13.60 -19.95
N ARG D 17 -1.82 14.76 -19.94
CA ARG D 17 -2.50 15.25 -21.13
C ARG D 17 -1.97 16.63 -21.51
N PHE D 18 -2.03 16.98 -22.80
CA PHE D 18 -1.74 18.34 -23.22
C PHE D 18 -2.82 19.29 -22.69
N LEU D 19 -2.47 20.56 -22.44
CA LEU D 19 -3.39 21.54 -21.88
C LEU D 19 -4.52 21.74 -22.87
N ASN D 20 -5.77 21.75 -22.38
CA ASN D 20 -6.93 21.92 -23.25
C ASN D 20 -7.54 23.29 -23.00
N ASN D 21 -8.64 23.59 -23.70
CA ASN D 21 -9.29 24.90 -23.62
C ASN D 21 -9.76 25.16 -22.19
N THR D 22 -10.12 24.10 -21.46
CA THR D 22 -10.50 24.20 -20.07
C THR D 22 -9.40 24.88 -19.27
N GLU D 23 -8.17 24.37 -19.37
CA GLU D 23 -7.04 24.98 -18.72
C GLU D 23 -6.75 26.40 -19.24
N LEU D 24 -6.82 26.60 -20.55
CA LEU D 24 -6.44 27.89 -21.09
C LEU D 24 -7.43 28.96 -20.71
N GLN D 25 -8.71 28.59 -20.47
CA GLN D 25 -9.70 29.55 -20.06
C GLN D 25 -9.35 30.04 -18.66
N ALA D 26 -9.03 29.10 -17.78
CA ALA D 26 -8.59 29.43 -16.44
C ALA D 26 -7.39 30.38 -16.49
N ALA D 27 -6.40 30.06 -17.31
CA ALA D 27 -5.23 30.88 -17.47
C ALA D 27 -5.59 32.30 -17.89
N ASN D 28 -6.57 32.43 -18.76
CA ASN D 28 -6.96 33.74 -19.22
C ASN D 28 -7.55 34.58 -18.09
N GLY D 29 -8.18 33.90 -17.14
CA GLY D 29 -8.79 34.57 -16.01
C GLY D 29 -7.74 35.18 -15.08
N ARG D 30 -6.63 34.48 -14.94
CA ARG D 30 -5.52 34.96 -14.15
C ARG D 30 -4.92 36.21 -14.77
N PHE D 31 -4.76 36.22 -16.09
CA PHE D 31 -4.06 37.29 -16.74
C PHE D 31 -4.92 38.54 -16.81
N GLN D 32 -6.25 38.38 -16.76
CA GLN D 32 -7.12 39.53 -16.79
C GLN D 32 -7.18 40.18 -15.42
N ARG D 33 -7.19 39.36 -14.37
CA ARG D 33 -7.25 39.87 -13.00
C ARG D 33 -5.96 40.60 -12.66
N ALA D 34 -4.87 40.28 -13.38
CA ALA D 34 -3.54 40.75 -13.05
C ALA D 34 -3.46 42.27 -12.99
N THR D 35 -4.19 42.97 -13.84
CA THR D 35 -4.11 44.42 -13.83
C THR D 35 -4.61 45.00 -12.50
N ALA D 36 -5.72 44.50 -11.97
CA ALA D 36 -6.23 44.93 -10.68
C ALA D 36 -5.29 44.51 -9.56
N SER D 37 -4.76 43.29 -9.64
CA SER D 37 -3.86 42.77 -8.63
C SER D 37 -2.57 43.57 -8.57
N MET D 38 -2.07 44.01 -9.72
CA MET D 38 -0.85 44.79 -9.75
C MET D 38 -1.09 46.14 -9.11
N GLU D 39 -2.27 46.72 -9.35
CA GLU D 39 -2.58 48.03 -8.80
C GLU D 39 -2.58 48.00 -7.29
N ALA D 40 -3.19 46.94 -6.75
CA ALA D 40 -3.21 46.71 -5.32
C ALA D 40 -1.78 46.60 -4.79
N ALA D 41 -0.98 45.76 -5.45
CA ALA D 41 0.37 45.45 -5.01
C ALA D 41 1.23 46.71 -4.96
N ARG D 42 1.09 47.57 -5.98
CA ARG D 42 1.84 48.81 -5.99
C ARG D 42 1.46 49.71 -4.82
N ALA D 43 0.16 49.77 -4.50
CA ALA D 43 -0.32 50.66 -3.46
C ALA D 43 0.12 50.18 -2.08
N LEU D 44 0.06 48.89 -1.84
CA LEU D 44 0.52 48.33 -0.59
C LEU D 44 2.02 48.53 -0.43
N THR D 45 2.77 48.47 -1.54
CA THR D 45 4.22 48.63 -1.48
C THR D 45 4.55 50.09 -1.17
N SER D 46 3.82 51.01 -1.78
CA SER D 46 4.09 52.42 -1.59
C SER D 46 3.82 52.87 -0.16
N ASN D 47 2.78 52.33 0.49
CA ASN D 47 2.40 52.75 1.83
C ASN D 47 2.88 51.77 2.90
N ALA D 48 3.82 50.89 2.57
CA ALA D 48 4.14 49.79 3.46
C ALA D 48 4.75 50.28 4.77
N ASP D 49 5.58 51.31 4.74
CA ASP D 49 6.18 51.76 6.00
C ASP D 49 5.07 52.30 6.93
N SER D 50 4.20 53.15 6.39
CA SER D 50 3.13 53.73 7.18
C SER D 50 2.13 52.66 7.62
N LEU D 51 1.86 51.68 6.73
CA LEU D 51 0.90 50.66 7.09
C LEU D 51 1.38 49.87 8.27
N VAL D 52 2.68 49.54 8.28
CA VAL D 52 3.24 48.72 9.33
C VAL D 52 3.28 49.50 10.64
N LYS D 53 3.65 50.77 10.61
CA LYS D 53 3.79 51.48 11.87
C LYS D 53 2.44 51.64 12.53
N GLY D 54 1.40 51.96 11.74
CA GLY D 54 0.05 52.07 12.28
C GLY D 54 -0.45 50.74 12.80
N ALA D 55 -0.13 49.67 12.08
CA ALA D 55 -0.58 48.35 12.47
C ALA D 55 -0.05 47.95 13.83
N VAL D 56 1.22 48.28 14.07
CA VAL D 56 1.88 47.91 15.30
C VAL D 56 1.28 48.73 16.43
N GLN D 57 1.02 50.00 16.19
CA GLN D 57 0.49 50.87 17.22
C GLN D 57 -0.92 50.44 17.57
N GLU D 58 -1.67 49.96 16.59
CA GLU D 58 -3.03 49.50 16.83
C GLU D 58 -3.02 48.30 17.77
N VAL D 59 -2.08 47.39 17.60
CA VAL D 59 -1.96 46.26 18.49
C VAL D 59 -1.69 46.77 19.90
N TYR D 60 -0.87 47.78 20.05
CA TYR D 60 -0.55 48.29 21.36
C TYR D 60 -1.74 49.02 21.95
N ASN D 61 -2.59 49.61 21.14
CA ASN D 61 -3.80 50.25 21.65
C ASN D 61 -4.82 49.21 22.07
N LYS D 62 -4.96 48.17 21.25
CA LYS D 62 -5.94 47.14 21.52
C LYS D 62 -5.55 46.33 22.75
N PHE D 63 -4.25 46.05 22.92
CA PHE D 63 -3.77 45.34 24.08
C PHE D 63 -2.75 46.18 24.84
N PRO D 64 -3.19 47.14 25.67
CA PRO D 64 -2.27 48.03 26.37
C PRO D 64 -1.22 47.35 27.25
N TYR D 65 -1.54 46.17 27.76
CA TYR D 65 -0.66 45.50 28.71
C TYR D 65 0.62 45.10 28.02
N LEU D 66 0.61 44.77 26.73
CA LEU D 66 1.83 44.31 26.08
C LEU D 66 2.97 45.30 26.29
N THR D 67 2.67 46.58 26.27
CA THR D 67 3.68 47.63 26.34
C THR D 67 4.23 47.72 27.76
N GLN D 68 3.47 47.27 28.77
CA GLN D 68 3.86 47.34 30.17
C GLN D 68 5.03 46.39 30.44
N PRO D 69 5.91 46.69 31.43
CA PRO D 69 7.09 45.85 31.71
C PRO D 69 6.77 44.42 32.15
N GLY D 70 7.63 43.51 31.72
CA GLY D 70 7.42 42.09 31.95
C GLY D 70 6.51 41.47 30.89
N GLN D 71 6.20 42.20 29.82
CA GLN D 71 5.23 41.74 28.84
C GLN D 71 5.87 41.67 27.45
N MET D 72 5.25 40.94 26.54
CA MET D 72 5.89 40.63 25.27
C MET D 72 6.09 41.90 24.43
N GLY D 73 5.26 42.92 24.62
CA GLY D 73 5.40 44.13 23.83
C GLY D 73 6.54 45.01 24.33
N TYR D 74 7.00 44.78 25.56
CA TYR D 74 7.96 45.67 26.18
C TYR D 74 9.37 45.42 25.66
N GLY D 75 10.15 46.51 25.55
CA GLY D 75 11.52 46.42 25.09
C GLY D 75 11.67 46.55 23.58
N ASP D 76 12.82 47.10 23.15
CA ASP D 76 13.08 47.42 21.77
C ASP D 76 13.13 46.17 20.89
N THR D 77 13.77 45.12 21.36
CA THR D 77 13.89 43.91 20.54
C THR D 77 12.50 43.37 20.24
N ASN D 78 11.64 43.36 21.26
CA ASN D 78 10.29 42.85 21.13
C ASN D 78 9.49 43.71 20.17
N GLN D 79 9.61 45.02 20.31
CA GLN D 79 8.87 45.92 19.46
C GLN D 79 9.35 45.83 18.02
N ALA D 80 10.67 45.61 17.86
CA ALA D 80 11.27 45.52 16.54
C ALA D 80 10.80 44.26 15.84
N LYS D 81 10.65 43.18 16.61
CA LYS D 81 10.19 41.92 16.08
C LYS D 81 8.76 42.04 15.60
N CYS D 82 7.97 42.88 16.27
CA CYS D 82 6.60 43.10 15.84
C CYS D 82 6.62 43.73 14.45
N ALA D 83 7.36 44.82 14.30
CA ALA D 83 7.37 45.51 13.03
C ALA D 83 7.89 44.62 11.92
N ARG D 84 8.87 43.78 12.23
CA ARG D 84 9.41 42.83 11.28
C ARG D 84 8.32 41.88 10.81
N ASP D 85 7.51 41.37 11.75
CA ASP D 85 6.54 40.34 11.44
C ASP D 85 5.42 40.92 10.57
N ILE D 86 4.94 42.10 10.91
CA ILE D 86 3.89 42.71 10.14
C ILE D 86 4.44 43.02 8.77
N SER D 87 5.68 43.48 8.67
CA SER D 87 6.25 43.73 7.35
C SER D 87 6.28 42.44 6.53
N HIS D 88 6.61 41.30 7.14
CA HIS D 88 6.61 40.04 6.43
C HIS D 88 5.24 39.79 5.85
N TYR D 89 4.19 39.99 6.64
CA TYR D 89 2.83 39.75 6.22
C TYR D 89 2.50 40.60 5.01
N LEU D 90 2.80 41.90 5.05
CA LEU D 90 2.56 42.75 3.90
C LEU D 90 3.32 42.25 2.68
N ARG D 91 4.59 41.88 2.85
CA ARG D 91 5.42 41.44 1.74
C ARG D 91 4.80 40.23 1.06
N PHE D 92 4.36 39.26 1.84
CA PHE D 92 3.79 38.04 1.29
C PHE D 92 2.40 38.26 0.71
N ILE D 93 1.70 39.28 1.18
CA ILE D 93 0.43 39.65 0.57
C ILE D 93 0.70 40.24 -0.81
N THR D 94 1.65 41.16 -0.94
CA THR D 94 1.94 41.73 -2.25
C THR D 94 2.48 40.67 -3.19
N TYR D 95 3.25 39.71 -2.68
CA TYR D 95 3.74 38.64 -3.52
C TYR D 95 2.58 37.84 -4.08
N SER D 96 1.58 37.56 -3.24
CA SER D 96 0.42 36.78 -3.64
C SER D 96 -0.41 37.52 -4.67
N LEU D 97 -0.53 38.83 -4.50
CA LEU D 97 -1.20 39.64 -5.51
C LEU D 97 -0.53 39.49 -6.86
N VAL D 98 0.78 39.64 -6.91
CA VAL D 98 1.50 39.56 -8.18
C VAL D 98 1.52 38.15 -8.75
N ALA D 99 1.59 37.13 -7.89
CA ALA D 99 1.69 35.76 -8.36
C ALA D 99 0.36 35.26 -8.96
N GLY D 100 -0.76 35.84 -8.52
CA GLY D 100 -2.05 35.34 -8.97
C GLY D 100 -2.42 34.04 -8.25
N GLY D 101 -2.01 33.93 -6.99
CA GLY D 101 -2.45 32.83 -6.16
C GLY D 101 -2.15 33.11 -4.70
N THR D 102 -2.68 32.28 -3.83
CA THR D 102 -2.44 32.38 -2.40
C THR D 102 -1.18 31.60 -2.04
N GLY D 103 -0.56 30.96 -3.05
CA GLY D 103 0.56 30.07 -2.84
C GLY D 103 1.73 30.71 -2.09
N PRO D 104 2.17 31.94 -2.45
CA PRO D 104 3.21 32.62 -1.69
C PRO D 104 2.87 32.71 -0.20
N LEU D 105 1.65 33.12 0.12
CA LEU D 105 1.24 33.20 1.52
C LEU D 105 1.22 31.83 2.17
N ASP D 106 0.76 30.83 1.42
CA ASP D 106 0.63 29.49 1.97
C ASP D 106 1.96 28.87 2.35
N ASP D 107 2.97 29.01 1.47
CA ASP D 107 4.24 28.38 1.70
C ASP D 107 5.08 29.13 2.73
N TYR D 108 5.07 30.46 2.69
CA TYR D 108 5.89 31.21 3.61
C TYR D 108 5.25 31.38 4.98
N ILE D 109 3.95 31.69 5.06
CA ILE D 109 3.36 32.05 6.34
C ILE D 109 2.54 30.90 6.91
N VAL D 110 1.61 30.35 6.12
CA VAL D 110 0.58 29.52 6.71
C VAL D 110 1.15 28.20 7.22
N ALA D 111 2.07 27.58 6.48
CA ALA D 111 2.62 26.31 6.91
C ALA D 111 3.50 26.50 8.14
N GLY D 112 3.20 25.75 9.20
CA GLY D 112 3.99 25.80 10.43
C GLY D 112 3.58 26.93 11.37
N LEU D 113 2.60 27.75 11.00
CA LEU D 113 2.28 28.96 11.72
C LEU D 113 1.85 28.65 13.15
N ARG D 114 1.00 27.66 13.29
CA ARG D 114 0.40 27.31 14.57
C ARG D 114 1.45 26.79 15.54
N GLU D 115 2.37 25.96 15.04
CA GLU D 115 3.42 25.38 15.86
C GLU D 115 4.40 26.44 16.30
N VAL D 116 4.75 27.35 15.40
CA VAL D 116 5.68 28.40 15.72
C VAL D 116 5.08 29.30 16.77
N ASN D 117 3.79 29.63 16.62
CA ASN D 117 3.16 30.60 17.48
C ASN D 117 3.00 30.04 18.88
N ARG D 118 2.75 28.74 18.96
CA ARG D 118 2.63 28.05 20.24
C ARG D 118 3.96 28.09 20.98
N THR D 119 5.04 27.70 20.30
CA THR D 119 6.35 27.59 20.92
C THR D 119 6.83 28.95 21.41
N PHE D 120 6.59 30.00 20.63
CA PHE D 120 7.12 31.30 20.99
C PHE D 120 6.09 32.10 21.79
N ASN D 121 4.92 31.51 22.05
CA ASN D 121 3.85 32.19 22.76
C ASN D 121 3.48 33.51 22.07
N LEU D 122 3.30 33.46 20.76
CA LEU D 122 2.82 34.61 20.03
C LEU D 122 1.32 34.44 19.77
N SER D 123 0.48 35.36 20.25
CA SER D 123 -0.97 35.24 20.14
C SER D 123 -1.43 35.54 18.72
N PRO D 124 -2.27 34.67 18.11
CA PRO D 124 -2.84 34.97 16.81
C PRO D 124 -3.69 36.24 16.82
N SER D 125 -4.28 36.56 17.97
CA SER D 125 -5.11 37.75 18.09
C SER D 125 -4.37 39.07 17.86
N TRP D 126 -3.08 39.12 18.16
CA TRP D 126 -2.33 40.35 17.91
C TRP D 126 -2.17 40.57 16.43
N TYR D 127 -1.85 39.51 15.73
CA TYR D 127 -1.63 39.59 14.30
C TYR D 127 -2.95 39.95 13.64
N ILE D 128 -4.04 39.33 14.09
CA ILE D 128 -5.34 39.53 13.45
C ILE D 128 -5.75 40.99 13.62
N GLU D 129 -5.44 41.57 14.77
CA GLU D 129 -5.78 42.96 15.01
C GLU D 129 -4.98 43.89 14.10
N ALA D 130 -3.74 43.54 13.83
CA ALA D 130 -2.91 44.33 12.94
C ALA D 130 -3.42 44.24 11.50
N LEU D 131 -3.73 43.02 11.05
CA LEU D 131 -4.23 42.84 9.70
C LEU D 131 -5.53 43.61 9.49
N LYS D 132 -6.42 43.60 10.48
CA LYS D 132 -7.67 44.32 10.38
C LYS D 132 -7.43 45.83 10.28
N HIS D 133 -6.39 46.32 10.94
CA HIS D 133 -6.06 47.73 10.85
C HIS D 133 -5.64 48.06 9.41
N ILE D 134 -4.82 47.19 8.85
CA ILE D 134 -4.31 47.37 7.51
C ILE D 134 -5.47 47.41 6.51
N LYS D 135 -6.41 46.50 6.72
CA LYS D 135 -7.55 46.35 5.83
C LYS D 135 -8.35 47.65 5.74
N GLY D 136 -8.52 48.31 6.89
CA GLY D 136 -9.19 49.59 6.95
C GLY D 136 -8.48 50.68 6.16
N LYS D 137 -7.14 50.71 6.26
CA LYS D 137 -6.36 51.78 5.62
C LYS D 137 -6.27 51.53 4.12
N VAL D 138 -6.15 50.26 3.75
CA VAL D 138 -6.11 49.90 2.35
C VAL D 138 -7.42 50.33 1.68
N GLY D 139 -8.53 50.15 2.40
CA GLY D 139 -9.85 50.49 1.88
C GLY D 139 -9.92 51.95 1.46
N SER D 140 -9.22 52.82 2.18
CA SER D 140 -9.13 54.22 1.79
C SER D 140 -8.29 54.39 0.52
N GLN D 141 -7.21 53.61 0.38
CA GLN D 141 -6.24 53.79 -0.70
C GLN D 141 -6.77 53.23 -2.03
N LEU D 142 -7.49 52.10 -2.00
CA LEU D 142 -7.87 51.41 -3.23
C LEU D 142 -9.38 51.37 -3.34
N SER D 143 -9.91 51.16 -4.56
CA SER D 143 -11.33 51.01 -4.77
C SER D 143 -11.61 49.91 -5.81
N GLY D 144 -12.83 49.37 -5.79
CA GLY D 144 -13.28 48.44 -6.81
C GLY D 144 -12.47 47.16 -6.82
N GLN D 145 -12.05 46.72 -8.00
CA GLN D 145 -11.49 45.38 -8.14
C GLN D 145 -10.11 45.29 -7.50
N PRO D 146 -9.27 46.35 -7.58
CA PRO D 146 -8.04 46.39 -6.79
C PRO D 146 -8.32 46.12 -5.31
N LEU D 147 -9.34 46.82 -4.79
CA LEU D 147 -9.67 46.71 -3.39
C LEU D 147 -10.13 45.30 -3.05
N THR D 148 -10.83 44.67 -3.98
CA THR D 148 -11.38 43.36 -3.74
C THR D 148 -10.24 42.36 -3.60
N GLU D 149 -9.25 42.49 -4.48
CA GLU D 149 -8.08 41.62 -4.47
C GLU D 149 -7.33 41.76 -3.15
N ALA D 150 -7.05 43.00 -2.76
CA ALA D 150 -6.33 43.27 -1.54
C ALA D 150 -7.03 42.61 -0.35
N ASN D 151 -8.34 42.85 -0.26
CA ASN D 151 -9.13 42.41 0.89
C ASN D 151 -9.12 40.88 0.99
N ALA D 152 -9.08 40.19 -0.15
CA ALA D 152 -9.14 38.75 -0.17
C ALA D 152 -7.89 38.12 0.41
N TYR D 153 -6.73 38.69 0.12
CA TYR D 153 -5.46 38.17 0.60
C TYR D 153 -5.27 38.50 2.07
N ILE D 154 -5.72 39.68 2.51
CA ILE D 154 -5.69 39.99 3.91
C ILE D 154 -6.62 39.04 4.69
N ASP D 155 -7.80 38.75 4.11
CA ASP D 155 -8.77 37.88 4.74
C ASP D 155 -8.28 36.45 4.83
N TYR D 156 -7.53 36.01 3.83
CA TYR D 156 -6.97 34.67 3.87
C TYR D 156 -6.07 34.50 5.07
N CYS D 157 -5.24 35.50 5.34
CA CYS D 157 -4.34 35.48 6.49
C CYS D 157 -5.13 35.45 7.79
N ILE D 158 -6.13 36.31 7.87
CA ILE D 158 -6.93 36.41 9.07
C ILE D 158 -7.60 35.07 9.39
N ASN D 159 -8.12 34.39 8.38
CA ASN D 159 -8.75 33.10 8.58
C ASN D 159 -7.72 32.04 8.97
N ALA D 160 -6.50 32.13 8.44
CA ALA D 160 -5.46 31.15 8.76
C ALA D 160 -4.99 31.30 10.19
N LEU D 161 -4.94 32.56 10.66
CA LEU D 161 -4.61 32.85 12.04
C LEU D 161 -5.74 32.40 12.95
N SER D 162 -6.97 32.58 12.47
CA SER D 162 -8.15 32.17 13.21
C SER D 162 -8.31 30.63 13.14
N MET E 1 5.96 23.99 -8.13
CA MET E 1 6.43 24.28 -9.51
C MET E 1 6.78 25.77 -9.62
N GLN E 2 7.46 26.17 -10.69
CA GLN E 2 7.81 27.57 -10.90
C GLN E 2 7.22 28.04 -12.23
N ASP E 3 6.83 29.31 -12.23
CA ASP E 3 6.44 30.03 -13.42
C ASP E 3 7.18 31.35 -13.36
N ALA E 4 7.04 32.20 -14.37
CA ALA E 4 7.83 33.42 -14.42
C ALA E 4 7.58 34.31 -13.18
N PHE E 5 6.32 34.45 -12.81
CA PHE E 5 5.92 35.27 -11.68
C PHE E 5 6.49 34.65 -10.41
N THR E 6 6.31 33.35 -10.25
CA THR E 6 6.76 32.69 -9.03
C THR E 6 8.26 32.82 -8.86
N LYS E 7 9.00 32.79 -9.97
CA LYS E 7 10.46 32.89 -9.93
C LYS E 7 10.88 34.27 -9.40
N ALA E 8 10.19 35.33 -9.81
CA ALA E 8 10.54 36.67 -9.39
C ALA E 8 10.31 36.88 -7.90
N ILE E 9 9.25 36.28 -7.37
CA ILE E 9 8.89 36.39 -5.97
C ILE E 9 9.96 35.73 -5.12
N VAL E 10 10.41 34.56 -5.56
CA VAL E 10 11.38 33.79 -4.82
C VAL E 10 12.70 34.55 -4.71
N ALA E 11 13.07 35.24 -5.78
CA ALA E 11 14.27 36.03 -5.79
C ALA E 11 14.16 37.18 -4.81
N ALA E 12 13.00 37.87 -4.84
CA ALA E 12 12.79 39.03 -4.00
C ALA E 12 12.76 38.63 -2.55
N ASP E 13 12.21 37.46 -2.28
CA ASP E 13 12.15 36.98 -0.91
C ASP E 13 13.56 36.77 -0.35
N LEU E 14 14.47 36.21 -1.14
CA LEU E 14 15.82 35.98 -0.67
C LEU E 14 16.52 37.29 -0.34
N ARG E 15 16.19 38.35 -1.09
CA ARG E 15 16.68 39.67 -0.74
C ARG E 15 15.90 40.22 0.45
N GLY E 16 14.76 39.59 0.77
CA GLY E 16 13.87 40.08 1.82
C GLY E 16 13.24 41.44 1.48
N SER E 17 12.88 41.63 0.21
CA SER E 17 12.44 42.93 -0.27
C SER E 17 11.10 42.82 -0.99
N PHE E 18 10.34 43.91 -0.99
CA PHE E 18 9.18 44.06 -1.85
C PHE E 18 9.65 44.06 -3.32
N LEU E 19 8.87 43.46 -4.22
CA LEU E 19 9.22 43.47 -5.63
C LEU E 19 9.54 44.90 -6.09
N SER E 20 10.65 45.02 -6.83
CA SER E 20 11.13 46.30 -7.32
C SER E 20 10.35 46.71 -8.57
N GLU E 21 10.36 48.01 -8.87
CA GLU E 21 9.59 48.56 -9.98
C GLU E 21 10.08 47.96 -11.30
N GLN E 22 11.38 47.72 -11.40
CA GLN E 22 11.92 47.10 -12.60
C GLN E 22 11.39 45.68 -12.74
N GLU E 23 11.38 44.92 -11.63
CA GLU E 23 10.84 43.57 -11.64
C GLU E 23 9.36 43.60 -12.00
N LEU E 24 8.63 44.57 -11.45
CA LEU E 24 7.22 44.72 -11.74
C LEU E 24 7.02 44.96 -13.22
N ASN E 25 7.85 45.82 -13.81
CA ASN E 25 7.73 46.16 -15.22
C ASN E 25 7.87 44.90 -16.10
N GLN E 26 8.85 44.05 -15.77
CA GLN E 26 9.04 42.86 -16.57
C GLN E 26 7.78 42.01 -16.52
N LEU E 27 7.21 41.86 -15.32
CA LEU E 27 6.05 41.01 -15.14
C LEU E 27 4.86 41.57 -15.89
N THR E 28 4.73 42.90 -15.86
CA THR E 28 3.62 43.56 -16.50
C THR E 28 3.68 43.32 -18.00
N ASN E 29 4.89 43.30 -18.56
CA ASN E 29 5.05 43.03 -19.99
C ASN E 29 4.62 41.61 -20.33
N LEU E 30 4.89 40.66 -19.44
CA LEU E 30 4.44 39.30 -19.66
C LEU E 30 2.90 39.21 -19.69
N VAL E 31 2.24 39.98 -18.83
CA VAL E 31 0.79 40.02 -18.80
C VAL E 31 0.27 40.66 -20.08
N LYS E 32 0.97 41.68 -20.55
CA LYS E 32 0.55 42.40 -21.74
C LYS E 32 0.60 41.53 -22.97
N GLU E 33 1.57 40.60 -23.06
CA GLU E 33 1.72 39.77 -24.25
C GLU E 33 1.07 38.40 -24.05
N SER E 34 0.23 38.25 -23.02
CA SER E 34 -0.29 36.95 -22.60
C SER E 34 -1.25 36.36 -23.62
N ASN E 35 -1.95 37.20 -24.37
CA ASN E 35 -2.86 36.74 -25.39
C ASN E 35 -2.09 36.02 -26.47
N LYS E 36 -0.99 36.61 -26.94
CA LYS E 36 -0.14 35.98 -27.93
C LYS E 36 0.40 34.65 -27.41
N ARG E 37 0.79 34.64 -26.15
CA ARG E 37 1.31 33.44 -25.56
C ARG E 37 0.25 32.35 -25.58
N LEU E 38 -1.00 32.70 -25.27
CA LEU E 38 -2.08 31.72 -25.20
C LEU E 38 -2.35 31.17 -26.58
N ASP E 39 -2.29 32.02 -27.59
CA ASP E 39 -2.44 31.58 -28.95
C ASP E 39 -1.35 30.58 -29.33
N ALA E 40 -0.10 30.85 -28.97
CA ALA E 40 0.99 29.94 -29.29
C ALA E 40 0.81 28.60 -28.59
N VAL E 41 0.42 28.58 -27.32
CA VAL E 41 0.22 27.33 -26.62
C VAL E 41 -0.90 26.54 -27.30
N ASN E 42 -1.90 27.24 -27.78
CA ASN E 42 -3.04 26.63 -28.43
C ASN E 42 -2.59 25.96 -29.72
N ALA E 43 -1.68 26.61 -30.46
CA ALA E 43 -1.21 26.10 -31.73
C ALA E 43 -0.49 24.75 -31.56
N ILE E 44 0.28 24.61 -30.49
CA ILE E 44 0.98 23.36 -30.27
C ILE E 44 -0.03 22.30 -29.87
N THR E 45 -0.94 22.60 -28.96
CA THR E 45 -1.89 21.60 -28.48
C THR E 45 -2.81 21.15 -29.61
N GLY E 46 -3.23 22.10 -30.44
CA GLY E 46 -4.18 21.81 -31.50
C GLY E 46 -3.56 20.99 -32.61
N ASN E 47 -2.23 21.07 -32.76
CA ASN E 47 -1.56 20.32 -33.81
C ASN E 47 -0.65 19.25 -33.23
N ALA E 48 -0.89 18.81 -31.99
CA ALA E 48 0.10 18.00 -31.31
C ALA E 48 0.36 16.69 -32.03
N ALA E 49 -0.72 16.01 -32.44
CA ALA E 49 -0.59 14.72 -33.10
C ALA E 49 0.14 14.88 -34.43
N GLU E 50 -0.11 15.97 -35.15
CA GLU E 50 0.56 16.19 -36.42
C GLU E 50 2.02 16.51 -36.23
N ILE E 51 2.36 17.25 -35.18
CA ILE E 51 3.74 17.61 -34.94
C ILE E 51 4.53 16.32 -34.75
N ILE E 52 4.04 15.43 -33.89
CA ILE E 52 4.77 14.21 -33.59
C ILE E 52 4.84 13.33 -34.83
N SER E 53 3.74 13.20 -35.56
CA SER E 53 3.74 12.37 -36.73
C SER E 53 4.74 12.86 -37.76
N ASP E 54 4.75 14.17 -38.02
CA ASP E 54 5.59 14.71 -39.05
C ASP E 54 7.06 14.51 -38.69
N ALA E 55 7.39 14.68 -37.41
CA ALA E 55 8.73 14.50 -36.92
C ALA E 55 9.13 13.05 -37.09
N ALA E 56 8.25 12.14 -36.67
CA ALA E 56 8.54 10.72 -36.71
C ALA E 56 8.85 10.28 -38.14
N HIS E 57 8.04 10.73 -39.10
CA HIS E 57 8.28 10.34 -40.46
C HIS E 57 9.66 10.80 -40.92
N LYS E 58 10.04 12.01 -40.54
CA LYS E 58 11.31 12.56 -40.98
C LYS E 58 12.46 11.84 -40.30
N LEU E 59 12.30 11.50 -39.01
CA LEU E 59 13.37 10.86 -38.28
C LEU E 59 13.68 9.50 -38.90
N PHE E 60 12.64 8.72 -39.20
CA PHE E 60 12.83 7.36 -39.64
C PHE E 60 13.28 7.34 -41.09
N ALA E 61 13.02 8.41 -41.85
CA ALA E 61 13.60 8.50 -43.20
C ALA E 61 15.09 8.82 -43.13
N GLU E 62 15.48 9.71 -42.19
CA GLU E 62 16.88 10.06 -41.98
C GLU E 62 17.66 8.84 -41.49
N GLN E 63 17.11 8.14 -40.48
CA GLN E 63 17.82 7.06 -39.83
C GLN E 63 17.08 5.74 -39.98
N THR E 64 17.34 5.09 -41.12
CA THR E 64 16.75 3.79 -41.41
C THR E 64 17.19 2.77 -40.37
N ASP E 65 18.39 2.93 -39.82
CA ASP E 65 18.94 1.94 -38.91
C ASP E 65 18.05 1.72 -37.68
N LEU E 66 17.35 2.74 -37.20
CA LEU E 66 16.60 2.57 -35.97
C LEU E 66 15.46 1.56 -36.12
N ILE E 67 14.91 1.50 -37.33
CA ILE E 67 13.75 0.70 -37.64
C ILE E 67 14.16 -0.68 -38.13
N ARG E 68 15.41 -0.87 -38.55
CA ARG E 68 15.89 -2.20 -38.92
C ARG E 68 16.08 -3.05 -37.67
N PRO E 69 16.14 -4.41 -37.78
CA PRO E 69 16.34 -5.27 -36.60
C PRO E 69 17.70 -5.03 -35.96
N GLY E 70 17.69 -4.81 -34.65
CA GLY E 70 18.89 -4.37 -33.94
C GLY E 70 18.88 -2.87 -33.67
N GLY E 71 18.00 -2.12 -34.36
CA GLY E 71 17.79 -0.71 -34.08
C GLY E 71 17.03 -0.52 -32.78
N ASN E 72 17.09 0.67 -32.19
CA ASN E 72 16.46 0.88 -30.90
C ASN E 72 14.97 1.07 -31.09
N ALA E 73 14.51 1.42 -32.30
CA ALA E 73 13.09 1.53 -32.54
C ALA E 73 12.49 0.26 -33.16
N TYR E 74 13.19 -0.88 -33.08
CA TYR E 74 12.96 -1.95 -34.04
C TYR E 74 11.82 -2.89 -33.78
N PRO E 75 11.62 -3.48 -32.61
CA PRO E 75 10.34 -4.20 -32.47
C PRO E 75 9.22 -3.13 -32.31
N ASN E 76 7.96 -3.49 -32.54
CA ASN E 76 6.83 -2.58 -32.32
C ASN E 76 6.80 -2.02 -30.89
N ARG E 77 7.23 -2.80 -29.93
CA ARG E 77 7.23 -2.33 -28.56
C ARG E 77 8.15 -1.11 -28.44
N ARG E 78 9.31 -1.18 -29.06
CA ARG E 78 10.27 -0.10 -28.97
C ARG E 78 9.80 1.09 -29.79
N MET E 79 9.25 0.84 -30.96
CA MET E 79 8.74 1.92 -31.77
C MET E 79 7.67 2.71 -31.01
N ALA E 80 6.83 1.98 -30.29
CA ALA E 80 5.80 2.60 -29.51
C ALA E 80 6.41 3.46 -28.41
N ALA E 81 7.45 2.98 -27.76
CA ALA E 81 8.14 3.73 -26.72
C ALA E 81 8.79 4.99 -27.28
N CYS E 82 9.34 4.92 -28.48
CA CYS E 82 9.92 6.10 -29.09
C CYS E 82 8.88 7.18 -29.32
N LEU E 83 7.70 6.77 -29.81
CA LEU E 83 6.64 7.72 -30.09
C LEU E 83 6.09 8.31 -28.81
N ARG E 84 6.09 7.51 -27.75
CA ARG E 84 5.61 7.94 -26.46
C ARG E 84 6.51 9.04 -25.94
N ASP E 85 7.83 8.86 -26.09
CA ASP E 85 8.80 9.80 -25.59
C ASP E 85 8.67 11.14 -26.29
N MET E 86 8.47 11.11 -27.60
CA MET E 86 8.35 12.35 -28.35
C MET E 86 7.15 13.14 -27.86
N GLU E 87 6.05 12.43 -27.58
CA GLU E 87 4.85 13.08 -27.12
C GLU E 87 5.08 13.69 -25.75
N ILE E 88 5.78 12.99 -24.87
CA ILE E 88 6.05 13.48 -23.53
C ILE E 88 6.90 14.74 -23.60
N ILE E 89 7.95 14.74 -24.40
CA ILE E 89 8.80 15.91 -24.47
C ILE E 89 7.98 17.10 -24.98
N LEU E 90 7.14 16.90 -26.00
CA LEU E 90 6.35 17.99 -26.55
C LEU E 90 5.39 18.55 -25.51
N ARG E 91 4.84 17.66 -24.67
CA ARG E 91 3.91 18.07 -23.66
C ARG E 91 4.61 19.06 -22.75
N TYR E 92 5.81 18.70 -22.29
CA TYR E 92 6.52 19.50 -21.31
C TYR E 92 7.01 20.81 -21.90
N VAL E 93 7.38 20.84 -23.16
CA VAL E 93 7.76 22.09 -23.79
C VAL E 93 6.55 23.02 -23.83
N SER E 94 5.36 22.47 -24.09
CA SER E 94 4.18 23.30 -24.19
C SER E 94 3.83 23.85 -22.82
N TYR E 95 4.02 23.04 -21.78
CA TYR E 95 3.79 23.48 -20.42
C TYR E 95 4.71 24.63 -20.10
N ALA E 96 5.98 24.51 -20.49
CA ALA E 96 6.98 25.51 -20.19
C ALA E 96 6.64 26.82 -20.88
N LEU E 97 6.06 26.73 -22.07
CA LEU E 97 5.73 27.93 -22.82
C LEU E 97 4.59 28.69 -22.14
N LEU E 98 3.64 27.99 -21.51
CA LEU E 98 2.58 28.64 -20.79
C LEU E 98 3.14 29.28 -19.52
N ALA E 99 3.96 28.52 -18.79
CA ALA E 99 4.58 28.99 -17.57
C ALA E 99 5.51 30.18 -17.81
N GLY E 100 6.23 30.19 -18.93
CA GLY E 100 7.24 31.21 -19.15
C GLY E 100 8.57 30.86 -18.47
N ASP E 101 8.68 29.61 -17.99
CA ASP E 101 9.86 29.14 -17.29
C ASP E 101 10.08 27.68 -17.64
N ALA E 102 11.35 27.26 -17.76
CA ALA E 102 11.72 25.93 -18.23
C ALA E 102 11.76 24.91 -17.08
N SER E 103 11.41 25.32 -15.87
CA SER E 103 11.63 24.45 -14.73
C SER E 103 10.86 23.13 -14.86
N VAL E 104 9.62 23.21 -15.31
CA VAL E 104 8.78 22.03 -15.38
C VAL E 104 9.41 21.01 -16.32
N LEU E 105 10.02 21.51 -17.39
CA LEU E 105 10.70 20.67 -18.36
C LEU E 105 11.89 20.00 -17.70
N GLU E 106 12.68 20.78 -16.96
CA GLU E 106 13.84 20.27 -16.26
C GLU E 106 13.49 19.27 -15.15
N ASP E 107 12.50 19.60 -14.32
CA ASP E 107 12.23 18.82 -13.13
C ASP E 107 11.63 17.44 -13.40
N ARG E 108 10.80 17.30 -14.42
CA ARG E 108 10.24 15.98 -14.67
C ARG E 108 10.88 15.32 -15.88
N CYS E 109 10.89 16.04 -16.99
CA CYS E 109 11.25 15.41 -18.26
C CYS E 109 12.76 15.19 -18.32
N LEU E 110 13.52 16.25 -18.14
CA LEU E 110 14.95 16.25 -18.47
C LEU E 110 15.80 15.51 -17.44
N ASN E 111 15.39 15.46 -16.17
CA ASN E 111 16.21 14.90 -15.11
C ASN E 111 16.44 13.39 -15.21
N GLY E 112 17.69 12.98 -15.51
CA GLY E 112 18.07 11.59 -15.63
C GLY E 112 17.79 11.00 -17.01
N LEU E 113 17.36 11.82 -17.95
CA LEU E 113 16.93 11.29 -19.23
C LEU E 113 18.14 10.70 -19.96
N LYS E 114 19.26 11.44 -19.98
CA LYS E 114 20.43 11.00 -20.73
C LYS E 114 20.97 9.71 -20.13
N GLU E 115 20.93 9.62 -18.80
CA GLU E 115 21.41 8.44 -18.11
C GLU E 115 20.55 7.22 -18.47
N THR E 116 19.24 7.42 -18.48
CA THR E 116 18.32 6.36 -18.82
C THR E 116 18.60 5.89 -20.24
N TYR E 117 18.78 6.83 -21.15
CA TYR E 117 18.97 6.49 -22.54
C TYR E 117 20.25 5.70 -22.73
N VAL E 118 21.31 6.08 -22.02
CA VAL E 118 22.59 5.40 -22.15
C VAL E 118 22.52 3.98 -21.63
N ALA E 119 21.83 3.78 -20.50
CA ALA E 119 21.62 2.45 -19.95
C ALA E 119 20.83 1.59 -20.93
N LEU E 120 19.77 2.14 -21.51
CA LEU E 120 18.93 1.39 -22.42
C LEU E 120 19.71 1.08 -23.68
N GLY E 121 20.62 1.98 -24.08
CA GLY E 121 21.28 1.86 -25.37
C GLY E 121 20.54 2.63 -26.46
N THR E 122 19.59 3.48 -26.06
CA THR E 122 18.98 4.44 -26.96
C THR E 122 20.03 5.42 -27.44
N PRO E 123 20.15 5.75 -28.74
CA PRO E 123 21.15 6.74 -29.18
C PRO E 123 20.73 8.19 -28.94
N THR E 124 21.41 8.89 -28.02
CA THR E 124 20.95 10.19 -27.54
C THR E 124 20.94 11.22 -28.67
N ARG E 125 21.89 11.13 -29.58
CA ARG E 125 21.98 12.09 -30.67
C ARG E 125 20.74 12.02 -31.57
N SER E 126 20.19 10.82 -31.77
CA SER E 126 18.98 10.64 -32.53
C SER E 126 17.80 11.23 -31.78
N VAL E 127 17.77 11.05 -30.46
CA VAL E 127 16.69 11.64 -29.67
C VAL E 127 16.73 13.15 -29.82
N ALA E 128 17.93 13.71 -29.81
CA ALA E 128 18.09 15.14 -29.97
C ALA E 128 17.62 15.56 -31.35
N ARG E 129 17.86 14.74 -32.37
CA ARG E 129 17.45 15.07 -33.73
C ARG E 129 15.92 15.10 -33.81
N ALA E 130 15.28 14.20 -33.06
CA ALA E 130 13.83 14.15 -32.99
C ALA E 130 13.29 15.43 -32.36
N VAL E 131 13.95 15.94 -31.31
CA VAL E 131 13.51 17.16 -30.67
C VAL E 131 13.66 18.35 -31.61
N GLN E 132 14.70 18.36 -32.43
CA GLN E 132 14.88 19.44 -33.38
C GLN E 132 13.84 19.37 -34.49
N LEU E 133 13.44 18.17 -34.89
CA LEU E 133 12.45 18.01 -35.94
C LEU E 133 11.10 18.48 -35.43
N MET E 134 10.79 18.13 -34.19
CA MET E 134 9.55 18.58 -33.60
C MET E 134 9.53 20.10 -33.53
N LYS E 135 10.67 20.70 -33.18
CA LYS E 135 10.78 22.14 -33.05
C LYS E 135 10.40 22.82 -34.35
N GLU E 136 10.93 22.36 -35.46
CA GLU E 136 10.68 23.03 -36.72
C GLU E 136 9.19 23.00 -37.06
N THR E 137 8.55 21.85 -36.82
CA THR E 137 7.14 21.69 -37.13
C THR E 137 6.33 22.59 -36.21
N ALA E 138 6.57 22.48 -34.91
CA ALA E 138 5.81 23.21 -33.91
C ALA E 138 5.91 24.71 -34.18
N ILE E 139 7.12 25.20 -34.47
CA ILE E 139 7.29 26.64 -34.58
C ILE E 139 6.50 27.13 -35.78
N GLY E 140 6.39 26.30 -36.80
CA GLY E 140 5.66 26.65 -38.01
C GLY E 140 4.19 26.89 -37.71
N TYR E 141 3.61 26.03 -36.85
CA TYR E 141 2.23 26.16 -36.46
C TYR E 141 2.02 27.45 -35.67
N VAL E 142 2.91 27.71 -34.71
CA VAL E 142 2.84 28.92 -33.92
C VAL E 142 2.96 30.13 -34.84
N ASN E 143 3.86 30.06 -35.82
CA ASN E 143 4.12 31.20 -36.68
C ASN E 143 2.98 31.43 -37.67
N SER E 144 2.17 30.40 -37.95
CA SER E 144 1.10 30.60 -38.92
C SER E 144 -0.18 29.95 -38.42
N PRO E 145 -0.83 30.53 -37.38
CA PRO E 145 -2.13 30.06 -36.91
C PRO E 145 -3.17 30.72 -37.82
N SER E 146 -4.35 30.10 -37.89
CA SER E 146 -5.37 30.55 -38.83
C SER E 146 -6.42 31.38 -38.09
N GLY E 147 -6.69 32.59 -38.62
CA GLY E 147 -7.75 33.44 -38.08
C GLY E 147 -7.32 34.21 -36.82
N VAL E 148 -6.05 34.11 -36.46
CA VAL E 148 -5.49 34.93 -35.40
C VAL E 148 -5.19 36.31 -35.97
N THR E 149 -5.28 37.35 -35.13
CA THR E 149 -4.96 38.71 -35.53
C THR E 149 -3.48 38.79 -35.92
N ARG E 150 -3.19 39.43 -37.07
CA ARG E 150 -1.84 39.53 -37.56
C ARG E 150 -1.01 40.42 -36.63
N GLY E 151 0.17 39.92 -36.27
CA GLY E 151 1.00 40.51 -35.22
C GLY E 151 2.37 39.85 -35.21
N ASP E 152 3.33 40.45 -34.52
CA ASP E 152 4.68 39.90 -34.48
C ASP E 152 4.78 39.03 -33.23
N CYS E 153 5.08 37.74 -33.46
CA CYS E 153 5.14 36.75 -32.38
C CYS E 153 6.59 36.31 -32.11
N SER E 154 7.55 37.07 -32.65
CA SER E 154 8.93 36.65 -32.73
C SER E 154 9.51 36.32 -31.36
N ALA E 155 9.23 37.15 -30.36
CA ALA E 155 9.75 36.91 -29.02
C ALA E 155 9.26 35.57 -28.46
N LEU E 156 7.99 35.25 -28.71
CA LEU E 156 7.42 34.02 -28.21
C LEU E 156 8.03 32.83 -28.94
N VAL E 157 8.25 32.99 -30.24
CA VAL E 157 8.87 31.92 -31.01
C VAL E 157 10.28 31.65 -30.48
N ASN E 158 11.03 32.71 -30.19
CA ASN E 158 12.38 32.55 -29.66
C ASN E 158 12.36 31.82 -28.31
N GLU E 159 11.40 32.15 -27.46
CA GLU E 159 11.30 31.49 -26.17
C GLU E 159 11.00 30.00 -26.34
N ALA E 160 10.13 29.68 -27.31
CA ALA E 160 9.78 28.30 -27.60
C ALA E 160 11.03 27.57 -28.08
N ALA E 161 11.80 28.25 -28.92
CA ALA E 161 13.00 27.69 -29.48
C ALA E 161 13.96 27.28 -28.38
N THR E 162 14.11 28.12 -27.36
CA THR E 162 15.03 27.85 -26.27
C THR E 162 14.60 26.59 -25.51
N TYR E 163 13.30 26.41 -25.31
CA TYR E 163 12.82 25.25 -24.57
C TYR E 163 13.12 23.96 -25.32
N PHE E 164 12.93 23.99 -26.63
CA PHE E 164 13.32 22.87 -27.47
C PHE E 164 14.82 22.65 -27.34
N ASP E 165 15.60 23.73 -27.43
CA ASP E 165 17.04 23.65 -27.40
C ASP E 165 17.55 23.12 -26.06
N LYS E 166 16.92 23.52 -24.96
CA LYS E 166 17.30 23.01 -23.65
C LYS E 166 17.14 21.50 -23.65
N ALA E 167 16.01 21.02 -24.16
CA ALA E 167 15.70 19.61 -24.11
C ALA E 167 16.75 18.85 -24.91
N ALA E 168 17.10 19.39 -26.08
CA ALA E 168 18.04 18.74 -26.97
C ALA E 168 19.41 18.65 -26.32
N ALA E 169 19.85 19.75 -25.68
CA ALA E 169 21.16 19.80 -25.06
C ALA E 169 21.27 18.86 -23.86
N SER E 170 20.19 18.76 -23.08
CA SER E 170 20.19 17.83 -21.96
C SER E 170 20.34 16.39 -22.48
N ILE E 171 19.51 16.04 -23.47
CA ILE E 171 19.40 14.67 -23.94
C ILE E 171 20.74 14.27 -24.55
N ALA E 172 21.29 15.14 -25.40
CA ALA E 172 22.46 14.73 -26.18
C ALA E 172 23.69 14.81 -25.27
N MET F 1 15.85 -6.75 21.69
CA MET F 1 15.61 -7.76 22.77
C MET F 1 14.48 -7.29 23.66
N LYS F 2 13.40 -8.07 23.81
CA LYS F 2 12.29 -7.64 24.65
C LYS F 2 12.69 -7.69 26.13
N THR F 3 12.65 -6.53 26.78
CA THR F 3 12.77 -6.43 28.22
C THR F 3 11.69 -5.46 28.65
N VAL F 4 11.46 -5.27 29.94
CA VAL F 4 10.47 -4.29 30.35
C VAL F 4 10.90 -2.92 29.82
N ILE F 5 12.19 -2.59 29.94
CA ILE F 5 12.65 -1.26 29.61
C ILE F 5 12.55 -1.00 28.11
N THR F 6 12.97 -1.95 27.29
CA THR F 6 12.90 -1.74 25.85
C THR F 6 11.45 -1.64 25.39
N GLU F 7 10.55 -2.38 26.04
CA GLU F 7 9.16 -2.39 25.61
C GLU F 7 8.46 -1.08 25.89
N VAL F 8 8.74 -0.48 27.05
CA VAL F 8 8.15 0.81 27.36
C VAL F 8 8.71 1.86 26.42
N ILE F 9 10.01 1.82 26.12
CA ILE F 9 10.61 2.79 25.22
C ILE F 9 10.00 2.65 23.83
N ALA F 10 9.79 1.42 23.40
CA ALA F 10 9.26 1.18 22.06
C ALA F 10 7.84 1.74 21.94
N SER F 11 7.05 1.56 22.99
CA SER F 11 5.68 2.05 22.98
C SER F 11 5.69 3.58 22.85
N ALA F 12 6.51 4.24 23.67
CA ALA F 12 6.59 5.69 23.66
C ALA F 12 7.00 6.18 22.28
N ASP F 13 7.98 5.51 21.67
CA ASP F 13 8.49 5.92 20.38
C ASP F 13 7.41 5.78 19.31
N SER F 14 6.58 4.74 19.40
CA SER F 14 5.52 4.53 18.44
C SER F 14 4.50 5.68 18.48
N GLN F 15 4.20 6.16 19.69
CA GLN F 15 3.28 7.26 19.87
C GLN F 15 4.00 8.59 19.61
N GLY F 16 5.33 8.54 19.54
CA GLY F 16 6.15 9.72 19.37
C GLY F 16 6.09 10.63 20.59
N ARG F 17 6.07 10.04 21.78
CA ARG F 17 5.86 10.81 23.00
C ARG F 17 7.02 10.59 23.96
N PHE F 18 7.22 11.55 24.86
CA PHE F 18 8.16 11.40 25.96
C PHE F 18 7.62 10.33 26.92
N LEU F 19 8.53 9.64 27.63
CA LEU F 19 8.15 8.66 28.63
C LEU F 19 7.39 9.36 29.74
N ASN F 20 6.24 8.82 30.15
CA ASN F 20 5.42 9.42 31.19
C ASN F 20 5.35 8.44 32.37
N ASN F 21 4.52 8.76 33.36
CA ASN F 21 4.45 8.02 34.61
C ASN F 21 4.03 6.58 34.35
N THR F 22 3.18 6.37 33.33
CA THR F 22 2.75 5.04 32.92
C THR F 22 3.96 4.15 32.66
N GLU F 23 4.87 4.63 31.80
CA GLU F 23 6.08 3.91 31.48
C GLU F 23 6.97 3.76 32.71
N LEU F 24 7.13 4.82 33.50
CA LEU F 24 8.07 4.77 34.60
C LEU F 24 7.61 3.80 35.68
N GLN F 25 6.29 3.64 35.83
CA GLN F 25 5.76 2.72 36.82
C GLN F 25 6.13 1.30 36.40
N ALA F 26 5.93 1.00 35.12
CA ALA F 26 6.31 -0.30 34.60
C ALA F 26 7.79 -0.57 34.85
N ALA F 27 8.63 0.42 34.54
CA ALA F 27 10.07 0.31 34.73
C ALA F 27 10.39 0.01 36.19
N ASN F 28 9.66 0.61 37.12
CA ASN F 28 9.93 0.37 38.52
C ASN F 28 9.66 -1.08 38.89
N GLY F 29 8.71 -1.70 38.21
CA GLY F 29 8.36 -3.08 38.48
C GLY F 29 9.47 -4.05 38.07
N ARG F 30 10.16 -3.70 36.99
CA ARG F 30 11.31 -4.48 36.56
C ARG F 30 12.45 -4.40 37.57
N PHE F 31 12.68 -3.22 38.12
CA PHE F 31 13.82 -3.02 39.00
C PHE F 31 13.55 -3.62 40.37
N GLN F 32 12.28 -3.77 40.74
CA GLN F 32 11.97 -4.38 42.02
C GLN F 32 12.10 -5.89 41.93
N ARG F 33 11.70 -6.46 40.79
CA ARG F 33 11.76 -7.90 40.58
C ARG F 33 13.21 -8.35 40.50
N ALA F 34 14.11 -7.43 40.16
CA ALA F 34 15.49 -7.75 39.87
C ALA F 34 16.17 -8.51 41.00
N THR F 35 15.85 -8.22 42.25
CA THR F 35 16.51 -8.90 43.34
C THR F 35 16.20 -10.40 43.34
N ALA F 36 14.93 -10.78 43.13
CA ALA F 36 14.56 -12.18 43.03
C ALA F 36 15.18 -12.82 41.79
N SER F 37 15.16 -12.10 40.68
CA SER F 37 15.67 -12.60 39.42
C SER F 37 17.17 -12.86 39.51
N MET F 38 17.90 -11.97 40.21
CA MET F 38 19.33 -12.14 40.34
C MET F 38 19.65 -13.38 41.16
N GLU F 39 18.85 -13.61 42.20
CA GLU F 39 19.11 -14.72 43.08
C GLU F 39 18.94 -16.05 42.34
N ALA F 40 17.90 -16.11 41.50
CA ALA F 40 17.66 -17.27 40.65
C ALA F 40 18.84 -17.48 39.73
N ALA F 41 19.25 -16.39 39.06
CA ALA F 41 20.30 -16.46 38.05
C ALA F 41 21.60 -16.96 38.65
N ARG F 42 21.93 -16.50 39.85
CA ARG F 42 23.14 -16.95 40.49
C ARG F 42 23.08 -18.44 40.82
N ALA F 43 21.91 -18.95 41.25
CA ALA F 43 21.77 -20.34 41.63
C ALA F 43 21.88 -21.27 40.41
N LEU F 44 21.26 -20.87 39.31
CA LEU F 44 21.36 -21.62 38.08
C LEU F 44 22.80 -21.62 37.57
N THR F 45 23.52 -20.52 37.76
CA THR F 45 24.88 -20.42 37.28
C THR F 45 25.80 -21.31 38.12
N SER F 46 25.56 -21.32 39.43
CA SER F 46 26.39 -22.11 40.32
C SER F 46 26.26 -23.62 40.04
N ASN F 47 25.05 -24.10 39.71
CA ASN F 47 24.81 -25.51 39.54
C ASN F 47 24.74 -25.90 38.07
N ALA F 48 25.22 -25.03 37.17
CA ALA F 48 24.98 -25.25 35.75
C ALA F 48 25.66 -26.52 35.24
N ASP F 49 26.86 -26.81 35.74
CA ASP F 49 27.55 -28.01 35.30
C ASP F 49 26.73 -29.25 35.68
N SER F 50 26.31 -29.33 36.94
CA SER F 50 25.56 -30.47 37.41
C SER F 50 24.19 -30.54 36.76
N LEU F 51 23.56 -29.39 36.52
CA LEU F 51 22.24 -29.38 35.95
C LEU F 51 22.27 -29.99 34.58
N VAL F 52 23.29 -29.67 33.80
CA VAL F 52 23.41 -30.18 32.44
C VAL F 52 23.66 -31.68 32.46
N LYS F 53 24.54 -32.16 33.35
CA LYS F 53 24.83 -33.58 33.37
C LYS F 53 23.58 -34.39 33.65
N GLY F 54 22.81 -33.98 34.65
CA GLY F 54 21.60 -34.68 35.03
C GLY F 54 20.55 -34.61 33.92
N ALA F 55 20.45 -33.46 33.27
CA ALA F 55 19.48 -33.30 32.20
C ALA F 55 19.77 -34.28 31.06
N VAL F 56 21.05 -34.43 30.68
CA VAL F 56 21.42 -35.28 29.55
C VAL F 56 21.11 -36.72 29.92
N GLN F 57 21.43 -37.10 31.15
CA GLN F 57 21.20 -38.47 31.60
C GLN F 57 19.71 -38.76 31.62
N GLU F 58 18.89 -37.78 32.03
CA GLU F 58 17.46 -37.99 32.16
C GLU F 58 16.86 -38.33 30.80
N VAL F 59 17.33 -37.65 29.75
CA VAL F 59 16.83 -37.92 28.42
C VAL F 59 17.15 -39.36 28.07
N TYR F 60 18.33 -39.84 28.42
CA TYR F 60 18.72 -41.20 28.04
C TYR F 60 17.90 -42.22 28.79
N ASN F 61 17.54 -41.93 30.05
CA ASN F 61 16.68 -42.84 30.81
C ASN F 61 15.25 -42.82 30.25
N LYS F 62 14.76 -41.64 29.89
CA LYS F 62 13.43 -41.49 29.32
C LYS F 62 13.32 -42.14 27.94
N PHE F 63 14.36 -42.02 27.11
CA PHE F 63 14.34 -42.58 25.76
C PHE F 63 15.55 -43.48 25.58
N PRO F 64 15.50 -44.71 26.11
CA PRO F 64 16.64 -45.63 26.08
C PRO F 64 17.18 -45.97 24.71
N TYR F 65 16.33 -45.93 23.68
CA TYR F 65 16.72 -46.34 22.33
C TYR F 65 17.84 -45.43 21.83
N LEU F 66 17.79 -44.15 22.18
CA LEU F 66 18.73 -43.18 21.63
C LEU F 66 20.17 -43.63 21.88
N THR F 67 20.45 -44.22 23.02
CA THR F 67 21.80 -44.61 23.38
C THR F 67 22.28 -45.76 22.49
N GLN F 68 21.36 -46.62 22.03
CA GLN F 68 21.71 -47.77 21.18
C GLN F 68 22.32 -47.33 19.84
N PRO F 69 23.16 -48.16 19.20
CA PRO F 69 23.87 -47.79 17.96
C PRO F 69 22.97 -47.47 16.77
N GLY F 70 23.41 -46.49 15.97
CA GLY F 70 22.64 -46.00 14.85
C GLY F 70 21.55 -45.01 15.25
N GLN F 71 21.62 -44.52 16.50
CA GLN F 71 20.60 -43.64 17.04
C GLN F 71 21.24 -42.32 17.45
N MET F 72 20.43 -41.28 17.61
CA MET F 72 20.97 -39.93 17.81
C MET F 72 21.72 -39.82 19.14
N GLY F 73 21.35 -40.63 20.13
CA GLY F 73 22.06 -40.60 21.41
C GLY F 73 23.46 -41.18 21.31
N TYR F 74 23.68 -42.10 20.38
CA TYR F 74 24.93 -42.86 20.30
C TYR F 74 26.11 -42.02 19.84
N GLY F 75 27.29 -42.31 20.38
CA GLY F 75 28.52 -41.67 19.93
C GLY F 75 28.85 -40.41 20.72
N ASP F 76 30.16 -40.11 20.79
CA ASP F 76 30.69 -39.01 21.60
C ASP F 76 30.24 -37.67 21.05
N THR F 77 30.30 -37.51 19.72
CA THR F 77 29.95 -36.25 19.11
C THR F 77 28.49 -35.94 19.41
N ASN F 78 27.64 -36.96 19.34
CA ASN F 78 26.21 -36.77 19.54
C ASN F 78 25.94 -36.40 20.99
N GLN F 79 26.59 -37.12 21.91
CA GLN F 79 26.38 -36.84 23.33
C GLN F 79 26.93 -35.47 23.69
N ALA F 80 28.03 -35.05 23.06
CA ALA F 80 28.63 -33.74 23.31
C ALA F 80 27.71 -32.65 22.81
N LYS F 81 27.07 -32.86 21.67
CA LYS F 81 26.13 -31.90 21.11
C LYS F 81 24.91 -31.78 22.02
N CYS F 82 24.53 -32.88 22.68
CA CYS F 82 23.42 -32.84 23.62
C CYS F 82 23.76 -31.92 24.78
N ALA F 83 24.96 -32.10 25.34
CA ALA F 83 25.37 -31.33 26.51
C ALA F 83 25.49 -29.87 26.14
N ARG F 84 25.97 -29.60 24.93
CA ARG F 84 26.10 -28.24 24.44
C ARG F 84 24.73 -27.59 24.36
N ASP F 85 23.73 -28.30 23.85
CA ASP F 85 22.42 -27.72 23.62
C ASP F 85 21.72 -27.41 24.94
N ILE F 86 21.80 -28.34 25.89
CA ILE F 86 21.17 -28.09 27.16
C ILE F 86 21.88 -26.93 27.84
N SER F 87 23.21 -26.86 27.72
CA SER F 87 23.91 -25.74 28.30
C SER F 87 23.42 -24.44 27.70
N HIS F 88 23.18 -24.40 26.39
CA HIS F 88 22.68 -23.19 25.77
C HIS F 88 21.39 -22.76 26.42
N TYR F 89 20.48 -23.72 26.62
CA TYR F 89 19.18 -23.44 27.20
C TYR F 89 19.34 -22.79 28.58
N LEU F 90 20.16 -23.40 29.43
CA LEU F 90 20.37 -22.83 30.75
C LEU F 90 20.96 -21.42 30.67
N ARG F 91 21.92 -21.22 29.77
CA ARG F 91 22.60 -19.95 29.65
C ARG F 91 21.60 -18.86 29.29
N PHE F 92 20.71 -19.14 28.33
CA PHE F 92 19.75 -18.15 27.89
C PHE F 92 18.64 -17.96 28.91
N ILE F 93 18.40 -18.93 29.78
CA ILE F 93 17.48 -18.73 30.88
C ILE F 93 18.08 -17.75 31.89
N THR F 94 19.34 -17.94 32.28
CA THR F 94 19.96 -17.01 33.21
C THR F 94 20.06 -15.62 32.59
N TYR F 95 20.30 -15.53 31.28
CA TYR F 95 20.37 -14.24 30.65
C TYR F 95 19.03 -13.53 30.74
N SER F 96 17.95 -14.27 30.53
CA SER F 96 16.60 -13.74 30.55
C SER F 96 16.22 -13.28 31.97
N LEU F 97 16.64 -14.03 32.98
CA LEU F 97 16.44 -13.59 34.34
C LEU F 97 17.09 -12.23 34.58
N VAL F 98 18.35 -12.07 34.18
CA VAL F 98 19.05 -10.83 34.42
C VAL F 98 18.53 -9.69 33.55
N ALA F 99 18.11 -9.98 32.33
CA ALA F 99 17.66 -8.94 31.42
C ALA F 99 16.28 -8.39 31.82
N GLY F 100 15.49 -9.19 32.54
CA GLY F 100 14.15 -8.75 32.89
C GLY F 100 13.20 -8.87 31.70
N GLY F 101 13.44 -9.86 30.84
CA GLY F 101 12.49 -10.19 29.81
C GLY F 101 12.79 -11.55 29.22
N THR F 102 11.88 -12.02 28.37
CA THR F 102 12.06 -13.27 27.67
C THR F 102 12.86 -13.04 26.39
N GLY F 103 13.25 -11.80 26.12
CA GLY F 103 13.87 -11.41 24.86
C GLY F 103 15.13 -12.20 24.53
N PRO F 104 16.08 -12.39 25.47
CA PRO F 104 17.24 -13.22 25.21
C PRO F 104 16.83 -14.62 24.73
N LEU F 105 15.89 -15.25 25.42
CA LEU F 105 15.41 -16.57 25.01
C LEU F 105 14.72 -16.49 23.65
N ASP F 106 13.97 -15.44 23.40
CA ASP F 106 13.24 -15.34 22.14
C ASP F 106 14.14 -15.19 20.92
N ASP F 107 15.19 -14.39 21.02
CA ASP F 107 16.05 -14.16 19.88
C ASP F 107 17.02 -15.32 19.65
N TYR F 108 17.55 -15.88 20.73
CA TYR F 108 18.54 -16.93 20.60
C TYR F 108 17.90 -18.30 20.39
N ILE F 109 16.85 -18.64 21.12
CA ILE F 109 16.32 -19.99 21.06
C ILE F 109 15.07 -20.03 20.20
N VAL F 110 14.07 -19.21 20.50
CA VAL F 110 12.73 -19.47 20.00
C VAL F 110 12.66 -19.19 18.50
N ALA F 111 13.29 -18.11 18.04
CA ALA F 111 13.21 -17.78 16.62
C ALA F 111 14.00 -18.80 15.80
N GLY F 112 13.34 -19.42 14.81
CA GLY F 112 13.96 -20.39 13.92
C GLY F 112 14.00 -21.81 14.49
N LEU F 113 13.49 -22.01 15.70
CA LEU F 113 13.65 -23.27 16.41
C LEU F 113 13.05 -24.44 15.64
N ARG F 114 11.83 -24.23 15.15
CA ARG F 114 11.05 -25.29 14.53
C ARG F 114 11.70 -25.77 13.24
N GLU F 115 12.21 -24.81 12.43
CA GLU F 115 12.82 -25.14 11.16
C GLU F 115 14.13 -25.88 11.38
N VAL F 116 14.90 -25.43 12.35
CA VAL F 116 16.17 -26.04 12.62
C VAL F 116 15.95 -27.46 13.13
N ASN F 117 14.97 -27.65 14.00
CA ASN F 117 14.76 -28.94 14.64
C ASN F 117 14.26 -29.95 13.61
N ARG F 118 13.46 -29.49 12.67
CA ARG F 118 12.97 -30.33 11.59
C ARG F 118 14.13 -30.81 10.72
N THR F 119 14.97 -29.89 10.28
CA THR F 119 16.05 -30.20 9.36
C THR F 119 17.05 -31.16 10.01
N PHE F 120 17.34 -30.98 11.28
CA PHE F 120 18.35 -31.80 11.92
C PHE F 120 17.69 -33.00 12.62
N ASN F 121 16.37 -33.13 12.51
CA ASN F 121 15.66 -34.26 13.08
C ASN F 121 15.89 -34.31 14.58
N LEU F 122 15.77 -33.17 15.24
CA LEU F 122 15.88 -33.11 16.69
C LEU F 122 14.48 -33.04 17.26
N SER F 123 14.14 -34.01 18.14
CA SER F 123 12.82 -34.08 18.74
C SER F 123 12.66 -33.02 19.82
N PRO F 124 11.56 -32.23 19.80
CA PRO F 124 11.26 -31.30 20.89
C PRO F 124 11.11 -32.01 22.23
N SER F 125 10.66 -33.26 22.19
CA SER F 125 10.44 -34.04 23.40
C SER F 125 11.70 -34.31 24.18
N TRP F 126 12.87 -34.39 23.54
CA TRP F 126 14.09 -34.62 24.29
C TRP F 126 14.43 -33.40 25.12
N TYR F 127 14.28 -32.24 24.50
CA TYR F 127 14.60 -31.00 25.16
C TYR F 127 13.61 -30.82 26.30
N ILE F 128 12.33 -31.10 26.07
CA ILE F 128 11.30 -30.89 27.07
C ILE F 128 11.57 -31.78 28.28
N GLU F 129 12.06 -32.99 28.06
CA GLU F 129 12.38 -33.86 29.16
C GLU F 129 13.54 -33.34 29.98
N ALA F 130 14.53 -32.74 29.32
CA ALA F 130 15.67 -32.18 30.00
C ALA F 130 15.26 -30.96 30.83
N LEU F 131 14.45 -30.07 30.24
CA LEU F 131 14.01 -28.87 30.92
C LEU F 131 13.19 -29.26 32.17
N LYS F 132 12.33 -30.26 32.06
CA LYS F 132 11.53 -30.68 33.20
C LYS F 132 12.41 -31.27 34.28
N HIS F 133 13.53 -31.89 33.93
CA HIS F 133 14.43 -32.42 34.94
C HIS F 133 15.05 -31.26 35.70
N ILE F 134 15.45 -30.22 34.95
CA ILE F 134 16.06 -29.05 35.52
C ILE F 134 15.09 -28.41 36.50
N LYS F 135 13.83 -28.29 36.08
CA LYS F 135 12.80 -27.64 36.87
C LYS F 135 12.64 -28.32 38.21
N GLY F 136 12.70 -29.64 38.25
CA GLY F 136 12.62 -30.37 39.50
C GLY F 136 13.80 -30.10 40.42
N LYS F 137 15.02 -30.00 39.86
CA LYS F 137 16.21 -29.79 40.67
C LYS F 137 16.30 -28.36 41.15
N VAL F 138 15.89 -27.44 40.28
CA VAL F 138 15.88 -26.03 40.63
C VAL F 138 14.92 -25.84 41.80
N GLY F 139 13.80 -26.55 41.78
CA GLY F 139 12.79 -26.44 42.82
C GLY F 139 13.38 -26.75 44.20
N SER F 140 14.33 -27.68 44.25
CA SER F 140 15.04 -27.97 45.49
C SER F 140 15.96 -26.80 45.88
N GLN F 141 16.61 -26.17 44.90
CA GLN F 141 17.62 -25.15 45.14
C GLN F 141 17.00 -23.80 45.53
N LEU F 142 15.87 -23.43 44.92
CA LEU F 142 15.32 -22.09 45.05
C LEU F 142 13.94 -22.19 45.72
N SER F 143 13.51 -21.08 46.35
CA SER F 143 12.20 -21.01 46.99
C SER F 143 11.57 -19.64 46.76
N GLY F 144 10.25 -19.55 46.88
CA GLY F 144 9.55 -18.28 46.86
C GLY F 144 9.66 -17.59 45.50
N GLN F 145 9.92 -16.29 45.53
CA GLN F 145 9.85 -15.50 44.32
C GLN F 145 11.01 -15.81 43.39
N PRO F 146 12.23 -16.10 43.88
CA PRO F 146 13.30 -16.64 43.03
C PRO F 146 12.82 -17.86 42.27
N LEU F 147 12.17 -18.79 42.96
CA LEU F 147 11.67 -20.01 42.36
C LEU F 147 10.65 -19.71 41.27
N THR F 148 9.82 -18.71 41.53
CA THR F 148 8.76 -18.38 40.62
C THR F 148 9.35 -17.85 39.33
N GLU F 149 10.37 -16.99 39.45
CA GLU F 149 11.05 -16.41 38.30
C GLU F 149 11.70 -17.51 37.47
N ALA F 150 12.45 -18.40 38.13
CA ALA F 150 13.12 -19.49 37.45
C ALA F 150 12.12 -20.30 36.65
N ASN F 151 11.02 -20.70 37.33
CA ASN F 151 10.03 -21.59 36.75
C ASN F 151 9.40 -20.96 35.53
N ALA F 152 9.23 -19.65 35.52
CA ALA F 152 8.57 -18.97 34.42
C ALA F 152 9.37 -19.06 33.13
N TYR F 153 10.69 -18.90 33.23
CA TYR F 153 11.56 -18.94 32.08
C TYR F 153 11.76 -20.37 31.60
N ILE F 154 11.83 -21.33 32.50
CA ILE F 154 11.88 -22.72 32.09
C ILE F 154 10.58 -23.11 31.40
N ASP F 155 9.45 -22.61 31.90
CA ASP F 155 8.15 -22.96 31.35
C ASP F 155 7.95 -22.32 29.99
N TYR F 156 8.50 -21.13 29.80
CA TYR F 156 8.44 -20.47 28.52
C TYR F 156 9.10 -21.33 27.44
N CYS F 157 10.24 -21.92 27.77
CA CYS F 157 10.95 -22.78 26.84
C CYS F 157 10.14 -24.02 26.54
N ILE F 158 9.59 -24.63 27.59
CA ILE F 158 8.80 -25.83 27.44
C ILE F 158 7.61 -25.58 26.52
N ASN F 159 6.94 -24.44 26.67
CA ASN F 159 5.81 -24.11 25.82
C ASN F 159 6.27 -23.85 24.39
N ALA F 160 7.45 -23.27 24.19
CA ALA F 160 7.93 -22.97 22.85
C ALA F 160 8.30 -24.25 22.12
N LEU F 161 8.82 -25.22 22.87
CA LEU F 161 9.15 -26.52 22.32
C LEU F 161 7.86 -27.27 22.01
N SER F 162 6.87 -27.10 22.89
CA SER F 162 5.56 -27.69 22.70
C SER F 162 4.76 -26.91 21.64
N MET G 1 16.20 -2.89 19.90
CA MET G 1 16.80 -1.84 20.77
C MET G 1 17.61 -2.50 21.89
N GLN G 2 18.42 -1.73 22.61
CA GLN G 2 19.28 -2.28 23.64
C GLN G 2 19.11 -1.50 24.94
N ASP G 3 19.41 -2.15 26.07
CA ASP G 3 19.49 -1.49 27.36
C ASP G 3 20.78 -1.96 28.02
N ALA G 4 21.10 -1.43 29.19
CA ALA G 4 22.39 -1.75 29.80
C ALA G 4 22.50 -3.25 30.11
N PHE G 5 21.42 -3.85 30.62
CA PHE G 5 21.40 -5.26 30.93
C PHE G 5 21.56 -6.06 29.64
N THR G 6 20.81 -5.71 28.61
CA THR G 6 20.84 -6.44 27.37
C THR G 6 22.24 -6.41 26.76
N LYS G 7 22.94 -5.28 26.92
CA LYS G 7 24.28 -5.13 26.37
C LYS G 7 25.26 -6.12 27.04
N ALA G 8 25.14 -6.28 28.35
CA ALA G 8 26.02 -7.16 29.11
C ALA G 8 25.85 -8.62 28.70
N ILE G 9 24.60 -9.04 28.46
CA ILE G 9 24.38 -10.45 28.16
C ILE G 9 24.85 -10.74 26.73
N VAL G 10 24.72 -9.78 25.84
CA VAL G 10 25.19 -9.98 24.47
C VAL G 10 26.70 -10.15 24.43
N ALA G 11 27.40 -9.42 25.28
CA ALA G 11 28.84 -9.56 25.41
C ALA G 11 29.19 -10.93 25.96
N ALA G 12 28.48 -11.39 26.98
CA ALA G 12 28.74 -12.67 27.60
C ALA G 12 28.48 -13.80 26.60
N ASP G 13 27.46 -13.62 25.78
CA ASP G 13 27.13 -14.61 24.78
C ASP G 13 28.29 -14.76 23.78
N LEU G 14 28.90 -13.67 23.35
CA LEU G 14 29.99 -13.76 22.39
C LEU G 14 31.18 -14.49 23.00
N ARG G 15 31.39 -14.35 24.31
CA ARG G 15 32.37 -15.16 25.00
C ARG G 15 31.85 -16.59 25.16
N GLY G 16 30.54 -16.79 24.98
CA GLY G 16 29.90 -18.09 25.14
C GLY G 16 29.87 -18.53 26.60
N SER G 17 29.73 -17.59 27.54
CA SER G 17 29.85 -17.92 28.95
C SER G 17 28.65 -17.39 29.73
N PHE G 18 28.41 -18.00 30.88
CA PHE G 18 27.50 -17.47 31.89
C PHE G 18 28.05 -16.13 32.38
N LEU G 19 27.17 -15.16 32.64
CA LEU G 19 27.59 -13.85 33.12
C LEU G 19 28.48 -14.05 34.33
N SER G 20 29.61 -13.31 34.35
CA SER G 20 30.59 -13.38 35.41
C SER G 20 30.08 -12.66 36.66
N GLU G 21 30.65 -13.01 37.83
CA GLU G 21 30.19 -12.42 39.08
C GLU G 21 30.46 -10.92 39.09
N GLN G 22 31.58 -10.52 38.47
CA GLN G 22 31.91 -9.12 38.28
C GLN G 22 30.84 -8.44 37.44
N GLU G 23 30.44 -9.06 36.33
CA GLU G 23 29.42 -8.47 35.47
C GLU G 23 28.10 -8.37 36.23
N LEU G 24 27.78 -9.42 37.00
CA LEU G 24 26.58 -9.42 37.80
C LEU G 24 26.60 -8.23 38.76
N ASN G 25 27.75 -8.02 39.41
CA ASN G 25 27.88 -6.96 40.40
C ASN G 25 27.61 -5.59 39.77
N GLN G 26 28.15 -5.37 38.57
CA GLN G 26 27.94 -4.09 37.92
C GLN G 26 26.45 -3.87 37.69
N LEU G 27 25.74 -4.92 37.27
CA LEU G 27 24.32 -4.81 36.98
C LEU G 27 23.55 -4.52 38.26
N THR G 28 23.96 -5.15 39.35
CA THR G 28 23.31 -4.96 40.64
C THR G 28 23.44 -3.49 41.08
N ASN G 29 24.57 -2.88 40.78
CA ASN G 29 24.80 -1.47 41.10
C ASN G 29 23.85 -0.58 40.30
N LEU G 30 23.58 -0.94 39.06
CA LEU G 30 22.62 -0.20 38.25
C LEU G 30 21.22 -0.26 38.87
N VAL G 31 20.86 -1.40 39.43
CA VAL G 31 19.57 -1.58 40.06
C VAL G 31 19.50 -0.73 41.32
N LYS G 32 20.61 -0.61 42.05
CA LYS G 32 20.59 0.18 43.28
C LYS G 32 20.35 1.67 43.01
N GLU G 33 20.81 2.18 41.87
CA GLU G 33 20.71 3.59 41.56
C GLU G 33 19.47 3.88 40.68
N SER G 34 18.58 2.88 40.52
CA SER G 34 17.49 2.97 39.58
C SER G 34 16.44 4.02 39.96
N ASN G 35 16.25 4.24 41.26
CA ASN G 35 15.31 5.24 41.74
C ASN G 35 15.74 6.62 41.27
N LYS G 36 17.02 6.93 41.45
CA LYS G 36 17.57 8.20 41.01
C LYS G 36 17.45 8.35 39.50
N ARG G 37 17.69 7.27 38.78
CA ARG G 37 17.57 7.32 37.34
C ARG G 37 16.14 7.65 36.95
N LEU G 38 15.15 7.09 37.64
CA LEU G 38 13.76 7.31 37.32
C LEU G 38 13.39 8.77 37.60
N ASP G 39 13.92 9.30 38.70
CA ASP G 39 13.73 10.70 39.02
C ASP G 39 14.33 11.61 37.95
N ALA G 40 15.51 11.28 37.43
CA ALA G 40 16.12 12.07 36.38
C ALA G 40 15.29 12.07 35.12
N VAL G 41 14.77 10.91 34.72
CA VAL G 41 13.97 10.83 33.52
C VAL G 41 12.71 11.66 33.70
N ASN G 42 12.17 11.65 34.92
CA ASN G 42 10.98 12.42 35.24
C ASN G 42 11.24 13.92 35.05
N ALA G 43 12.41 14.38 35.48
CA ALA G 43 12.74 15.79 35.41
C ALA G 43 12.76 16.30 33.98
N ILE G 44 13.28 15.49 33.06
CA ILE G 44 13.33 15.92 31.67
C ILE G 44 11.93 15.94 31.10
N THR G 45 11.15 14.89 31.35
CA THR G 45 9.82 14.78 30.78
C THR G 45 8.92 15.89 31.30
N GLY G 46 9.04 16.18 32.60
CA GLY G 46 8.18 17.15 33.24
C GLY G 46 8.45 18.56 32.73
N ASN G 47 9.70 18.83 32.30
CA ASN G 47 10.09 20.16 31.88
C ASN G 47 10.38 20.20 30.39
N ALA G 48 9.86 19.27 29.62
CA ALA G 48 10.34 19.10 28.25
C ALA G 48 10.07 20.33 27.38
N ALA G 49 8.87 20.88 27.48
CA ALA G 49 8.49 22.04 26.69
C ALA G 49 9.33 23.24 27.08
N GLU G 50 9.65 23.40 28.36
CA GLU G 50 10.47 24.49 28.83
C GLU G 50 11.90 24.36 28.31
N ILE G 51 12.43 23.14 28.30
CA ILE G 51 13.78 22.91 27.87
C ILE G 51 13.90 23.36 26.43
N ILE G 52 12.98 22.92 25.58
CA ILE G 52 13.08 23.26 24.16
C ILE G 52 12.90 24.76 23.96
N SER G 53 11.93 25.34 24.63
CA SER G 53 11.66 26.76 24.46
C SER G 53 12.89 27.57 24.86
N ASP G 54 13.48 27.25 26.01
CA ASP G 54 14.57 28.03 26.51
C ASP G 54 15.76 27.97 25.55
N ALA G 55 15.99 26.77 25.00
CA ALA G 55 17.07 26.56 24.07
C ALA G 55 16.80 27.36 22.80
N ALA G 56 15.58 27.29 22.29
CA ALA G 56 15.23 27.96 21.06
C ALA G 56 15.46 29.46 21.17
N HIS G 57 15.03 30.04 22.29
CA HIS G 57 15.22 31.48 22.47
C HIS G 57 16.70 31.82 22.44
N LYS G 58 17.53 31.00 23.08
CA LYS G 58 18.95 31.28 23.17
C LYS G 58 19.58 31.12 21.81
N LEU G 59 19.18 30.11 21.07
CA LEU G 59 19.79 29.85 19.78
C LEU G 59 19.57 31.03 18.85
N PHE G 60 18.34 31.52 18.80
CA PHE G 60 17.96 32.54 17.83
C PHE G 60 18.51 33.89 18.25
N ALA G 61 18.78 34.08 19.56
CA ALA G 61 19.45 35.29 20.00
C ALA G 61 20.93 35.27 19.61
N GLU G 62 21.58 34.12 19.73
CA GLU G 62 22.96 33.94 19.36
C GLU G 62 23.13 34.11 17.86
N GLN G 63 22.28 33.43 17.08
CA GLN G 63 22.44 33.42 15.63
C GLN G 63 21.24 34.04 14.95
N THR G 64 21.30 35.36 14.78
CA THR G 64 20.26 36.11 14.09
C THR G 64 20.11 35.60 12.66
N ASP G 65 21.18 35.09 12.07
CA ASP G 65 21.18 34.70 10.67
C ASP G 65 20.10 33.67 10.36
N LEU G 66 19.85 32.74 11.29
CA LEU G 66 18.98 31.63 10.97
C LEU G 66 17.54 32.10 10.73
N ILE G 67 17.15 33.16 11.46
CA ILE G 67 15.79 33.67 11.46
C ILE G 67 15.62 34.76 10.41
N ARG G 68 16.70 35.31 9.88
CA ARG G 68 16.58 36.28 8.80
C ARG G 68 16.16 35.54 7.53
N PRO G 69 15.66 36.25 6.48
CA PRO G 69 15.44 35.65 5.18
C PRO G 69 16.75 35.16 4.55
N GLY G 70 16.73 33.93 4.07
CA GLY G 70 17.96 33.27 3.64
C GLY G 70 18.51 32.32 4.70
N GLY G 71 18.03 32.46 5.95
CA GLY G 71 18.45 31.58 7.02
C GLY G 71 17.73 30.25 6.93
N ASN G 72 18.26 29.23 7.61
CA ASN G 72 17.68 27.91 7.50
C ASN G 72 16.45 27.81 8.38
N ALA G 73 16.30 28.68 9.38
CA ALA G 73 15.09 28.65 10.19
C ALA G 73 14.02 29.62 9.70
N TYR G 74 14.20 30.20 8.53
CA TYR G 74 13.20 31.01 7.89
C TYR G 74 12.70 30.24 6.67
N PRO G 75 11.40 30.29 6.30
CA PRO G 75 10.29 30.92 7.03
C PRO G 75 9.62 29.99 8.03
N ASN G 76 8.32 30.17 8.32
CA ASN G 76 7.66 29.42 9.39
C ASN G 76 7.77 27.91 9.20
N ARG G 77 7.75 27.45 7.95
CA ARG G 77 7.84 26.03 7.67
C ARG G 77 9.13 25.47 8.25
N ARG G 78 10.23 26.19 8.03
CA ARG G 78 11.53 25.73 8.44
C ARG G 78 11.65 25.85 9.95
N MET G 79 11.17 26.95 10.52
CA MET G 79 11.23 27.13 11.94
C MET G 79 10.50 26.01 12.65
N ALA G 80 9.37 25.59 12.10
CA ALA G 80 8.58 24.52 12.68
C ALA G 80 9.36 23.22 12.66
N ALA G 81 10.03 22.95 11.53
CA ALA G 81 10.82 21.73 11.41
C ALA G 81 12.00 21.74 12.38
N CYS G 82 12.60 22.91 12.60
CA CYS G 82 13.69 23.03 13.54
C CYS G 82 13.24 22.69 14.96
N LEU G 83 12.06 23.18 15.35
CA LEU G 83 11.57 22.94 16.69
C LEU G 83 11.19 21.48 16.85
N ARG G 84 10.75 20.86 15.76
CA ARG G 84 10.40 19.46 15.76
C ARG G 84 11.64 18.62 16.05
N ASP G 85 12.74 18.97 15.40
CA ASP G 85 13.99 18.25 15.56
C ASP G 85 14.52 18.33 16.98
N MET G 86 14.42 19.50 17.59
CA MET G 86 14.90 19.66 18.95
C MET G 86 14.13 18.76 19.89
N GLU G 87 12.82 18.65 19.66
CA GLU G 87 11.98 17.83 20.49
C GLU G 87 12.34 16.36 20.31
N ILE G 88 12.60 15.94 19.07
CA ILE G 88 12.96 14.56 18.79
C ILE G 88 14.25 14.22 19.52
N ILE G 89 15.27 15.07 19.42
CA ILE G 89 16.53 14.75 20.05
C ILE G 89 16.34 14.60 21.54
N LEU G 90 15.58 15.50 22.18
CA LEU G 90 15.40 15.44 23.62
C LEU G 90 14.69 14.15 24.02
N ARG G 91 13.74 13.73 23.19
CA ARG G 91 12.99 12.52 23.49
C ARG G 91 13.97 11.34 23.56
N TYR G 92 14.85 11.24 22.57
CA TYR G 92 15.76 10.11 22.47
C TYR G 92 16.84 10.17 23.52
N VAL G 93 17.27 11.35 23.97
CA VAL G 93 18.19 11.42 25.08
C VAL G 93 17.51 10.88 26.33
N SER G 94 16.23 11.18 26.51
CA SER G 94 15.54 10.73 27.70
C SER G 94 15.36 9.21 27.66
N TYR G 95 15.12 8.67 26.45
CA TYR G 95 15.01 7.23 26.27
C TYR G 95 16.32 6.58 26.70
N ALA G 96 17.44 7.15 26.24
CA ALA G 96 18.75 6.59 26.51
C ALA G 96 19.05 6.61 27.99
N LEU G 97 18.59 7.64 28.68
CA LEU G 97 18.85 7.78 30.09
C LEU G 97 18.11 6.72 30.90
N LEU G 98 16.91 6.32 30.45
CA LEU G 98 16.18 5.27 31.13
C LEU G 98 16.86 3.94 30.84
N ALA G 99 17.21 3.69 29.57
CA ALA G 99 17.89 2.47 29.18
C ALA G 99 19.24 2.31 29.88
N GLY G 100 19.97 3.41 30.07
CA GLY G 100 21.33 3.34 30.60
C GLY G 100 22.34 3.03 29.50
N ASP G 101 21.91 3.11 28.24
CA ASP G 101 22.76 2.85 27.10
C ASP G 101 22.40 3.80 25.97
N ALA G 102 23.39 4.20 25.18
CA ALA G 102 23.23 5.22 24.17
C ALA G 102 22.74 4.67 22.83
N SER G 103 22.55 3.36 22.76
CA SER G 103 22.27 2.74 21.47
C SER G 103 20.97 3.28 20.89
N VAL G 104 19.92 3.47 21.70
CA VAL G 104 18.63 3.90 21.20
C VAL G 104 18.80 5.23 20.46
N LEU G 105 19.63 6.10 21.05
CA LEU G 105 19.88 7.41 20.46
C LEU G 105 20.62 7.23 19.14
N GLU G 106 21.65 6.40 19.17
CA GLU G 106 22.51 6.19 18.01
C GLU G 106 21.77 5.49 16.87
N ASP G 107 21.02 4.42 17.19
CA ASP G 107 20.43 3.60 16.14
C ASP G 107 19.27 4.29 15.46
N ARG G 108 18.47 5.08 16.18
CA ARG G 108 17.30 5.67 15.57
C ARG G 108 17.48 7.15 15.25
N CYS G 109 17.76 7.95 16.27
CA CYS G 109 17.75 9.40 16.11
C CYS G 109 18.95 9.86 15.30
N LEU G 110 20.14 9.39 15.68
CA LEU G 110 21.37 9.89 15.11
C LEU G 110 21.61 9.32 13.71
N ASN G 111 21.07 8.13 13.39
CA ASN G 111 21.32 7.45 12.13
C ASN G 111 20.75 8.18 10.91
N GLY G 112 21.63 8.70 10.05
CA GLY G 112 21.24 9.41 8.84
C GLY G 112 21.09 10.92 9.05
N LEU G 113 21.23 11.40 10.29
CA LEU G 113 20.91 12.78 10.58
C LEU G 113 21.86 13.73 9.84
N LYS G 114 23.17 13.45 9.87
CA LYS G 114 24.13 14.36 9.30
C LYS G 114 23.94 14.41 7.78
N GLU G 115 23.59 13.29 7.19
CA GLU G 115 23.36 13.23 5.75
C GLU G 115 22.14 14.04 5.37
N THR G 116 21.07 13.93 6.18
CA THR G 116 19.87 14.70 5.96
C THR G 116 20.21 16.18 5.99
N TYR G 117 20.97 16.59 7.01
CA TYR G 117 21.25 18.00 7.20
C TYR G 117 22.09 18.54 6.05
N VAL G 118 23.03 17.74 5.56
CA VAL G 118 23.90 18.17 4.48
C VAL G 118 23.11 18.37 3.19
N ALA G 119 22.18 17.45 2.91
CA ALA G 119 21.31 17.58 1.75
C ALA G 119 20.45 18.84 1.87
N LEU G 120 19.89 19.08 3.06
CA LEU G 120 19.02 20.21 3.27
C LEU G 120 19.82 21.51 3.15
N GLY G 121 21.09 21.47 3.58
CA GLY G 121 21.87 22.68 3.71
C GLY G 121 21.74 23.31 5.10
N THR G 122 21.18 22.56 6.04
CA THR G 122 21.11 22.96 7.43
C THR G 122 22.53 23.08 7.97
N PRO G 123 22.89 24.16 8.71
CA PRO G 123 24.23 24.27 9.29
C PRO G 123 24.44 23.42 10.55
N THR G 124 25.29 22.39 10.45
CA THR G 124 25.39 21.36 11.48
C THR G 124 25.91 21.96 12.78
N ARG G 125 26.80 22.93 12.70
CA ARG G 125 27.37 23.51 13.90
C ARG G 125 26.30 24.24 14.73
N SER G 126 25.31 24.85 14.07
CA SER G 126 24.20 25.47 14.75
C SER G 126 23.33 24.41 15.40
N VAL G 127 23.13 23.28 14.73
CA VAL G 127 22.34 22.20 15.31
C VAL G 127 23.04 21.72 16.58
N ALA G 128 24.37 21.62 16.51
CA ALA G 128 25.13 21.20 17.65
C ALA G 128 25.01 22.20 18.79
N ARG G 129 24.95 23.50 18.45
CA ARG G 129 24.82 24.53 19.46
C ARG G 129 23.48 24.40 20.19
N ALA G 130 22.45 24.05 19.41
CA ALA G 130 21.12 23.85 19.95
C ALA G 130 21.11 22.70 20.97
N VAL G 131 21.82 21.61 20.62
CA VAL G 131 21.87 20.46 21.51
C VAL G 131 22.60 20.80 22.81
N GLN G 132 23.64 21.66 22.72
CA GLN G 132 24.34 22.06 23.92
C GLN G 132 23.49 22.95 24.80
N LEU G 133 22.64 23.79 24.20
CA LEU G 133 21.80 24.67 24.97
C LEU G 133 20.74 23.85 25.69
N MET G 134 20.18 22.86 25.00
CA MET G 134 19.22 21.98 25.62
C MET G 134 19.85 21.26 26.80
N LYS G 135 21.09 20.80 26.62
CA LYS G 135 21.79 20.06 27.66
C LYS G 135 21.88 20.88 28.94
N GLU G 136 22.26 22.15 28.82
CA GLU G 136 22.47 22.94 30.02
C GLU G 136 21.15 23.11 30.79
N THR G 137 20.05 23.32 30.05
CA THR G 137 18.76 23.51 30.67
C THR G 137 18.33 22.22 31.34
N ALA G 138 18.38 21.12 30.59
CA ALA G 138 17.95 19.83 31.09
C ALA G 138 18.71 19.47 32.36
N ILE G 139 20.03 19.66 32.36
CA ILE G 139 20.80 19.19 33.49
C ILE G 139 20.40 19.96 34.74
N GLY G 140 20.04 21.23 34.55
CA GLY G 140 19.62 22.07 35.65
C GLY G 140 18.37 21.53 36.33
N TYR G 141 17.42 21.05 35.53
CA TYR G 141 16.18 20.47 36.04
C TYR G 141 16.47 19.20 36.82
N VAL G 142 17.32 18.35 36.27
CA VAL G 142 17.71 17.12 36.94
C VAL G 142 18.36 17.46 38.27
N ASN G 143 19.22 18.49 38.26
CA ASN G 143 19.99 18.83 39.44
C ASN G 143 19.14 19.51 40.49
N SER G 144 18.01 20.10 40.10
CA SER G 144 17.23 20.91 41.04
C SER G 144 15.75 20.60 40.90
N PRO G 145 15.31 19.39 41.32
CA PRO G 145 13.92 18.97 41.23
C PRO G 145 13.21 19.31 42.55
N SER G 146 11.88 19.38 42.48
CA SER G 146 11.07 19.70 43.65
C SER G 146 10.58 18.40 44.31
N GLY G 147 10.79 18.31 45.64
CA GLY G 147 10.21 17.23 46.42
C GLY G 147 11.05 15.95 46.37
N VAL G 148 12.18 15.98 45.67
CA VAL G 148 12.99 14.78 45.56
C VAL G 148 13.92 14.74 46.76
N THR G 149 14.21 13.53 47.29
CA THR G 149 15.09 13.38 48.43
C THR G 149 16.50 13.74 47.98
N ARG G 150 17.22 14.54 48.79
CA ARG G 150 18.59 14.92 48.45
C ARG G 150 19.51 13.73 48.52
N GLY G 151 20.32 13.60 47.47
CA GLY G 151 21.44 12.68 47.43
C GLY G 151 22.42 13.11 46.33
N ASP G 152 23.41 12.27 46.02
CA ASP G 152 24.33 12.58 44.94
C ASP G 152 23.80 12.00 43.64
N CYS G 153 23.53 12.86 42.66
CA CYS G 153 23.05 12.43 41.35
C CYS G 153 24.09 12.67 40.28
N SER G 154 25.34 12.89 40.72
CA SER G 154 26.41 13.33 39.85
C SER G 154 26.65 12.33 38.72
N ALA G 155 26.65 11.02 39.03
CA ALA G 155 26.88 10.02 38.01
C ALA G 155 25.79 10.07 36.94
N LEU G 156 24.54 10.29 37.34
CA LEU G 156 23.45 10.35 36.39
C LEU G 156 23.56 11.59 35.54
N VAL G 157 23.97 12.71 36.14
CA VAL G 157 24.14 13.93 35.38
C VAL G 157 25.25 13.76 34.34
N ASN G 158 26.35 13.11 34.73
CA ASN G 158 27.45 12.89 33.81
C ASN G 158 27.00 12.00 32.64
N GLU G 159 26.22 10.98 32.95
CA GLU G 159 25.73 10.07 31.91
C GLU G 159 24.83 10.82 30.95
N ALA G 160 23.99 11.71 31.47
CA ALA G 160 23.10 12.49 30.65
C ALA G 160 23.93 13.38 29.74
N ALA G 161 24.99 13.96 30.31
CA ALA G 161 25.86 14.85 29.58
C ALA G 161 26.44 14.12 28.36
N THR G 162 26.87 12.87 28.54
CA THR G 162 27.48 12.13 27.46
C THR G 162 26.48 11.89 26.33
N TYR G 163 25.22 11.63 26.66
CA TYR G 163 24.21 11.36 25.64
C TYR G 163 23.98 12.61 24.80
N PHE G 164 23.93 13.76 25.47
CA PHE G 164 23.81 15.03 24.74
C PHE G 164 25.05 15.20 23.86
N ASP G 165 26.23 14.92 24.42
CA ASP G 165 27.48 15.12 23.70
C ASP G 165 27.59 14.17 22.50
N LYS G 166 27.12 12.94 22.63
CA LYS G 166 27.11 12.01 21.50
C LYS G 166 26.30 12.60 20.37
N ALA G 167 25.12 13.14 20.71
CA ALA G 167 24.22 13.67 19.70
C ALA G 167 24.91 14.81 18.97
N ALA G 168 25.57 15.67 19.73
CA ALA G 168 26.23 16.83 19.18
C ALA G 168 27.37 16.41 18.23
N ALA G 169 28.16 15.43 18.66
CA ALA G 169 29.30 14.96 17.88
C ALA G 169 28.85 14.31 16.56
N SER G 170 27.76 13.54 16.62
CA SER G 170 27.25 12.91 15.42
C SER G 170 26.81 13.97 14.42
N ILE G 171 26.05 14.97 14.90
CA ILE G 171 25.43 15.94 14.03
C ILE G 171 26.51 16.70 13.27
N ALA G 172 27.56 17.15 13.98
CA ALA G 172 28.64 17.86 13.29
C ALA G 172 29.75 16.87 12.93
N MET H 1 -18.79 15.98 -15.53
CA MET H 1 -18.05 16.53 -16.70
C MET H 1 -17.01 17.54 -16.21
N LYS H 2 -15.81 17.48 -16.80
CA LYS H 2 -14.80 18.48 -16.53
C LYS H 2 -15.20 19.81 -17.17
N THR H 3 -15.33 20.83 -16.31
CA THR H 3 -15.48 22.20 -16.74
C THR H 3 -14.54 23.01 -15.87
N VAL H 4 -14.38 24.31 -16.14
CA VAL H 4 -13.51 25.10 -15.29
C VAL H 4 -14.07 25.06 -13.86
N ILE H 5 -15.40 25.18 -13.74
CA ILE H 5 -16.01 25.34 -12.44
C ILE H 5 -15.91 24.04 -11.66
N THR H 6 -16.20 22.90 -12.29
CA THR H 6 -16.13 21.64 -11.57
C THR H 6 -14.70 21.35 -11.14
N GLU H 7 -13.71 21.73 -11.97
CA GLU H 7 -12.33 21.40 -11.68
C GLU H 7 -11.81 22.16 -10.47
N VAL H 8 -12.16 23.44 -10.35
CA VAL H 8 -11.72 24.22 -9.22
C VAL H 8 -12.39 23.68 -7.96
N ILE H 9 -13.68 23.34 -8.03
CA ILE H 9 -14.37 22.85 -6.86
C ILE H 9 -13.76 21.52 -6.41
N ALA H 10 -13.44 20.67 -7.38
CA ALA H 10 -12.90 19.36 -7.07
C ALA H 10 -11.54 19.48 -6.38
N SER H 11 -10.72 20.43 -6.86
CA SER H 11 -9.40 20.63 -6.27
C SER H 11 -9.54 21.03 -4.81
N ALA H 12 -10.43 22.00 -4.56
CA ALA H 12 -10.62 22.51 -3.22
C ALA H 12 -11.08 21.37 -2.30
N ASP H 13 -12.01 20.56 -2.80
CA ASP H 13 -12.55 19.48 -2.00
C ASP H 13 -11.46 18.44 -1.66
N SER H 14 -10.56 18.19 -2.61
CA SER H 14 -9.49 17.22 -2.39
C SER H 14 -8.57 17.69 -1.27
N GLN H 15 -8.28 18.99 -1.23
CA GLN H 15 -7.43 19.56 -0.19
C GLN H 15 -8.25 19.78 1.08
N GLY H 16 -9.58 19.65 0.97
CA GLY H 16 -10.46 19.89 2.11
C GLY H 16 -10.46 21.35 2.53
N ARG H 17 -10.46 22.25 1.55
CA ARG H 17 -10.22 23.67 1.78
C ARG H 17 -11.38 24.47 1.21
N PHE H 18 -11.68 25.63 1.81
CA PHE H 18 -12.60 26.58 1.20
C PHE H 18 -12.00 27.13 -0.11
N LEU H 19 -12.87 27.51 -1.05
CA LEU H 19 -12.44 28.13 -2.30
C LEU H 19 -11.76 29.46 -1.99
N ASN H 20 -10.60 29.72 -2.59
CA ASN H 20 -9.86 30.95 -2.38
C ASN H 20 -9.77 31.69 -3.72
N ASN H 21 -9.06 32.83 -3.71
CA ASN H 21 -9.01 33.75 -4.83
C ASN H 21 -8.40 33.05 -6.05
N THR H 22 -7.48 32.12 -5.83
CA THR H 22 -6.89 31.35 -6.91
C THR H 22 -7.97 30.65 -7.72
N GLU H 23 -8.85 29.91 -7.04
CA GLU H 23 -9.96 29.27 -7.70
C GLU H 23 -10.93 30.27 -8.33
N LEU H 24 -11.25 31.35 -7.62
CA LEU H 24 -12.27 32.25 -8.11
C LEU H 24 -11.79 32.99 -9.35
N GLN H 25 -10.46 33.20 -9.47
CA GLN H 25 -9.93 33.87 -10.63
C GLN H 25 -10.11 32.98 -11.84
N ALA H 26 -9.81 31.69 -11.69
CA ALA H 26 -10.04 30.73 -12.74
C ALA H 26 -11.50 30.75 -13.18
N ALA H 27 -12.42 30.73 -12.21
CA ALA H 27 -13.84 30.76 -12.49
C ALA H 27 -14.22 31.99 -13.30
N ASN H 28 -13.60 33.13 -12.99
CA ASN H 28 -13.90 34.36 -13.70
C ASN H 28 -13.50 34.23 -15.17
N GLY H 29 -12.46 33.46 -15.44
CA GLY H 29 -11.94 33.30 -16.78
C GLY H 29 -12.92 32.52 -17.66
N ARG H 30 -13.61 31.56 -17.04
CA ARG H 30 -14.64 30.82 -17.73
C ARG H 30 -15.81 31.72 -18.10
N PHE H 31 -16.21 32.60 -17.20
CA PHE H 31 -17.39 33.43 -17.41
C PHE H 31 -17.12 34.53 -18.41
N GLN H 32 -15.86 34.91 -18.58
CA GLN H 32 -15.52 35.92 -19.57
C GLN H 32 -15.52 35.31 -20.97
N ARG H 33 -15.00 34.07 -21.07
CA ARG H 33 -14.91 33.37 -22.34
C ARG H 33 -16.32 33.04 -22.86
N ALA H 34 -17.27 32.94 -21.91
CA ALA H 34 -18.59 32.38 -22.17
C ALA H 34 -19.30 33.11 -23.29
N THR H 35 -19.13 34.42 -23.40
CA THR H 35 -19.85 35.17 -24.41
C THR H 35 -19.44 34.72 -25.82
N ALA H 36 -18.14 34.55 -26.06
CA ALA H 36 -17.67 34.07 -27.35
C ALA H 36 -18.11 32.63 -27.58
N SER H 37 -18.02 31.81 -26.55
CA SER H 37 -18.37 30.41 -26.66
C SER H 37 -19.85 30.23 -26.97
N MET H 38 -20.72 31.06 -26.38
CA MET H 38 -22.14 30.95 -26.64
C MET H 38 -22.43 31.34 -28.09
N GLU H 39 -21.72 32.34 -28.60
CA GLU H 39 -21.95 32.79 -29.96
C GLU H 39 -21.57 31.69 -30.95
N ALA H 40 -20.46 31.01 -30.68
CA ALA H 40 -20.01 29.88 -31.47
C ALA H 40 -21.09 28.80 -31.46
N ALA H 41 -21.56 28.47 -30.25
CA ALA H 41 -22.51 27.40 -30.06
C ALA H 41 -23.79 27.67 -30.83
N ARG H 42 -24.26 28.90 -30.83
CA ARG H 42 -25.45 29.25 -31.58
C ARG H 42 -25.25 29.05 -33.08
N ALA H 43 -24.07 29.39 -33.60
CA ALA H 43 -23.81 29.27 -35.04
C ALA H 43 -23.73 27.80 -35.46
N LEU H 44 -23.06 26.99 -34.66
CA LEU H 44 -22.97 25.58 -34.94
C LEU H 44 -24.35 24.94 -34.87
N THR H 45 -25.21 25.40 -33.95
CA THR H 45 -26.53 24.81 -33.78
C THR H 45 -27.41 25.21 -34.95
N SER H 46 -27.30 26.45 -35.38
CA SER H 46 -28.16 26.94 -36.44
C SER H 46 -27.85 26.28 -37.76
N ASN H 47 -26.56 25.99 -38.03
CA ASN H 47 -26.17 25.43 -39.32
C ASN H 47 -25.89 23.94 -39.21
N ALA H 48 -26.36 23.29 -38.14
CA ALA H 48 -25.98 21.90 -37.88
C ALA H 48 -26.52 20.99 -38.95
N ASP H 49 -27.72 21.24 -39.47
CA ASP H 49 -28.25 20.38 -40.52
C ASP H 49 -27.36 20.44 -41.74
N SER H 50 -27.02 21.65 -42.20
CA SER H 50 -26.18 21.82 -43.38
C SER H 50 -24.77 21.31 -43.11
N LEU H 51 -24.26 21.52 -41.90
CA LEU H 51 -22.91 21.11 -41.59
C LEU H 51 -22.79 19.60 -41.70
N VAL H 52 -23.79 18.87 -41.22
CA VAL H 52 -23.75 17.43 -41.23
C VAL H 52 -23.87 16.93 -42.66
N LYS H 53 -24.76 17.51 -43.46
CA LYS H 53 -24.95 17.03 -44.81
C LYS H 53 -23.65 17.14 -45.61
N GLY H 54 -23.00 18.31 -45.52
CA GLY H 54 -21.77 18.54 -46.23
C GLY H 54 -20.65 17.63 -45.72
N ALA H 55 -20.61 17.41 -44.42
CA ALA H 55 -19.56 16.58 -43.84
C ALA H 55 -19.66 15.15 -44.37
N VAL H 56 -20.89 14.63 -44.49
CA VAL H 56 -21.08 13.26 -44.91
C VAL H 56 -20.69 13.16 -46.38
N GLN H 57 -21.06 14.17 -47.16
CA GLN H 57 -20.78 14.14 -48.58
C GLN H 57 -19.28 14.19 -48.80
N GLU H 58 -18.58 14.94 -47.97
CA GLU H 58 -17.14 15.10 -48.10
C GLU H 58 -16.46 13.75 -47.87
N VAL H 59 -16.94 12.97 -46.90
CA VAL H 59 -16.38 11.67 -46.63
C VAL H 59 -16.54 10.81 -47.88
N TYR H 60 -17.69 10.89 -48.54
CA TYR H 60 -17.93 10.05 -49.69
C TYR H 60 -17.06 10.51 -50.85
N ASN H 61 -16.76 11.81 -50.93
CA ASN H 61 -15.91 12.29 -52.00
C ASN H 61 -14.46 11.92 -51.73
N LYS H 62 -14.04 12.01 -50.48
CA LYS H 62 -12.66 11.70 -50.12
C LYS H 62 -12.38 10.22 -50.29
N PHE H 63 -13.33 9.35 -49.94
CA PHE H 63 -13.18 7.93 -50.11
C PHE H 63 -14.27 7.38 -51.00
N PRO H 64 -14.14 7.50 -52.33
CA PRO H 64 -15.15 6.99 -53.25
C PRO H 64 -15.53 5.51 -53.10
N TYR H 65 -14.63 4.68 -52.58
CA TYR H 65 -14.87 3.26 -52.51
C TYR H 65 -16.05 2.96 -51.56
N LEU H 66 -16.17 3.75 -50.49
CA LEU H 66 -17.17 3.45 -49.47
C LEU H 66 -18.56 3.33 -50.08
N THR H 67 -18.83 4.14 -51.10
CA THR H 67 -20.15 4.20 -51.69
C THR H 67 -20.44 2.96 -52.52
N GLN H 68 -19.39 2.26 -52.98
CA GLN H 68 -19.56 1.08 -53.82
C GLN H 68 -20.15 -0.08 -53.01
N PRO H 69 -20.89 -1.02 -53.66
CA PRO H 69 -21.58 -2.12 -52.95
C PRO H 69 -20.65 -3.07 -52.21
N GLY H 70 -21.12 -3.54 -51.04
CA GLY H 70 -20.32 -4.38 -50.17
C GLY H 70 -19.35 -3.56 -49.31
N GLN H 71 -19.58 -2.23 -49.26
CA GLN H 71 -18.73 -1.33 -48.50
C GLN H 71 -19.53 -0.62 -47.44
N MET H 72 -18.84 -0.08 -46.44
CA MET H 72 -19.51 0.48 -45.27
C MET H 72 -20.34 1.71 -45.66
N GLY H 73 -19.95 2.43 -46.73
CA GLY H 73 -20.71 3.60 -47.11
C GLY H 73 -22.01 3.26 -47.81
N TYR H 74 -22.12 2.03 -48.33
CA TYR H 74 -23.24 1.65 -49.17
C TYR H 74 -24.48 1.36 -48.34
N GLY H 75 -25.65 1.72 -48.90
CA GLY H 75 -26.93 1.36 -48.30
C GLY H 75 -27.43 2.40 -47.29
N ASP H 76 -28.77 2.45 -47.15
CA ASP H 76 -29.45 3.49 -46.40
C ASP H 76 -29.11 3.44 -44.91
N THR H 77 -29.09 2.23 -44.34
CA THR H 77 -28.84 2.12 -42.92
C THR H 77 -27.44 2.65 -42.61
N ASN H 78 -26.48 2.31 -43.47
CA ASN H 78 -25.10 2.72 -43.27
C ASN H 78 -24.99 4.23 -43.41
N GLN H 79 -25.64 4.78 -44.43
CA GLN H 79 -25.57 6.21 -44.65
C GLN H 79 -26.27 6.98 -43.53
N ALA H 80 -27.33 6.39 -42.99
CA ALA H 80 -28.08 7.01 -41.90
C ALA H 80 -27.23 7.04 -40.64
N LYS H 81 -26.47 5.97 -40.42
CA LYS H 81 -25.62 5.85 -39.26
C LYS H 81 -24.49 6.88 -39.37
N CYS H 82 -24.05 7.20 -40.59
CA CYS H 82 -23.02 8.20 -40.79
C CYS H 82 -23.56 9.53 -40.34
N ALA H 83 -24.73 9.92 -40.85
CA ALA H 83 -25.28 11.22 -40.53
C ALA H 83 -25.54 11.35 -39.03
N ARG H 84 -25.97 10.26 -38.41
CA ARG H 84 -26.20 10.24 -36.99
C ARG H 84 -24.90 10.52 -36.25
N ASP H 85 -23.80 9.89 -36.67
CA ASP H 85 -22.55 9.99 -35.94
C ASP H 85 -21.96 11.40 -36.04
N ILE H 86 -22.01 11.97 -37.22
CA ILE H 86 -21.50 13.32 -37.39
C ILE H 86 -22.36 14.27 -36.57
N SER H 87 -23.68 14.05 -36.56
CA SER H 87 -24.52 14.88 -35.73
C SER H 87 -24.13 14.77 -34.26
N HIS H 88 -23.80 13.59 -33.78
CA HIS H 88 -23.38 13.42 -32.41
C HIS H 88 -22.18 14.31 -32.12
N TYR H 89 -21.20 14.29 -33.04
CA TYR H 89 -19.98 15.05 -32.87
C TYR H 89 -20.31 16.54 -32.74
N LEU H 90 -21.14 17.06 -33.65
CA LEU H 90 -21.53 18.46 -33.53
C LEU H 90 -22.22 18.76 -32.21
N ARG H 91 -23.13 17.89 -31.78
CA ARG H 91 -23.92 18.12 -30.60
C ARG H 91 -23.00 18.22 -29.39
N PHE H 92 -22.03 17.33 -29.29
CA PHE H 92 -21.14 17.34 -28.14
C PHE H 92 -20.13 18.47 -28.20
N ILE H 93 -19.86 18.99 -29.39
CA ILE H 93 -19.04 20.18 -29.51
C ILE H 93 -19.82 21.37 -28.96
N THR H 94 -21.09 21.55 -29.35
CA THR H 94 -21.86 22.67 -28.85
C THR H 94 -22.05 22.55 -27.36
N TYR H 95 -22.19 21.33 -26.84
CA TYR H 95 -22.35 21.17 -25.41
C TYR H 95 -21.10 21.64 -24.70
N SER H 96 -19.93 21.30 -25.24
CA SER H 96 -18.64 21.66 -24.65
C SER H 96 -18.44 23.17 -24.69
N LEU H 97 -18.85 23.81 -25.77
CA LEU H 97 -18.79 25.26 -25.84
C LEU H 97 -19.59 25.89 -24.70
N VAL H 98 -20.83 25.46 -24.52
CA VAL H 98 -21.68 26.02 -23.50
C VAL H 98 -21.21 25.64 -22.09
N ALA H 99 -20.70 24.45 -21.91
CA ALA H 99 -20.30 23.97 -20.58
C ALA H 99 -19.04 24.69 -20.09
N GLY H 100 -18.19 25.15 -21.01
CA GLY H 100 -16.94 25.75 -20.59
C GLY H 100 -15.92 24.69 -20.21
N GLY H 101 -15.98 23.54 -20.89
CA GLY H 101 -14.92 22.56 -20.78
C GLY H 101 -15.01 21.53 -21.89
N THR H 102 -13.99 20.68 -21.97
CA THR H 102 -13.98 19.60 -22.94
C THR H 102 -14.68 18.38 -22.36
N GLY H 103 -15.16 18.48 -21.12
CA GLY H 103 -15.71 17.36 -20.38
C GLY H 103 -16.87 16.67 -21.10
N PRO H 104 -17.86 17.38 -21.67
CA PRO H 104 -18.92 16.74 -22.44
C PRO H 104 -18.34 15.88 -23.56
N LEU H 105 -17.39 16.41 -24.32
CA LEU H 105 -16.77 15.65 -25.38
C LEU H 105 -16.02 14.45 -24.82
N ASP H 106 -15.35 14.64 -23.70
CA ASP H 106 -14.54 13.57 -23.13
C ASP H 106 -15.38 12.40 -22.65
N ASP H 107 -16.50 12.66 -21.97
CA ASP H 107 -17.33 11.61 -21.40
C ASP H 107 -18.15 10.90 -22.46
N TYR H 108 -18.71 11.64 -23.41
CA TYR H 108 -19.60 11.03 -24.37
C TYR H 108 -18.84 10.47 -25.56
N ILE H 109 -17.84 11.16 -26.11
CA ILE H 109 -17.21 10.71 -27.33
C ILE H 109 -15.87 10.04 -27.04
N VAL H 110 -14.98 10.70 -26.30
CA VAL H 110 -13.59 10.28 -26.31
C VAL H 110 -13.41 8.99 -25.52
N ALA H 111 -14.10 8.85 -24.40
CA ALA H 111 -13.96 7.63 -23.60
C ALA H 111 -14.59 6.46 -24.32
N GLY H 112 -13.80 5.39 -24.48
CA GLY H 112 -14.24 4.16 -25.12
C GLY H 112 -14.16 4.21 -26.65
N LEU H 113 -13.73 5.33 -27.23
CA LEU H 113 -13.83 5.55 -28.67
C LEU H 113 -13.04 4.51 -29.44
N ARG H 114 -11.82 4.21 -28.99
CA ARG H 114 -10.92 3.34 -29.72
C ARG H 114 -11.44 1.91 -29.77
N GLU H 115 -11.98 1.43 -28.64
CA GLU H 115 -12.48 0.08 -28.53
C GLU H 115 -13.74 -0.08 -29.37
N VAL H 116 -14.60 0.93 -29.34
CA VAL H 116 -15.83 0.86 -30.08
C VAL H 116 -15.52 0.87 -31.57
N ASN H 117 -14.58 1.70 -31.98
CA ASN H 117 -14.30 1.88 -33.40
C ASN H 117 -13.66 0.63 -33.96
N ARG H 118 -12.84 -0.05 -33.14
CA ARG H 118 -12.20 -1.28 -33.53
C ARG H 118 -13.23 -2.37 -33.78
N THR H 119 -14.14 -2.55 -32.82
CA THR H 119 -15.13 -3.60 -32.88
C THR H 119 -16.07 -3.40 -34.06
N PHE H 120 -16.46 -2.17 -34.33
CA PHE H 120 -17.42 -1.91 -35.39
C PHE H 120 -16.71 -1.58 -36.70
N ASN H 121 -15.37 -1.65 -36.72
CA ASN H 121 -14.60 -1.40 -37.92
C ASN H 121 -14.90 -0.03 -38.52
N LEU H 122 -14.90 0.98 -37.66
CA LEU H 122 -15.11 2.36 -38.08
C LEU H 122 -13.76 3.05 -38.13
N SER H 123 -13.37 3.55 -39.32
CA SER H 123 -12.10 4.21 -39.50
C SER H 123 -12.06 5.59 -38.86
N PRO H 124 -11.03 5.93 -38.09
CA PRO H 124 -10.87 7.29 -37.55
C PRO H 124 -10.78 8.35 -38.65
N SER H 125 -10.23 7.95 -39.79
CA SER H 125 -10.03 8.86 -40.91
C SER H 125 -11.32 9.39 -41.50
N TRP H 126 -12.43 8.64 -41.40
CA TRP H 126 -13.68 9.14 -41.93
C TRP H 126 -14.18 10.31 -41.09
N TYR H 127 -14.07 10.12 -39.78
CA TYR H 127 -14.54 11.12 -38.86
C TYR H 127 -13.67 12.35 -39.02
N ILE H 128 -12.35 12.14 -39.13
CA ILE H 128 -11.41 13.25 -39.19
C ILE H 128 -11.70 14.08 -40.44
N GLU H 129 -12.04 13.42 -41.53
CA GLU H 129 -12.31 14.14 -42.76
C GLU H 129 -13.57 14.99 -42.63
N ALA H 130 -14.58 14.46 -41.92
CA ALA H 130 -15.81 15.19 -41.74
C ALA H 130 -15.59 16.40 -40.84
N LEU H 131 -14.87 16.21 -39.72
CA LEU H 131 -14.62 17.30 -38.79
C LEU H 131 -13.85 18.41 -39.50
N LYS H 132 -12.86 18.06 -40.31
CA LYS H 132 -12.10 19.07 -41.01
C LYS H 132 -12.95 19.82 -42.02
N HIS H 133 -13.96 19.18 -42.59
CA HIS H 133 -14.86 19.86 -43.50
C HIS H 133 -15.65 20.90 -42.73
N ILE H 134 -16.12 20.50 -41.55
CA ILE H 134 -16.92 21.36 -40.70
C ILE H 134 -16.09 22.58 -40.33
N LYS H 135 -14.83 22.34 -39.97
CA LYS H 135 -13.93 23.38 -39.50
C LYS H 135 -13.76 24.46 -40.57
N GLY H 136 -13.67 24.06 -41.83
CA GLY H 136 -13.59 25.01 -42.92
C GLY H 136 -14.87 25.85 -43.07
N LYS H 137 -16.04 25.23 -42.89
CA LYS H 137 -17.30 25.92 -43.08
C LYS H 137 -17.57 26.84 -41.88
N VAL H 138 -17.20 26.38 -40.69
CA VAL H 138 -17.35 27.18 -39.50
C VAL H 138 -16.53 28.45 -39.66
N GLY H 139 -15.33 28.32 -40.23
CA GLY H 139 -14.45 29.45 -40.44
C GLY H 139 -15.12 30.56 -41.24
N SER H 140 -15.97 30.19 -42.18
CA SER H 140 -16.76 31.18 -42.92
C SER H 140 -17.81 31.83 -42.02
N GLN H 141 -18.44 31.04 -41.12
CA GLN H 141 -19.56 31.51 -40.32
C GLN H 141 -19.11 32.41 -39.16
N LEU H 142 -17.97 32.09 -38.53
CA LEU H 142 -17.55 32.75 -37.31
C LEU H 142 -16.23 33.47 -37.55
N SER H 143 -15.94 34.47 -36.72
CA SER H 143 -14.68 35.19 -36.79
C SER H 143 -14.17 35.52 -35.38
N GLY H 144 -12.88 35.77 -35.26
CA GLY H 144 -12.31 36.25 -34.01
C GLY H 144 -12.42 35.20 -32.90
N GLN H 145 -12.85 35.64 -31.72
CA GLN H 145 -12.77 34.78 -30.56
C GLN H 145 -13.78 33.66 -30.63
N PRO H 146 -15.00 33.88 -31.18
CA PRO H 146 -15.93 32.77 -31.43
C PRO H 146 -15.24 31.69 -32.27
N LEU H 147 -14.55 32.13 -33.33
CA LEU H 147 -13.90 31.19 -34.23
C LEU H 147 -12.82 30.39 -33.50
N THR H 148 -12.13 31.05 -32.58
CA THR H 148 -11.05 30.43 -31.88
C THR H 148 -11.62 29.31 -30.99
N GLU H 149 -12.73 29.61 -30.32
CA GLU H 149 -13.40 28.67 -29.45
C GLU H 149 -13.88 27.43 -30.22
N ALA H 150 -14.55 27.69 -31.34
CA ALA H 150 -15.07 26.63 -32.17
C ALA H 150 -13.93 25.71 -32.58
N ASN H 151 -12.85 26.31 -33.10
CA ASN H 151 -11.76 25.58 -33.68
C ASN H 151 -11.11 24.69 -32.63
N ALA H 152 -11.08 25.13 -31.38
CA ALA H 152 -10.41 24.37 -30.34
C ALA H 152 -11.11 23.06 -30.06
N TYR H 153 -12.45 23.08 -30.03
CA TYR H 153 -13.22 21.89 -29.72
C TYR H 153 -13.25 20.94 -30.92
N ILE H 154 -13.29 21.47 -32.14
CA ILE H 154 -13.18 20.63 -33.31
C ILE H 154 -11.80 19.97 -33.36
N ASP H 155 -10.75 20.73 -32.99
CA ASP H 155 -9.39 20.24 -33.03
C ASP H 155 -9.17 19.18 -31.96
N TYR H 156 -9.82 19.32 -30.83
CA TYR H 156 -9.70 18.34 -29.78
C TYR H 156 -10.16 16.97 -30.26
N CYS H 157 -11.29 16.96 -30.99
CA CYS H 157 -11.84 15.74 -31.52
C CYS H 157 -10.89 15.13 -32.54
N ILE H 158 -10.37 15.98 -33.43
CA ILE H 158 -9.49 15.54 -34.48
C ILE H 158 -8.25 14.88 -33.88
N ASN H 159 -7.68 15.47 -32.84
CA ASN H 159 -6.50 14.90 -32.22
C ASN H 159 -6.83 13.61 -31.50
N ALA H 160 -8.03 13.48 -30.92
CA ALA H 160 -8.42 12.27 -30.21
C ALA H 160 -8.59 11.10 -31.17
N LEU H 161 -9.10 11.40 -32.37
CA LEU H 161 -9.25 10.42 -33.42
C LEU H 161 -7.87 10.04 -33.96
N SER H 162 -6.99 11.05 -34.05
CA SER H 162 -5.63 10.86 -34.53
C SER H 162 -4.77 10.20 -33.45
N MET I 1 -18.38 15.44 -10.92
CA MET I 1 -19.17 16.54 -10.28
C MET I 1 -20.04 17.20 -11.34
N GLN I 2 -21.07 17.94 -10.89
CA GLN I 2 -22.00 18.57 -11.80
C GLN I 2 -22.14 20.05 -11.44
N ASP I 3 -22.46 20.87 -12.45
CA ASP I 3 -22.70 22.29 -12.23
C ASP I 3 -23.98 22.63 -13.00
N ALA I 4 -24.45 23.87 -12.92
CA ALA I 4 -25.73 24.20 -13.53
C ALA I 4 -25.67 24.04 -15.05
N PHE I 5 -24.55 24.45 -15.67
CA PHE I 5 -24.38 24.27 -17.10
C PHE I 5 -24.40 22.78 -17.45
N THR I 6 -23.62 22.01 -16.71
CA THR I 6 -23.48 20.60 -17.01
C THR I 6 -24.82 19.90 -16.87
N LYS I 7 -25.65 20.32 -15.94
CA LYS I 7 -26.96 19.72 -15.71
C LYS I 7 -27.88 19.92 -16.91
N ALA I 8 -27.84 21.11 -17.52
CA ALA I 8 -28.67 21.40 -18.69
C ALA I 8 -28.29 20.56 -19.90
N ILE I 9 -26.99 20.33 -20.05
CA ILE I 9 -26.41 19.56 -21.14
C ILE I 9 -26.87 18.11 -21.02
N VAL I 10 -26.83 17.58 -19.81
CA VAL I 10 -27.18 16.19 -19.55
C VAL I 10 -28.65 15.94 -19.91
N ALA I 11 -29.51 16.92 -19.62
CA ALA I 11 -30.91 16.79 -19.94
C ALA I 11 -31.10 16.78 -21.45
N ALA I 12 -30.40 17.68 -22.14
CA ALA I 12 -30.54 17.80 -23.59
C ALA I 12 -30.00 16.55 -24.26
N ASP I 13 -28.95 15.97 -23.70
CA ASP I 13 -28.38 14.76 -24.24
C ASP I 13 -29.40 13.62 -24.18
N LEU I 14 -30.15 13.49 -23.09
CA LEU I 14 -31.11 12.41 -22.96
C LEU I 14 -32.21 12.57 -24.01
N ARG I 15 -32.55 13.81 -24.34
CA ARG I 15 -33.47 14.05 -25.43
C ARG I 15 -32.77 13.82 -26.77
N GLY I 16 -31.42 13.79 -26.75
CA GLY I 16 -30.62 13.70 -27.96
C GLY I 16 -30.77 14.92 -28.86
N SER I 17 -30.83 16.10 -28.24
CA SER I 17 -31.14 17.33 -28.96
C SER I 17 -30.07 18.37 -28.68
N PHE I 18 -29.90 19.28 -29.67
CA PHE I 18 -29.11 20.48 -29.46
C PHE I 18 -29.81 21.35 -28.43
N LEU I 19 -29.05 22.01 -27.54
CA LEU I 19 -29.66 22.82 -26.50
C LEU I 19 -30.62 23.82 -27.15
N SER I 20 -31.79 23.95 -26.53
CA SER I 20 -32.87 24.80 -27.00
C SER I 20 -32.55 26.25 -26.72
N GLU I 21 -33.17 27.17 -27.47
CA GLU I 21 -32.86 28.59 -27.33
C GLU I 21 -33.28 29.07 -25.93
N GLN I 22 -34.40 28.52 -25.44
CA GLN I 22 -34.85 28.83 -24.09
C GLN I 22 -33.83 28.34 -23.06
N GLU I 23 -33.32 27.11 -23.24
CA GLU I 23 -32.30 26.56 -22.35
C GLU I 23 -31.04 27.43 -22.40
N LEU I 24 -30.68 27.86 -23.61
CA LEU I 24 -29.52 28.71 -23.80
C LEU I 24 -29.72 30.01 -23.03
N ASN I 25 -30.93 30.59 -23.14
CA ASN I 25 -31.22 31.85 -22.47
C ASN I 25 -31.04 31.74 -20.98
N GLN I 26 -31.48 30.63 -20.37
CA GLN I 26 -31.34 30.48 -18.94
C GLN I 26 -29.86 30.50 -18.58
N LEU I 27 -29.04 29.81 -19.37
CA LEU I 27 -27.62 29.72 -19.09
C LEU I 27 -26.96 31.09 -19.26
N THR I 28 -27.41 31.85 -20.25
CA THR I 28 -26.88 33.18 -20.49
C THR I 28 -27.14 34.08 -19.29
N ASN I 29 -28.31 33.91 -18.66
CA ASN I 29 -28.66 34.68 -17.47
C ASN I 29 -27.73 34.32 -16.30
N LEU I 30 -27.32 33.06 -16.20
CA LEU I 30 -26.36 32.68 -15.19
C LEU I 30 -25.02 33.36 -15.40
N VAL I 31 -24.61 33.51 -16.66
CA VAL I 31 -23.36 34.18 -16.98
C VAL I 31 -23.48 35.65 -16.64
N LYS I 32 -24.65 36.23 -16.88
CA LYS I 32 -24.87 37.65 -16.62
C LYS I 32 -24.75 37.96 -15.11
N GLU I 33 -25.17 37.05 -14.25
CA GLU I 33 -25.15 37.29 -12.82
C GLU I 33 -23.90 36.74 -12.15
N SER I 34 -22.90 36.32 -12.93
CA SER I 34 -21.76 35.56 -12.43
C SER I 34 -20.86 36.38 -11.51
N ASN I 35 -20.75 37.69 -11.77
CA ASN I 35 -19.93 38.55 -10.94
C ASN I 35 -20.51 38.59 -9.52
N LYS I 36 -21.83 38.78 -9.43
CA LYS I 36 -22.51 38.80 -8.14
C LYS I 36 -22.35 37.45 -7.44
N ARG I 37 -22.43 36.37 -8.20
CA ARG I 37 -22.30 35.06 -7.61
C ARG I 37 -20.91 34.91 -7.01
N LEU I 38 -19.87 35.40 -7.73
CA LEU I 38 -18.50 35.28 -7.27
C LEU I 38 -18.32 36.08 -5.99
N ASP I 39 -18.94 37.26 -5.91
CA ASP I 39 -18.91 38.05 -4.71
C ASP I 39 -19.52 37.31 -3.53
N ALA I 40 -20.66 36.65 -3.73
CA ALA I 40 -21.29 35.90 -2.64
C ALA I 40 -20.40 34.77 -2.15
N VAL I 41 -19.79 34.03 -3.07
CA VAL I 41 -18.93 32.92 -2.68
C VAL I 41 -17.74 33.45 -1.90
N ASN I 42 -17.25 34.62 -2.30
CA ASN I 42 -16.12 35.26 -1.66
C ASN I 42 -16.46 35.62 -0.21
N ALA I 43 -17.70 36.11 -0.01
CA ALA I 43 -18.13 36.54 1.30
C ALA I 43 -18.14 35.39 2.29
N ILE I 44 -18.53 34.20 1.84
CA ILE I 44 -18.58 33.08 2.75
C ILE I 44 -17.15 32.66 3.09
N THR I 45 -16.31 32.55 2.07
CA THR I 45 -14.95 32.09 2.28
C THR I 45 -14.19 33.06 3.19
N GLY I 46 -14.38 34.36 2.95
CA GLY I 46 -13.64 35.37 3.66
C GLY I 46 -14.03 35.46 5.11
N ASN I 47 -15.25 35.06 5.45
CA ASN I 47 -15.72 35.17 6.82
C ASN I 47 -15.95 33.79 7.42
N ALA I 48 -15.33 32.75 6.87
CA ALA I 48 -15.70 31.39 7.24
C ALA I 48 -15.48 31.11 8.70
N ALA I 49 -14.33 31.51 9.23
CA ALA I 49 -14.01 31.24 10.63
C ALA I 49 -14.96 31.97 11.55
N GLU I 50 -15.37 33.19 11.18
CA GLU I 50 -16.30 33.95 12.00
C GLU I 50 -17.69 33.32 11.97
N ILE I 51 -18.10 32.82 10.80
CA ILE I 51 -19.41 32.22 10.68
C ILE I 51 -19.48 31.03 11.63
N ILE I 52 -18.48 30.15 11.60
CA ILE I 52 -18.53 28.96 12.42
C ILE I 52 -18.48 29.34 13.90
N SER I 53 -17.60 30.28 14.25
CA SER I 53 -17.49 30.66 15.64
C SER I 53 -18.80 31.23 16.15
N ASP I 54 -19.43 32.12 15.38
CA ASP I 54 -20.63 32.78 15.85
C ASP I 54 -21.74 31.76 16.06
N ALA I 55 -21.84 30.80 15.14
CA ALA I 55 -22.83 29.75 15.23
C ALA I 55 -22.59 28.91 16.47
N ALA I 56 -21.32 28.50 16.66
CA ALA I 56 -20.98 27.63 17.76
C ALA I 56 -21.33 28.28 19.09
N HIS I 57 -21.00 29.57 19.23
CA HIS I 57 -21.28 30.24 20.49
C HIS I 57 -22.78 30.23 20.75
N LYS I 58 -23.58 30.47 19.71
CA LYS I 58 -25.02 30.54 19.88
C LYS I 58 -25.57 29.15 20.20
N LEU I 59 -25.05 28.11 19.55
CA LEU I 59 -25.56 26.77 19.75
C LEU I 59 -25.37 26.36 21.20
N PHE I 60 -24.18 26.58 21.74
CA PHE I 60 -23.85 26.06 23.05
C PHE I 60 -24.51 26.88 24.13
N ALA I 61 -24.87 28.15 23.83
CA ALA I 61 -25.67 28.92 24.76
C ALA I 61 -27.12 28.43 24.81
N GLU I 62 -27.67 28.12 23.61
CA GLU I 62 -29.02 27.64 23.48
C GLU I 62 -29.16 26.27 24.13
N GLN I 63 -28.21 25.36 23.85
CA GLN I 63 -28.30 24.00 24.33
C GLN I 63 -27.13 23.68 25.26
N THR I 64 -27.34 23.98 26.54
CA THR I 64 -26.39 23.71 27.59
C THR I 64 -26.07 22.22 27.65
N ASP I 65 -27.05 21.38 27.26
CA ASP I 65 -26.94 19.94 27.40
C ASP I 65 -25.68 19.40 26.73
N LEU I 66 -25.35 19.95 25.57
CA LEU I 66 -24.33 19.34 24.74
C LEU I 66 -22.96 19.42 25.40
N ILE I 67 -22.75 20.51 26.16
CA ILE I 67 -21.45 20.83 26.74
C ILE I 67 -21.35 20.24 28.15
N ARG I 68 -22.46 19.84 28.76
CA ARG I 68 -22.35 19.23 30.09
C ARG I 68 -21.75 17.84 29.98
N PRO I 69 -21.23 17.24 31.07
CA PRO I 69 -20.77 15.84 31.05
C PRO I 69 -21.92 14.89 30.78
N GLY I 70 -21.71 13.99 29.80
CA GLY I 70 -22.78 13.15 29.28
C GLY I 70 -23.41 13.73 28.00
N GLY I 71 -23.16 15.00 27.72
CA GLY I 71 -23.58 15.67 26.50
C GLY I 71 -22.72 15.22 25.33
N ASN I 72 -23.21 15.46 24.12
CA ASN I 72 -22.56 14.92 22.95
C ASN I 72 -21.34 15.73 22.58
N ALA I 73 -21.30 17.00 23.01
CA ALA I 73 -20.15 17.84 22.70
C ALA I 73 -19.16 17.89 23.87
N TYR I 74 -19.30 16.96 24.82
CA TYR I 74 -18.34 16.79 25.88
C TYR I 74 -17.68 15.44 25.71
N PRO I 75 -16.36 15.27 25.95
CA PRO I 75 -15.40 16.32 26.28
C PRO I 75 -14.71 16.93 25.05
N ASN I 76 -13.46 17.38 25.17
CA ASN I 76 -12.87 18.20 24.12
C ASN I 76 -12.78 17.45 22.80
N ARG I 77 -12.61 16.14 22.82
CA ARG I 77 -12.53 15.41 21.56
C ARG I 77 -13.84 15.55 20.79
N ARG I 78 -14.95 15.46 21.49
CA ARG I 78 -16.26 15.54 20.87
C ARG I 78 -16.51 16.98 20.41
N MET I 79 -16.16 17.95 21.25
CA MET I 79 -16.37 19.34 20.88
C MET I 79 -15.58 19.67 19.62
N ALA I 80 -14.38 19.13 19.50
CA ALA I 80 -13.56 19.37 18.35
C ALA I 80 -14.20 18.77 17.10
N ALA I 81 -14.77 17.57 17.25
CA ALA I 81 -15.47 16.92 16.15
C ALA I 81 -16.67 17.73 15.70
N CYS I 82 -17.40 18.30 16.65
CA CYS I 82 -18.55 19.11 16.34
C CYS I 82 -18.15 20.32 15.48
N LEU I 83 -17.06 20.98 15.86
CA LEU I 83 -16.64 22.17 15.16
C LEU I 83 -16.14 21.81 13.76
N ARG I 84 -15.55 20.63 13.63
CA ARG I 84 -15.07 20.16 12.35
C ARG I 84 -16.23 19.95 11.39
N ASP I 85 -17.30 19.36 11.90
CA ASP I 85 -18.48 19.06 11.09
C ASP I 85 -19.12 20.34 10.57
N MET I 86 -19.20 21.37 11.41
CA MET I 86 -19.79 22.62 11.02
C MET I 86 -19.00 23.21 9.85
N GLU I 87 -17.67 23.11 9.92
CA GLU I 87 -16.83 23.67 8.89
C GLU I 87 -17.04 22.89 7.59
N ILE I 88 -17.16 21.56 7.67
CA ILE I 88 -17.36 20.75 6.48
C ILE I 88 -18.66 21.12 5.79
N ILE I 89 -19.74 21.24 6.55
CA ILE I 89 -21.02 21.56 5.93
C ILE I 89 -20.92 22.91 5.23
N LEU I 90 -20.31 23.92 5.88
CA LEU I 90 -20.20 25.24 5.28
C LEU I 90 -19.39 25.20 3.99
N ARG I 91 -18.36 24.36 3.98
CA ARG I 91 -17.52 24.23 2.82
C ARG I 91 -18.36 23.79 1.63
N TYR I 92 -19.17 22.77 1.84
CA TYR I 92 -19.96 22.18 0.77
C TYR I 92 -21.08 23.10 0.32
N VAL I 93 -21.66 23.90 1.22
CA VAL I 93 -22.64 24.87 0.81
C VAL I 93 -21.99 25.90 -0.09
N SER I 94 -20.75 26.29 0.21
CA SER I 94 -20.07 27.29 -0.59
C SER I 94 -19.76 26.72 -1.97
N TYR I 95 -19.39 25.44 -2.01
CA TYR I 95 -19.14 24.78 -3.28
C TYR I 95 -20.40 24.79 -4.14
N ALA I 96 -21.54 24.48 -3.51
CA ALA I 96 -22.80 24.42 -4.20
C ALA I 96 -23.19 25.77 -4.76
N LEU I 97 -22.86 26.83 -4.02
CA LEU I 97 -23.21 28.17 -4.45
C LEU I 97 -22.41 28.58 -5.68
N LEU I 98 -21.16 28.13 -5.79
CA LEU I 98 -20.37 28.44 -6.97
C LEU I 98 -20.90 27.63 -8.15
N ALA I 99 -21.16 26.34 -7.93
CA ALA I 99 -21.68 25.46 -8.95
C ALA I 99 -23.05 25.92 -9.45
N GLY I 100 -23.90 26.42 -8.56
CA GLY I 100 -25.27 26.75 -8.94
C GLY I 100 -26.18 25.51 -8.87
N ASP I 101 -25.67 24.43 -8.27
CA ASP I 101 -26.41 23.20 -8.14
C ASP I 101 -26.05 22.53 -6.81
N ALA I 102 -27.02 21.86 -6.18
CA ALA I 102 -26.85 21.30 -4.85
C ALA I 102 -26.22 19.91 -4.89
N SER I 103 -25.92 19.40 -6.07
CA SER I 103 -25.48 18.02 -6.18
C SER I 103 -24.23 17.75 -5.35
N VAL I 104 -23.23 18.63 -5.39
CA VAL I 104 -21.98 18.38 -4.70
C VAL I 104 -22.25 18.24 -3.20
N LEU I 105 -23.18 19.06 -2.71
CA LEU I 105 -23.56 19.02 -1.30
C LEU I 105 -24.21 17.68 -1.00
N GLU I 106 -25.14 17.29 -1.87
CA GLU I 106 -25.92 16.07 -1.69
C GLU I 106 -25.06 14.82 -1.83
N ASP I 107 -24.20 14.77 -2.85
CA ASP I 107 -23.46 13.56 -3.14
C ASP I 107 -22.37 13.26 -2.11
N ARG I 108 -21.73 14.30 -1.56
CA ARG I 108 -20.57 14.05 -0.73
C ARG I 108 -20.88 14.29 0.74
N CYS I 109 -21.37 15.50 1.06
CA CYS I 109 -21.57 15.81 2.47
C CYS I 109 -22.81 15.07 3.00
N LEU I 110 -23.94 15.23 2.32
CA LEU I 110 -25.21 14.87 2.90
C LEU I 110 -25.48 13.37 2.91
N ASN I 111 -24.91 12.61 1.97
CA ASN I 111 -25.32 11.22 1.79
C ASN I 111 -24.84 10.30 2.92
N GLY I 112 -25.78 9.75 3.71
CA GLY I 112 -25.44 8.85 4.80
C GLY I 112 -25.20 9.57 6.13
N LEU I 113 -25.33 10.91 6.12
CA LEU I 113 -24.96 11.67 7.29
C LEU I 113 -25.90 11.35 8.45
N LYS I 114 -27.21 11.30 8.17
CA LYS I 114 -28.20 11.09 9.23
C LYS I 114 -27.96 9.73 9.88
N GLU I 115 -27.63 8.74 9.06
CA GLU I 115 -27.41 7.39 9.55
C GLU I 115 -26.18 7.35 10.45
N THR I 116 -25.12 8.06 10.02
CA THR I 116 -23.91 8.11 10.80
C THR I 116 -24.21 8.73 12.17
N TYR I 117 -24.95 9.83 12.16
CA TYR I 117 -25.22 10.54 13.40
C TYR I 117 -26.04 9.67 14.35
N VAL I 118 -26.99 8.92 13.81
CA VAL I 118 -27.85 8.09 14.62
C VAL I 118 -27.05 6.96 15.27
N ALA I 119 -26.14 6.35 14.52
CA ALA I 119 -25.26 5.32 15.05
C ALA I 119 -24.38 5.88 16.16
N LEU I 120 -23.81 7.08 15.95
CA LEU I 120 -22.95 7.70 16.94
C LEU I 120 -23.75 8.04 18.19
N GLY I 121 -25.02 8.40 18.01
CA GLY I 121 -25.83 8.92 19.10
C GLY I 121 -25.79 10.44 19.17
N THR I 122 -25.20 11.08 18.17
CA THR I 122 -25.25 12.53 18.00
C THR I 122 -26.69 12.94 17.78
N PRO I 123 -27.23 13.98 18.45
CA PRO I 123 -28.61 14.42 18.20
C PRO I 123 -28.76 15.22 16.90
N THR I 124 -29.46 14.63 15.91
CA THR I 124 -29.53 15.19 14.57
C THR I 124 -30.20 16.57 14.58
N ARG I 125 -31.20 16.74 15.44
CA ARG I 125 -31.91 18.00 15.48
C ARG I 125 -30.99 19.16 15.90
N SER I 126 -30.04 18.89 16.80
CA SER I 126 -29.07 19.89 17.20
C SER I 126 -28.13 20.20 16.04
N VAL I 127 -27.74 19.17 15.27
CA VAL I 127 -26.87 19.39 14.14
C VAL I 127 -27.59 20.30 13.16
N ALA I 128 -28.89 20.05 12.97
CA ALA I 128 -29.68 20.85 12.06
C ALA I 128 -29.77 22.29 12.57
N ARG I 129 -29.86 22.47 13.89
CA ARG I 129 -29.97 23.80 14.46
C ARG I 129 -28.66 24.57 14.21
N ALA I 130 -27.53 23.85 14.27
CA ALA I 130 -26.24 24.44 13.99
C ALA I 130 -26.18 24.95 12.55
N VAL I 131 -26.71 24.16 11.61
CA VAL I 131 -26.68 24.56 10.22
C VAL I 131 -27.57 25.79 9.99
N GLN I 132 -28.67 25.90 10.73
CA GLN I 132 -29.53 27.07 10.62
C GLN I 132 -28.88 28.31 11.20
N LEU I 133 -28.08 28.15 12.26
CA LEU I 133 -27.41 29.27 12.88
C LEU I 133 -26.33 29.78 11.93
N MET I 134 -25.61 28.85 11.30
CA MET I 134 -24.62 29.22 10.32
C MET I 134 -25.26 29.98 9.17
N LYS I 135 -26.44 29.53 8.75
CA LYS I 135 -27.13 30.16 7.64
C LYS I 135 -27.38 31.64 7.93
N GLU I 136 -27.89 31.96 9.11
CA GLU I 136 -28.22 33.34 9.39
C GLU I 136 -26.98 34.23 9.35
N THR I 137 -25.86 33.73 9.89
CA THR I 137 -24.62 34.49 9.90
C THR I 137 -24.12 34.68 8.47
N ALA I 138 -24.03 33.58 7.72
CA ALA I 138 -23.51 33.59 6.37
C ALA I 138 -24.34 34.54 5.51
N ILE I 139 -25.67 34.52 5.63
CA ILE I 139 -26.49 35.32 4.75
C ILE I 139 -26.17 36.80 4.99
N GLY I 140 -25.93 37.14 6.26
CA GLY I 140 -25.60 38.52 6.62
C GLY I 140 -24.36 39.00 5.89
N TYR I 141 -23.32 38.17 5.85
CA TYR I 141 -22.06 38.54 5.20
C TYR I 141 -22.24 38.73 3.70
N VAL I 142 -22.99 37.85 3.04
CA VAL I 142 -23.25 38.03 1.60
C VAL I 142 -24.02 39.33 1.40
N ASN I 143 -24.98 39.60 2.29
CA ASN I 143 -25.83 40.81 2.20
C ASN I 143 -25.03 42.09 2.40
N SER I 144 -23.98 42.06 3.22
CA SER I 144 -23.25 43.31 3.53
C SER I 144 -22.57 43.84 2.26
N PRO I 145 -22.59 45.17 2.01
CA PRO I 145 -21.97 45.76 0.83
C PRO I 145 -20.46 45.58 0.77
N SER I 146 -19.75 45.74 1.90
CA SER I 146 -18.32 45.37 1.95
C SER I 146 -17.48 46.00 0.85
N GLY I 147 -17.68 47.28 0.50
CA GLY I 147 -16.88 47.85 -0.57
C GLY I 147 -17.05 47.09 -1.88
N VAL I 148 -18.28 46.63 -2.14
CA VAL I 148 -18.63 45.94 -3.40
C VAL I 148 -19.73 46.79 -4.03
N THR I 149 -19.82 46.83 -5.36
CA THR I 149 -20.80 47.72 -5.98
C THR I 149 -22.17 47.28 -5.51
N ARG I 150 -23.03 48.23 -5.12
CA ARG I 150 -24.32 47.87 -4.51
C ARG I 150 -25.30 47.44 -5.60
N GLY I 151 -26.06 46.40 -5.33
CA GLY I 151 -27.03 45.90 -6.30
C GLY I 151 -28.05 44.99 -5.60
N ASP I 152 -28.95 44.38 -6.37
CA ASP I 152 -29.87 43.42 -5.80
C ASP I 152 -29.27 42.03 -5.90
N CYS I 153 -29.04 41.40 -4.74
CA CYS I 153 -28.45 40.07 -4.67
C CYS I 153 -29.47 39.04 -4.16
N SER I 154 -30.75 39.42 -4.20
CA SER I 154 -31.77 38.68 -3.47
C SER I 154 -31.87 37.23 -3.97
N ALA I 155 -31.83 37.05 -5.29
CA ALA I 155 -31.90 35.72 -5.86
C ALA I 155 -30.75 34.83 -5.37
N LEU I 156 -29.54 35.39 -5.27
CA LEU I 156 -28.38 34.63 -4.82
C LEU I 156 -28.55 34.27 -3.34
N VAL I 157 -29.08 35.20 -2.56
CA VAL I 157 -29.30 34.95 -1.16
C VAL I 157 -30.30 33.80 -0.98
N ASN I 158 -31.38 33.84 -1.78
CA ASN I 158 -32.40 32.80 -1.69
C ASN I 158 -31.82 31.44 -2.07
N GLU I 159 -30.97 31.40 -3.10
CA GLU I 159 -30.35 30.17 -3.53
C GLU I 159 -29.45 29.61 -2.43
N ALA I 160 -28.73 30.50 -1.74
CA ALA I 160 -27.85 30.08 -0.66
C ALA I 160 -28.70 29.50 0.45
N ALA I 161 -29.82 30.15 0.71
CA ALA I 161 -30.72 29.72 1.76
C ALA I 161 -31.19 28.29 1.51
N THR I 162 -31.52 27.97 0.26
CA THR I 162 -32.01 26.65 -0.07
C THR I 162 -30.94 25.58 0.19
N TYR I 163 -29.68 25.90 -0.10
CA TYR I 163 -28.62 24.93 0.09
C TYR I 163 -28.44 24.63 1.58
N PHE I 164 -28.51 25.68 2.40
CA PHE I 164 -28.48 25.50 3.84
C PHE I 164 -29.65 24.64 4.26
N ASP I 165 -30.84 24.95 3.72
CA ASP I 165 -32.06 24.26 4.10
C ASP I 165 -32.01 22.79 3.71
N LYS I 166 -31.45 22.48 2.54
CA LYS I 166 -31.30 21.09 2.14
C LYS I 166 -30.47 20.35 3.18
N ALA I 167 -29.36 20.95 3.58
CA ALA I 167 -28.44 20.29 4.48
C ALA I 167 -29.14 20.01 5.80
N ALA I 168 -29.90 20.99 6.28
CA ALA I 168 -30.59 20.87 7.54
C ALA I 168 -31.65 19.77 7.47
N ALA I 169 -32.40 19.73 6.38
CA ALA I 169 -33.47 18.75 6.21
C ALA I 169 -32.92 17.34 6.10
N SER I 170 -31.78 17.17 5.42
CA SER I 170 -31.15 15.87 5.31
C SER I 170 -30.77 15.38 6.70
N ILE I 171 -30.09 16.22 7.47
CA ILE I 171 -29.56 15.81 8.76
C ILE I 171 -30.73 15.50 9.69
N ALA I 172 -31.70 16.39 9.74
CA ALA I 172 -32.71 16.45 10.80
C ALA I 172 -33.30 15.07 11.09
N MET J 1 -8.13 -27.32 -6.01
CA MET J 1 -6.95 -28.23 -6.12
C MET J 1 -6.10 -27.80 -7.32
N LYS J 2 -4.79 -27.72 -7.08
CA LYS J 2 -3.83 -27.53 -8.17
C LYS J 2 -3.78 -28.78 -9.05
N THR J 3 -4.11 -28.61 -10.32
CA THR J 3 -3.89 -29.61 -11.34
C THR J 3 -3.28 -28.87 -12.53
N VAL J 4 -2.86 -29.58 -13.57
CA VAL J 4 -2.33 -28.90 -14.73
C VAL J 4 -3.42 -27.98 -15.28
N ILE J 5 -4.67 -28.49 -15.34
CA ILE J 5 -5.72 -27.76 -16.02
C ILE J 5 -6.09 -26.51 -15.23
N THR J 6 -6.25 -26.64 -13.91
CA THR J 6 -6.63 -25.48 -13.12
C THR J 6 -5.54 -24.43 -13.17
N GLU J 7 -4.27 -24.85 -13.23
CA GLU J 7 -3.17 -23.91 -13.17
C GLU J 7 -3.06 -23.08 -14.43
N VAL J 8 -3.27 -23.70 -15.58
CA VAL J 8 -3.22 -22.97 -16.83
C VAL J 8 -4.40 -21.98 -16.86
N ILE J 9 -5.59 -22.40 -16.41
CA ILE J 9 -6.74 -21.51 -16.43
C ILE J 9 -6.48 -20.34 -15.48
N ALA J 10 -5.87 -20.60 -14.33
CA ALA J 10 -5.62 -19.55 -13.36
C ALA J 10 -4.67 -18.50 -13.93
N SER J 11 -3.64 -18.96 -14.66
CA SER J 11 -2.68 -18.04 -15.25
C SER J 11 -3.39 -17.14 -16.26
N ALA J 12 -4.20 -17.74 -17.12
CA ALA J 12 -4.92 -17.00 -18.14
C ALA J 12 -5.81 -15.96 -17.48
N ASP J 13 -6.51 -16.35 -16.43
CA ASP J 13 -7.44 -15.47 -15.75
C ASP J 13 -6.70 -14.28 -15.13
N SER J 14 -5.50 -14.52 -14.60
CA SER J 14 -4.73 -13.48 -13.97
C SER J 14 -4.35 -12.40 -14.99
N GLN J 15 -4.01 -12.83 -16.20
CA GLN J 15 -3.66 -11.89 -17.25
C GLN J 15 -4.93 -11.35 -17.92
N GLY J 16 -6.07 -11.97 -17.62
CA GLY J 16 -7.34 -11.62 -18.26
C GLY J 16 -7.31 -11.97 -19.74
N ARG J 17 -6.76 -13.12 -20.08
CA ARG J 17 -6.44 -13.50 -21.45
C ARG J 17 -7.18 -14.78 -21.83
N PHE J 18 -7.54 -14.91 -23.11
CA PHE J 18 -8.08 -16.16 -23.61
C PHE J 18 -7.00 -17.25 -23.56
N LEU J 19 -7.42 -18.51 -23.43
CA LEU J 19 -6.50 -19.64 -23.47
C LEU J 19 -5.87 -19.71 -24.84
N ASN J 20 -4.55 -19.89 -24.90
CA ASN J 20 -3.82 -19.93 -26.15
C ASN J 20 -3.14 -21.30 -26.26
N ASN J 21 -2.42 -21.51 -27.37
CA ASN J 21 -1.79 -22.78 -27.70
C ASN J 21 -0.78 -23.16 -26.62
N THR J 22 -0.15 -22.16 -26.00
CA THR J 22 0.76 -22.39 -24.89
C THR J 22 0.06 -23.18 -23.78
N GLU J 23 -1.09 -22.70 -23.36
CA GLU J 23 -1.88 -23.41 -22.35
C GLU J 23 -2.38 -24.77 -22.85
N LEU J 24 -2.84 -24.84 -24.10
CA LEU J 24 -3.41 -26.08 -24.58
C LEU J 24 -2.35 -27.17 -24.70
N GLN J 25 -1.10 -26.77 -24.94
CA GLN J 25 -0.01 -27.74 -25.03
C GLN J 25 0.21 -28.36 -23.66
N ALA J 26 0.24 -27.52 -22.63
CA ALA J 26 0.34 -28.01 -21.27
C ALA J 26 -0.79 -29.00 -20.97
N ALA J 27 -2.02 -28.63 -21.32
CA ALA J 27 -3.17 -29.49 -21.11
C ALA J 27 -2.99 -30.84 -21.79
N ASN J 28 -2.40 -30.85 -22.98
CA ASN J 28 -2.20 -32.09 -23.70
C ASN J 28 -1.26 -33.01 -22.94
N GLY J 29 -0.32 -32.43 -22.21
CA GLY J 29 0.66 -33.20 -21.46
C GLY J 29 0.00 -33.94 -20.30
N ARG J 30 -0.97 -33.29 -19.69
CA ARG J 30 -1.73 -33.88 -18.61
C ARG J 30 -2.54 -35.07 -19.10
N PHE J 31 -3.15 -34.95 -20.27
CA PHE J 31 -4.05 -35.98 -20.75
C PHE J 31 -3.29 -37.19 -21.25
N GLN J 32 -2.04 -36.98 -21.67
CA GLN J 32 -1.24 -38.09 -22.15
C GLN J 32 -0.69 -38.89 -20.97
N ARG J 33 -0.31 -38.19 -19.90
CA ARG J 33 0.24 -38.83 -18.72
C ARG J 33 -0.85 -39.64 -18.02
N ALA J 34 -2.11 -39.28 -18.26
CA ALA J 34 -3.25 -39.85 -17.55
C ALA J 34 -3.30 -41.36 -17.69
N THR J 35 -2.90 -41.92 -18.81
CA THR J 35 -2.93 -43.36 -18.99
C THR J 35 -2.03 -44.08 -17.97
N ALA J 36 -0.80 -43.59 -17.79
CA ALA J 36 0.13 -44.15 -16.81
C ALA J 36 -0.38 -43.90 -15.39
N SER J 37 -0.89 -42.69 -15.15
CA SER J 37 -1.34 -42.30 -13.84
C SER J 37 -2.53 -43.15 -13.39
N MET J 38 -3.44 -43.47 -14.34
CA MET J 38 -4.59 -44.27 -14.00
C MET J 38 -4.14 -45.68 -13.63
N GLU J 39 -3.15 -46.20 -14.34
CA GLU J 39 -2.68 -47.55 -14.07
C GLU J 39 -2.09 -47.66 -12.67
N ALA J 40 -1.32 -46.65 -12.28
CA ALA J 40 -0.76 -46.58 -10.95
C ALA J 40 -1.89 -46.54 -9.92
N ALA J 41 -2.88 -45.67 -10.16
CA ALA J 41 -3.95 -45.45 -9.21
C ALA J 41 -4.75 -46.73 -8.99
N ARG J 42 -5.00 -47.48 -10.06
CA ARG J 42 -5.73 -48.73 -9.93
C ARG J 42 -4.95 -49.74 -9.11
N ALA J 43 -3.63 -49.79 -9.29
CA ALA J 43 -2.80 -50.75 -8.58
C ALA J 43 -2.73 -50.43 -7.09
N LEU J 44 -2.58 -49.16 -6.77
CA LEU J 44 -2.55 -48.73 -5.38
C LEU J 44 -3.89 -49.01 -4.73
N THR J 45 -5.00 -48.88 -5.48
CA THR J 45 -6.33 -49.06 -4.91
C THR J 45 -6.55 -50.54 -4.64
N SER J 46 -6.12 -51.38 -5.58
CA SER J 46 -6.34 -52.81 -5.43
C SER J 46 -5.56 -53.39 -4.24
N ASN J 47 -4.34 -52.90 -3.99
CA ASN J 47 -3.49 -53.45 -2.95
C ASN J 47 -3.49 -52.58 -1.69
N ALA J 48 -4.48 -51.69 -1.56
CA ALA J 48 -4.44 -50.70 -0.50
C ALA J 48 -4.54 -51.35 0.87
N ASP J 49 -5.34 -52.40 1.01
CA ASP J 49 -5.46 -53.03 2.33
C ASP J 49 -4.12 -53.62 2.73
N SER J 50 -3.47 -54.37 1.82
CA SER J 50 -2.20 -54.99 2.12
C SER J 50 -1.11 -53.94 2.33
N LEU J 51 -1.15 -52.86 1.55
CA LEU J 51 -0.12 -51.84 1.67
C LEU J 51 -0.16 -51.23 3.07
N VAL J 52 -1.37 -50.96 3.55
CA VAL J 52 -1.53 -50.31 4.83
C VAL J 52 -1.13 -51.26 5.95
N LYS J 53 -1.51 -52.53 5.87
CA LYS J 53 -1.20 -53.43 6.98
C LYS J 53 0.30 -53.56 7.16
N GLY J 54 1.01 -53.73 6.04
CA GLY J 54 2.44 -53.87 6.07
C GLY J 54 3.10 -52.59 6.55
N ALA J 55 2.57 -51.44 6.16
CA ALA J 55 3.18 -50.17 6.51
C ALA J 55 3.12 -49.99 8.00
N VAL J 56 2.00 -50.37 8.62
CA VAL J 56 1.82 -50.17 10.04
C VAL J 56 2.78 -51.09 10.78
N GLN J 57 2.92 -52.32 10.30
CA GLN J 57 3.77 -53.28 10.96
C GLN J 57 5.22 -52.85 10.86
N GLU J 58 5.59 -52.26 9.73
CA GLU J 58 6.96 -51.79 9.50
C GLU J 58 7.28 -50.71 10.51
N VAL J 59 6.35 -49.80 10.78
CA VAL J 59 6.60 -48.74 11.74
C VAL J 59 6.86 -49.38 13.10
N TYR J 60 6.12 -50.41 13.45
CA TYR J 60 6.29 -51.03 14.75
C TYR J 60 7.62 -51.75 14.80
N ASN J 61 8.09 -52.30 13.68
CA ASN J 61 9.38 -52.97 13.67
C ASN J 61 10.52 -51.96 13.70
N LYS J 62 10.37 -50.85 13.00
CA LYS J 62 11.43 -49.85 12.92
C LYS J 62 11.58 -49.14 14.27
N PHE J 63 10.46 -48.90 14.97
CA PHE J 63 10.51 -48.30 16.29
C PHE J 63 9.84 -49.22 17.29
N PRO J 64 10.53 -50.26 17.77
CA PRO J 64 9.93 -51.21 18.71
C PRO J 64 9.32 -50.62 19.97
N TYR J 65 9.82 -49.46 20.41
CA TYR J 65 9.38 -48.87 21.66
C TYR J 65 7.89 -48.51 21.59
N LEU J 66 7.42 -48.07 20.42
CA LEU J 66 6.05 -47.58 20.31
C LEU J 66 5.06 -48.61 20.84
N THR J 67 5.35 -49.88 20.61
CA THR J 67 4.43 -50.95 20.93
C THR J 67 4.39 -51.19 22.42
N GLN J 68 5.43 -50.78 23.15
CA GLN J 68 5.50 -51.02 24.59
C GLN J 68 4.49 -50.15 25.33
N PRO J 69 3.98 -50.57 26.51
CA PRO J 69 2.92 -49.85 27.22
C PRO J 69 3.30 -48.44 27.66
N GLY J 70 2.33 -47.53 27.60
CA GLY J 70 2.56 -46.13 27.90
C GLY J 70 3.15 -45.38 26.71
N GLN J 71 3.14 -46.01 25.52
CA GLN J 71 3.73 -45.42 24.33
C GLN J 71 2.64 -45.29 23.27
N MET J 72 2.86 -44.41 22.30
CA MET J 72 1.79 -44.03 21.42
C MET J 72 1.41 -45.19 20.50
N GLY J 73 2.30 -46.15 20.27
CA GLY J 73 1.93 -47.28 19.43
C GLY J 73 1.00 -48.27 20.15
N TYR J 74 0.99 -48.22 21.48
CA TYR J 74 0.32 -49.23 22.27
C TYR J 74 -1.18 -49.01 22.29
N GLY J 75 -1.94 -50.12 22.31
CA GLY J 75 -3.38 -50.05 22.51
C GLY J 75 -4.17 -49.91 21.21
N ASP J 76 -5.42 -50.38 21.23
CA ASP J 76 -6.21 -50.59 20.03
C ASP J 76 -6.56 -49.27 19.34
N THR J 77 -6.94 -48.28 20.13
CA THR J 77 -7.33 -46.99 19.57
C THR J 77 -6.14 -46.40 18.82
N ASN J 78 -4.96 -46.50 19.42
CA ASN J 78 -3.75 -45.92 18.87
C ASN J 78 -3.39 -46.65 17.59
N GLN J 79 -3.48 -47.98 17.61
CA GLN J 79 -3.14 -48.76 16.44
C GLN J 79 -4.14 -48.50 15.30
N ALA J 80 -5.41 -48.29 15.68
CA ALA J 80 -6.46 -48.04 14.72
C ALA J 80 -6.24 -46.70 14.04
N LYS J 81 -5.81 -45.71 14.81
CA LYS J 81 -5.57 -44.39 14.28
C LYS J 81 -4.37 -44.42 13.34
N CYS J 82 -3.41 -45.31 13.60
CA CYS J 82 -2.28 -45.47 12.70
C CYS J 82 -2.78 -45.93 11.34
N ALA J 83 -3.56 -47.01 11.34
CA ALA J 83 -4.03 -47.59 10.09
C ALA J 83 -4.88 -46.59 9.33
N ARG J 84 -5.68 -45.80 10.05
CA ARG J 84 -6.49 -44.77 9.44
C ARG J 84 -5.61 -43.75 8.74
N ASP J 85 -4.51 -43.33 9.38
CA ASP J 85 -3.72 -42.25 8.85
C ASP J 85 -2.96 -42.69 7.61
N ILE J 86 -2.42 -43.91 7.64
CA ILE J 86 -1.73 -44.41 6.47
C ILE J 86 -2.73 -44.56 5.35
N SER J 87 -3.93 -45.05 5.66
CA SER J 87 -4.94 -45.16 4.63
C SER J 87 -5.24 -43.80 4.01
N HIS J 88 -5.31 -42.74 4.82
CA HIS J 88 -5.56 -41.42 4.27
C HIS J 88 -4.50 -41.06 3.25
N TYR J 89 -3.24 -41.30 3.61
CA TYR J 89 -2.13 -40.96 2.73
C TYR J 89 -2.28 -41.70 1.41
N LEU J 90 -2.55 -42.99 1.44
CA LEU J 90 -2.71 -43.73 0.20
C LEU J 90 -3.86 -43.16 -0.65
N ARG J 91 -4.98 -42.84 0.01
CA ARG J 91 -6.15 -42.34 -0.69
C ARG J 91 -5.82 -41.04 -1.40
N PHE J 92 -5.13 -40.14 -0.75
CA PHE J 92 -4.78 -38.86 -1.35
C PHE J 92 -3.70 -38.99 -2.41
N ILE J 93 -2.90 -40.04 -2.34
CA ILE J 93 -1.95 -40.31 -3.41
C ILE J 93 -2.71 -40.76 -4.67
N THR J 94 -3.66 -41.70 -4.52
CA THR J 94 -4.42 -42.13 -5.69
C THR J 94 -5.23 -40.97 -6.25
N TYR J 95 -5.73 -40.08 -5.39
CA TYR J 95 -6.50 -38.94 -5.87
C TYR J 95 -5.62 -38.06 -6.73
N SER J 96 -4.37 -37.84 -6.29
CA SER J 96 -3.43 -36.99 -6.99
C SER J 96 -3.05 -37.58 -8.33
N LEU J 97 -2.89 -38.90 -8.37
CA LEU J 97 -2.66 -39.56 -9.65
C LEU J 97 -3.79 -39.29 -10.62
N VAL J 98 -5.03 -39.47 -10.20
CA VAL J 98 -6.17 -39.26 -11.08
C VAL J 98 -6.36 -37.78 -11.45
N ALA J 99 -6.10 -36.88 -10.51
CA ALA J 99 -6.35 -35.47 -10.73
C ALA J 99 -5.34 -34.87 -11.70
N GLY J 100 -4.14 -35.45 -11.79
CA GLY J 100 -3.13 -34.87 -12.63
C GLY J 100 -2.48 -33.66 -11.95
N GLY J 101 -2.39 -33.70 -10.61
CA GLY J 101 -1.64 -32.71 -9.89
C GLY J 101 -1.38 -33.15 -8.47
N THR J 102 -0.56 -32.38 -7.77
CA THR J 102 -0.26 -32.65 -6.38
C THR J 102 -1.31 -31.97 -5.50
N GLY J 103 -2.27 -31.27 -6.11
CA GLY J 103 -3.23 -30.46 -5.41
C GLY J 103 -4.04 -31.21 -4.37
N PRO J 104 -4.58 -32.40 -4.66
CA PRO J 104 -5.28 -33.17 -3.64
C PRO J 104 -4.41 -33.39 -2.41
N LEU J 105 -3.16 -33.79 -2.62
CA LEU J 105 -2.26 -34.00 -1.48
C LEU J 105 -1.99 -32.69 -0.75
N ASP J 106 -1.83 -31.62 -1.50
CA ASP J 106 -1.50 -30.34 -0.92
C ASP J 106 -2.61 -29.78 -0.02
N ASP J 107 -3.86 -29.87 -0.49
CA ASP J 107 -4.98 -29.31 0.23
C ASP J 107 -5.38 -30.16 1.43
N TYR J 108 -5.39 -31.48 1.28
CA TYR J 108 -5.87 -32.33 2.36
C TYR J 108 -4.76 -32.64 3.36
N ILE J 109 -3.54 -32.96 2.93
CA ILE J 109 -2.53 -33.39 3.88
C ILE J 109 -1.54 -32.26 4.19
N VAL J 110 -0.94 -31.66 3.17
CA VAL J 110 0.27 -30.88 3.39
C VAL J 110 -0.05 -29.58 4.14
N ALA J 111 -1.17 -28.93 3.82
CA ALA J 111 -1.51 -27.69 4.52
C ALA J 111 -1.88 -27.99 5.97
N GLY J 112 -1.20 -27.34 6.92
CA GLY J 112 -1.48 -27.48 8.35
C GLY J 112 -0.80 -28.69 8.99
N LEU J 113 -0.01 -29.44 8.21
CA LEU J 113 0.53 -30.72 8.68
C LEU J 113 1.40 -30.56 9.92
N ARG J 114 2.27 -29.56 9.89
CA ARG J 114 3.29 -29.38 10.92
C ARG J 114 2.63 -29.00 12.25
N GLU J 115 1.61 -28.14 12.20
CA GLU J 115 0.93 -27.68 13.40
C GLU J 115 0.14 -28.83 14.03
N VAL J 116 -0.50 -29.62 13.20
CA VAL J 116 -1.29 -30.72 13.68
C VAL J 116 -0.36 -31.74 14.33
N ASN J 117 0.79 -32.01 13.70
CA ASN J 117 1.66 -33.07 14.14
C ASN J 117 2.30 -32.69 15.46
N ARG J 118 2.59 -31.40 15.62
CA ARG J 118 3.17 -30.90 16.86
C ARG J 118 2.18 -31.06 18.01
N THR J 119 0.95 -30.62 17.81
CA THR J 119 -0.05 -30.64 18.86
C THR J 119 -0.36 -32.06 19.31
N PHE J 120 -0.43 -32.99 18.35
CA PHE J 120 -0.81 -34.35 18.69
C PHE J 120 0.43 -35.20 18.92
N ASN J 121 1.62 -34.60 18.85
CA ASN J 121 2.88 -35.28 19.10
C ASN J 121 3.03 -36.49 18.16
N LEU J 122 2.76 -36.28 16.88
CA LEU J 122 2.92 -37.31 15.89
C LEU J 122 4.24 -37.06 15.16
N SER J 123 5.16 -38.04 15.20
CA SER J 123 6.47 -37.89 14.58
C SER J 123 6.39 -38.02 13.08
N PRO J 124 7.00 -37.11 12.31
CA PRO J 124 7.08 -37.26 10.86
C PRO J 124 7.81 -38.53 10.44
N SER J 125 8.74 -38.99 11.27
CA SER J 125 9.52 -40.18 10.98
C SER J 125 8.69 -41.46 10.92
N TRP J 126 7.59 -41.54 11.65
CA TRP J 126 6.77 -42.73 11.59
C TRP J 126 6.06 -42.80 10.25
N TYR J 127 5.56 -41.66 9.79
CA TYR J 127 4.87 -41.61 8.53
C TYR J 127 5.87 -41.91 7.42
N ILE J 128 7.06 -41.33 7.52
CA ILE J 128 8.07 -41.49 6.49
C ILE J 128 8.47 -42.95 6.39
N GLU J 129 8.55 -43.64 7.52
CA GLU J 129 8.85 -45.05 7.57
C GLU J 129 7.82 -45.88 6.82
N ALA J 130 6.54 -45.53 7.01
CA ALA J 130 5.45 -46.24 6.39
C ALA J 130 5.45 -45.98 4.90
N LEU J 131 5.61 -44.73 4.49
CA LEU J 131 5.59 -44.37 3.08
C LEU J 131 6.72 -45.07 2.36
N LYS J 132 7.90 -45.15 2.96
CA LYS J 132 9.03 -45.83 2.35
C LYS J 132 8.77 -47.31 2.18
N HIS J 133 8.01 -47.90 3.11
CA HIS J 133 7.67 -49.31 2.98
C HIS J 133 6.76 -49.49 1.78
N ILE J 134 5.79 -48.58 1.65
CA ILE J 134 4.82 -48.64 0.57
C ILE J 134 5.54 -48.52 -0.77
N LYS J 135 6.51 -47.60 -0.82
CA LYS J 135 7.23 -47.30 -2.04
C LYS J 135 7.96 -48.55 -2.53
N GLY J 136 8.53 -49.32 -1.61
CA GLY J 136 9.18 -50.56 -1.97
C GLY J 136 8.20 -51.60 -2.53
N LYS J 137 7.00 -51.70 -1.96
CA LYS J 137 6.02 -52.69 -2.38
C LYS J 137 5.41 -52.28 -3.71
N VAL J 138 5.18 -50.98 -3.88
CA VAL J 138 4.64 -50.47 -5.12
C VAL J 138 5.62 -50.79 -6.24
N GLY J 139 6.92 -50.65 -5.96
CA GLY J 139 7.95 -50.91 -6.94
C GLY J 139 7.88 -52.33 -7.49
N SER J 140 7.47 -53.28 -6.65
CA SER J 140 7.24 -54.64 -7.10
C SER J 140 6.02 -54.71 -8.02
N GLN J 141 4.96 -53.95 -7.71
CA GLN J 141 3.69 -54.04 -8.42
C GLN J 141 3.74 -53.35 -9.78
N LEU J 142 4.42 -52.20 -9.87
CA LEU J 142 4.36 -51.36 -11.06
C LEU J 142 5.73 -51.28 -11.72
N SER J 143 5.75 -50.95 -13.01
CA SER J 143 6.99 -50.76 -13.74
C SER J 143 6.87 -49.57 -14.70
N GLY J 144 8.02 -49.03 -15.10
CA GLY J 144 8.06 -48.01 -16.14
C GLY J 144 7.38 -46.73 -15.69
N GLN J 145 6.61 -46.15 -16.61
CA GLN J 145 6.09 -44.81 -16.40
C GLN J 145 5.00 -44.82 -15.33
N PRO J 146 4.15 -45.86 -15.21
CA PRO J 146 3.25 -45.99 -14.06
C PRO J 146 4.02 -45.88 -12.74
N LEU J 147 5.14 -46.62 -12.67
CA LEU J 147 5.95 -46.62 -11.46
C LEU J 147 6.51 -45.25 -11.16
N THR J 148 6.86 -44.53 -12.21
CA THR J 148 7.49 -43.23 -12.05
C THR J 148 6.46 -42.26 -11.47
N GLU J 149 5.22 -42.33 -11.95
CA GLU J 149 4.13 -41.50 -11.47
C GLU J 149 3.89 -41.76 -9.97
N ALA J 150 3.75 -43.04 -9.63
CA ALA J 150 3.49 -43.44 -8.27
C ALA J 150 4.58 -42.89 -7.35
N ASN J 151 5.85 -43.11 -7.76
CA ASN J 151 6.99 -42.76 -6.94
C ASN J 151 7.03 -41.26 -6.67
N ALA J 152 6.60 -40.46 -7.65
CA ALA J 152 6.65 -39.02 -7.51
C ALA J 152 5.73 -38.51 -6.42
N TYR J 153 4.53 -39.09 -6.32
CA TYR J 153 3.55 -38.65 -5.34
C TYR J 153 3.92 -39.16 -3.95
N ILE J 154 4.48 -40.37 -3.85
CA ILE J 154 4.96 -40.81 -2.55
C ILE J 154 6.14 -39.95 -2.09
N ASP J 155 7.01 -39.56 -3.04
CA ASP J 155 8.17 -38.74 -2.73
C ASP J 155 7.77 -37.33 -2.28
N TYR J 156 6.71 -36.81 -2.88
CA TYR J 156 6.22 -35.51 -2.50
C TYR J 156 5.83 -35.49 -1.02
N CYS J 157 5.15 -36.55 -0.60
CA CYS J 157 4.72 -36.70 0.78
C CYS J 157 5.92 -36.78 1.71
N ILE J 158 6.89 -37.60 1.32
CA ILE J 158 8.07 -37.80 2.14
C ILE J 158 8.81 -36.49 2.32
N ASN J 159 8.95 -35.69 1.27
CA ASN J 159 9.61 -34.40 1.40
C ASN J 159 8.81 -33.45 2.28
N ALA J 160 7.48 -33.51 2.22
CA ALA J 160 6.64 -32.62 3.00
C ALA J 160 6.73 -32.96 4.49
N LEU J 161 6.84 -34.25 4.77
CA LEU J 161 7.00 -34.73 6.14
C LEU J 161 8.40 -34.37 6.63
N SER J 162 9.37 -34.45 5.72
CA SER J 162 10.74 -34.09 6.05
C SER J 162 10.88 -32.55 6.13
N MET K 1 -10.26 -23.36 -7.48
CA MET K 1 -10.95 -23.68 -8.75
C MET K 1 -11.21 -25.19 -8.83
N GLN K 2 -12.10 -25.61 -9.72
CA GLN K 2 -12.41 -27.02 -9.85
C GLN K 2 -12.34 -27.43 -11.32
N ASP K 3 -12.04 -28.71 -11.57
CA ASP K 3 -12.13 -29.29 -12.90
C ASP K 3 -12.88 -30.61 -12.75
N ALA K 4 -13.14 -31.31 -13.84
CA ALA K 4 -13.97 -32.50 -13.77
C ALA K 4 -13.34 -33.58 -12.88
N PHE K 5 -12.02 -33.73 -13.00
CA PHE K 5 -11.29 -34.71 -12.22
C PHE K 5 -11.36 -34.31 -10.75
N THR K 6 -11.07 -33.05 -10.47
CA THR K 6 -11.04 -32.57 -9.10
C THR K 6 -12.41 -32.73 -8.45
N LYS K 7 -13.48 -32.57 -9.22
CA LYS K 7 -14.82 -32.67 -8.68
C LYS K 7 -15.12 -34.09 -8.22
N ALA K 8 -14.66 -35.08 -8.98
CA ALA K 8 -14.89 -36.47 -8.61
C ALA K 8 -14.17 -36.87 -7.32
N ILE K 9 -12.96 -36.32 -7.13
CA ILE K 9 -12.15 -36.59 -5.95
C ILE K 9 -12.84 -36.03 -4.73
N VAL K 10 -13.38 -34.81 -4.85
CA VAL K 10 -14.00 -34.16 -3.71
C VAL K 10 -15.20 -34.96 -3.22
N ALA K 11 -15.95 -35.53 -4.16
CA ALA K 11 -17.09 -36.36 -3.81
C ALA K 11 -16.63 -37.61 -3.08
N ALA K 12 -15.58 -38.25 -3.60
CA ALA K 12 -15.10 -39.49 -3.01
C ALA K 12 -14.54 -39.24 -1.62
N ASP K 13 -13.90 -38.08 -1.45
CA ASP K 13 -13.35 -37.71 -0.17
C ASP K 13 -14.45 -37.59 0.88
N LEU K 14 -15.59 -36.99 0.54
CA LEU K 14 -16.67 -36.83 1.51
C LEU K 14 -17.19 -38.19 1.95
N ARG K 15 -17.18 -39.18 1.04
CA ARG K 15 -17.50 -40.54 1.42
C ARG K 15 -16.34 -41.16 2.19
N GLY K 16 -15.15 -40.53 2.10
CA GLY K 16 -13.93 -41.05 2.69
C GLY K 16 -13.48 -42.35 2.06
N SER K 17 -13.65 -42.49 0.74
CA SER K 17 -13.39 -43.75 0.08
C SER K 17 -12.47 -43.57 -1.12
N PHE K 18 -11.78 -44.66 -1.50
CA PHE K 18 -11.08 -44.72 -2.76
C PHE K 18 -12.07 -44.58 -3.91
N LEU K 19 -11.66 -43.86 -4.98
CA LEU K 19 -12.55 -43.65 -6.11
C LEU K 19 -13.03 -45.02 -6.60
N SER K 20 -14.34 -45.09 -6.89
CA SER K 20 -14.97 -46.30 -7.38
C SER K 20 -14.63 -46.53 -8.85
N GLU K 21 -14.75 -47.79 -9.30
CA GLU K 21 -14.43 -48.14 -10.67
C GLU K 21 -15.37 -47.42 -11.62
N GLN K 22 -16.63 -47.22 -11.23
CA GLN K 22 -17.57 -46.45 -12.01
C GLN K 22 -17.11 -45.00 -12.14
N GLU K 23 -16.66 -44.40 -11.05
CA GLU K 23 -16.15 -43.04 -11.09
C GLU K 23 -14.92 -42.97 -12.01
N LEU K 24 -14.06 -43.98 -11.87
CA LEU K 24 -12.86 -44.04 -12.67
C LEU K 24 -13.24 -44.12 -14.15
N ASN K 25 -14.26 -44.92 -14.48
CA ASN K 25 -14.68 -45.09 -15.86
C ASN K 25 -15.06 -43.75 -16.50
N GLN K 26 -15.78 -42.92 -15.75
CA GLN K 26 -16.18 -41.64 -16.33
C GLN K 26 -14.93 -40.83 -16.66
N LEU K 27 -13.95 -40.84 -15.76
CA LEU K 27 -12.74 -40.06 -15.94
C LEU K 27 -11.96 -40.58 -17.14
N THR K 28 -11.93 -41.90 -17.32
CA THR K 28 -11.21 -42.50 -18.43
C THR K 28 -11.80 -42.01 -19.76
N ASN K 29 -13.15 -41.91 -19.80
CA ASN K 29 -13.85 -41.46 -20.99
C ASN K 29 -13.51 -40.00 -21.26
N LEU K 30 -13.35 -39.19 -20.22
CA LEU K 30 -12.98 -37.79 -20.39
C LEU K 30 -11.60 -37.69 -21.03
N VAL K 31 -10.67 -38.57 -20.65
CA VAL K 31 -9.33 -38.55 -21.21
C VAL K 31 -9.40 -39.00 -22.67
N LYS K 32 -10.27 -39.96 -22.95
CA LYS K 32 -10.42 -40.48 -24.31
C LYS K 32 -10.91 -39.38 -25.28
N GLU K 33 -11.79 -38.49 -24.80
CA GLU K 33 -12.36 -37.46 -25.65
C GLU K 33 -11.61 -36.14 -25.54
N SER K 34 -10.43 -36.14 -24.92
CA SER K 34 -9.75 -34.90 -24.56
C SER K 34 -9.24 -34.13 -25.78
N ASN K 35 -8.88 -34.85 -26.84
CA ASN K 35 -8.41 -34.25 -28.05
C ASN K 35 -9.53 -33.41 -28.66
N LYS K 36 -10.73 -33.98 -28.74
CA LYS K 36 -11.87 -33.24 -29.28
C LYS K 36 -12.17 -32.03 -28.41
N ARG K 37 -12.05 -32.18 -27.10
CA ARG K 37 -12.30 -31.07 -26.21
C ARG K 37 -11.30 -29.95 -26.49
N LEU K 38 -10.03 -30.30 -26.73
CA LEU K 38 -8.99 -29.32 -26.98
C LEU K 38 -9.28 -28.58 -28.28
N ASP K 39 -9.75 -29.30 -29.28
CA ASP K 39 -10.15 -28.68 -30.52
C ASP K 39 -11.27 -27.67 -30.31
N ALA K 40 -12.28 -28.02 -29.51
CA ALA K 40 -13.37 -27.11 -29.26
C ALA K 40 -12.90 -25.84 -28.55
N VAL K 41 -12.04 -25.97 -27.54
CA VAL K 41 -11.53 -24.81 -26.83
C VAL K 41 -10.77 -23.91 -27.81
N ASN K 42 -10.06 -24.54 -28.74
CA ASN K 42 -9.25 -23.82 -29.70
C ASN K 42 -10.14 -23.00 -30.61
N ALA K 43 -11.28 -23.59 -31.01
CA ALA K 43 -12.18 -22.95 -31.95
C ALA K 43 -12.73 -21.65 -31.38
N ILE K 44 -13.02 -21.63 -30.08
CA ILE K 44 -13.56 -20.43 -29.50
C ILE K 44 -12.46 -19.38 -29.42
N THR K 45 -11.27 -19.74 -28.97
CA THR K 45 -10.22 -18.74 -28.79
C THR K 45 -9.78 -18.16 -30.13
N GLY K 46 -9.72 -19.01 -31.15
CA GLY K 46 -9.25 -18.58 -32.45
C GLY K 46 -10.24 -17.62 -33.12
N ASN K 47 -11.53 -17.75 -32.77
CA ASN K 47 -12.55 -16.93 -33.40
C ASN K 47 -13.17 -15.95 -32.41
N ALA K 48 -12.50 -15.68 -31.29
CA ALA K 48 -13.15 -14.98 -30.20
C ALA K 48 -13.61 -13.59 -30.60
N ALA K 49 -12.76 -12.83 -31.29
CA ALA K 49 -13.10 -11.46 -31.68
C ALA K 49 -14.27 -11.47 -32.65
N GLU K 50 -14.32 -12.45 -33.54
CA GLU K 50 -15.42 -12.54 -34.50
C GLU K 50 -16.73 -12.88 -33.80
N ILE K 51 -16.66 -13.78 -32.81
CA ILE K 51 -17.84 -14.20 -32.09
C ILE K 51 -18.46 -12.96 -31.44
N ILE K 52 -17.66 -12.16 -30.73
CA ILE K 52 -18.19 -11.02 -30.02
C ILE K 52 -18.74 -9.99 -31.02
N SER K 53 -18.00 -9.74 -32.08
CA SER K 53 -18.43 -8.75 -33.05
C SER K 53 -19.77 -9.17 -33.68
N ASP K 54 -19.87 -10.43 -34.07
CA ASP K 54 -21.06 -10.91 -34.76
C ASP K 54 -22.28 -10.81 -33.84
N ALA K 55 -22.07 -11.12 -32.57
CA ALA K 55 -23.14 -11.03 -31.58
C ALA K 55 -23.57 -9.58 -31.42
N ALA K 56 -22.58 -8.69 -31.28
CA ALA K 56 -22.87 -7.29 -31.07
C ALA K 56 -23.71 -6.73 -32.22
N HIS K 57 -23.34 -7.06 -33.46
CA HIS K 57 -24.10 -6.54 -34.58
C HIS K 57 -25.55 -7.02 -34.51
N LYS K 58 -25.76 -8.27 -34.13
CA LYS K 58 -27.10 -8.83 -34.09
C LYS K 58 -27.89 -8.20 -32.95
N LEU K 59 -27.24 -7.99 -31.81
CA LEU K 59 -27.95 -7.47 -30.65
C LEU K 59 -28.46 -6.07 -30.98
N PHE K 60 -27.63 -5.22 -31.59
CA PHE K 60 -27.97 -3.83 -31.80
C PHE K 60 -28.95 -3.70 -32.93
N ALA K 61 -29.03 -4.66 -33.83
CA ALA K 61 -30.09 -4.66 -34.83
C ALA K 61 -31.43 -5.04 -34.21
N GLU K 62 -31.41 -6.03 -33.31
CA GLU K 62 -32.60 -6.47 -32.60
C GLU K 62 -33.12 -5.35 -31.68
N GLN K 63 -32.23 -4.72 -30.91
CA GLN K 63 -32.63 -3.72 -29.93
C GLN K 63 -32.02 -2.37 -30.28
N THR K 64 -32.70 -1.62 -31.15
CA THR K 64 -32.26 -0.30 -31.53
C THR K 64 -32.21 0.62 -30.29
N ASP K 65 -33.08 0.38 -29.34
CA ASP K 65 -33.21 1.28 -28.20
C ASP K 65 -31.90 1.38 -27.41
N LEU K 66 -31.12 0.32 -27.34
CA LEU K 66 -29.93 0.36 -26.48
C LEU K 66 -28.91 1.36 -26.99
N ILE K 67 -28.87 1.54 -28.30
CA ILE K 67 -27.87 2.38 -28.96
C ILE K 67 -28.38 3.80 -29.11
N ARG K 68 -29.68 4.03 -28.97
CA ARG K 68 -30.19 5.40 -29.01
C ARG K 68 -29.83 6.12 -27.71
N PRO K 69 -29.90 7.47 -27.66
CA PRO K 69 -29.71 8.22 -26.40
C PRO K 69 -30.75 7.86 -25.35
N GLY K 70 -30.26 7.57 -24.15
CA GLY K 70 -31.10 7.01 -23.09
C GLY K 70 -30.95 5.49 -22.98
N GLY K 71 -30.41 4.86 -24.04
CA GLY K 71 -30.16 3.43 -24.02
C GLY K 71 -28.94 3.08 -23.16
N ASN K 72 -28.81 1.82 -22.76
CA ASN K 72 -27.72 1.48 -21.87
C ASN K 72 -26.42 1.33 -22.65
N ALA K 73 -26.50 1.14 -23.97
CA ALA K 73 -25.29 1.05 -24.77
C ALA K 73 -24.89 2.39 -25.37
N TYR K 74 -25.54 3.47 -24.97
CA TYR K 74 -25.14 4.80 -25.35
C TYR K 74 -24.60 5.50 -24.12
N PRO K 75 -23.56 6.35 -24.19
CA PRO K 75 -22.74 6.63 -25.38
C PRO K 75 -21.53 5.70 -25.52
N ASN K 76 -20.44 6.15 -26.12
CA ASN K 76 -19.31 5.29 -26.44
C ASN K 76 -18.77 4.57 -25.21
N ARG K 77 -18.78 5.25 -24.05
CA ARG K 77 -18.25 4.64 -22.85
C ARG K 77 -19.06 3.40 -22.50
N ARG K 78 -20.37 3.48 -22.63
CA ARG K 78 -21.22 2.37 -22.27
C ARG K 78 -21.10 1.27 -23.31
N MET K 79 -21.06 1.64 -24.57
CA MET K 79 -20.88 0.64 -25.61
C MET K 79 -19.60 -0.15 -25.40
N ALA K 80 -18.54 0.54 -25.00
CA ALA K 80 -17.28 -0.11 -24.73
C ALA K 80 -17.40 -1.08 -23.57
N ALA K 81 -18.12 -0.68 -22.51
CA ALA K 81 -18.32 -1.53 -21.35
C ALA K 81 -19.12 -2.78 -21.73
N CYS K 82 -20.12 -2.61 -22.60
CA CYS K 82 -20.93 -3.73 -23.03
C CYS K 82 -20.08 -4.76 -23.78
N LEU K 83 -19.18 -4.30 -24.64
CA LEU K 83 -18.35 -5.19 -25.41
C LEU K 83 -17.35 -5.89 -24.51
N ARG K 84 -16.91 -5.21 -23.47
CA ARG K 84 -16.00 -5.77 -22.51
C ARG K 84 -16.66 -6.93 -21.78
N ASP K 85 -17.91 -6.73 -21.37
CA ASP K 85 -18.65 -7.74 -20.63
C ASP K 85 -18.82 -9.01 -21.46
N MET K 86 -19.14 -8.84 -22.74
CA MET K 86 -19.35 -9.99 -23.60
C MET K 86 -18.07 -10.79 -23.71
N GLU K 87 -16.94 -10.11 -23.79
CA GLU K 87 -15.65 -10.77 -23.91
C GLU K 87 -15.35 -11.53 -22.62
N ILE K 88 -15.66 -10.95 -21.46
CA ILE K 88 -15.42 -11.62 -20.19
C ILE K 88 -16.25 -12.88 -20.11
N ILE K 89 -17.52 -12.82 -20.44
CA ILE K 89 -18.37 -14.00 -20.34
C ILE K 89 -17.82 -15.09 -21.25
N LEU K 90 -17.43 -14.75 -22.48
CA LEU K 90 -16.93 -15.75 -23.42
C LEU K 90 -15.65 -16.39 -22.89
N ARG K 91 -14.82 -15.60 -22.24
CA ARG K 91 -13.57 -16.09 -21.72
C ARG K 91 -13.87 -17.19 -20.72
N TYR K 92 -14.80 -16.93 -19.80
CA TYR K 92 -15.11 -17.87 -18.75
C TYR K 92 -15.80 -19.12 -19.28
N VAL K 93 -16.62 -18.99 -20.31
CA VAL K 93 -17.23 -20.18 -20.90
C VAL K 93 -16.14 -21.06 -21.51
N SER K 94 -15.13 -20.44 -22.11
CA SER K 94 -14.07 -21.20 -22.74
C SER K 94 -13.24 -21.90 -21.67
N TYR K 95 -13.03 -21.23 -20.54
CA TYR K 95 -12.33 -21.83 -19.43
C TYR K 95 -13.09 -23.04 -18.93
N ALA K 96 -14.41 -22.92 -18.81
CA ALA K 96 -15.26 -23.97 -18.31
C ALA K 96 -15.22 -25.18 -19.22
N LEU K 97 -15.12 -24.93 -20.53
CA LEU K 97 -15.09 -26.02 -21.48
C LEU K 97 -13.80 -26.81 -21.37
N LEU K 98 -12.68 -26.14 -21.06
CA LEU K 98 -11.42 -26.84 -20.87
C LEU K 98 -11.47 -27.63 -19.58
N ALA K 99 -11.95 -26.99 -18.51
CA ALA K 99 -12.07 -27.62 -17.20
C ALA K 99 -13.03 -28.81 -17.24
N GLY K 100 -14.12 -28.72 -18.01
CA GLY K 100 -15.13 -29.77 -18.00
C GLY K 100 -16.11 -29.58 -16.85
N ASP K 101 -16.04 -28.41 -16.19
CA ASP K 101 -16.89 -28.11 -15.06
C ASP K 101 -17.25 -26.62 -15.09
N ALA K 102 -18.47 -26.29 -14.69
CA ALA K 102 -18.98 -24.93 -14.77
C ALA K 102 -18.62 -24.12 -13.51
N SER K 103 -17.89 -24.71 -12.57
CA SER K 103 -17.67 -24.02 -11.31
C SER K 103 -16.91 -22.71 -11.52
N VAL K 104 -15.88 -22.75 -12.37
CA VAL K 104 -15.04 -21.59 -12.61
C VAL K 104 -15.90 -20.48 -13.19
N LEU K 105 -16.86 -20.85 -14.03
CA LEU K 105 -17.77 -19.89 -14.64
C LEU K 105 -18.63 -19.25 -13.56
N GLU K 106 -19.17 -20.09 -12.66
CA GLU K 106 -20.03 -19.61 -11.60
C GLU K 106 -19.26 -18.74 -10.61
N ASP K 107 -18.10 -19.19 -10.16
CA ASP K 107 -17.46 -18.53 -9.03
C ASP K 107 -16.81 -17.21 -9.42
N ARG K 108 -16.28 -17.11 -10.63
CA ARG K 108 -15.52 -15.94 -11.01
C ARG K 108 -16.37 -14.95 -11.82
N CYS K 109 -17.23 -15.43 -12.71
CA CYS K 109 -17.99 -14.55 -13.57
C CYS K 109 -19.39 -14.33 -13.00
N LEU K 110 -20.12 -15.43 -12.77
CA LEU K 110 -21.57 -15.35 -12.63
C LEU K 110 -22.00 -14.84 -11.26
N ASN K 111 -21.18 -15.03 -10.22
CA ASN K 111 -21.57 -14.68 -8.85
C ASN K 111 -21.63 -13.17 -8.63
N GLY K 112 -22.84 -12.68 -8.35
CA GLY K 112 -23.05 -11.26 -8.07
C GLY K 112 -23.46 -10.49 -9.32
N LEU K 113 -23.50 -11.17 -10.47
CA LEU K 113 -23.64 -10.44 -11.72
C LEU K 113 -25.02 -9.80 -11.80
N LYS K 114 -26.07 -10.54 -11.44
CA LYS K 114 -27.43 -10.05 -11.55
C LYS K 114 -27.62 -8.83 -10.63
N GLU K 115 -27.01 -8.89 -9.44
CA GLU K 115 -27.12 -7.79 -8.50
C GLU K 115 -26.42 -6.55 -9.05
N THR K 116 -25.25 -6.75 -9.63
CA THR K 116 -24.51 -5.65 -10.21
C THR K 116 -25.33 -5.00 -11.31
N TYR K 117 -25.93 -5.82 -12.17
CA TYR K 117 -26.65 -5.29 -13.32
C TYR K 117 -27.87 -4.50 -12.86
N VAL K 118 -28.55 -4.99 -11.81
CA VAL K 118 -29.73 -4.32 -11.32
C VAL K 118 -29.39 -2.96 -10.71
N ALA K 119 -28.27 -2.90 -9.97
CA ALA K 119 -27.80 -1.64 -9.41
C ALA K 119 -27.46 -0.65 -10.52
N LEU K 120 -26.76 -1.13 -11.56
CA LEU K 120 -26.37 -0.25 -12.65
C LEU K 120 -27.61 0.22 -13.40
N GLY K 121 -28.64 -0.63 -13.48
CA GLY K 121 -29.79 -0.34 -14.32
C GLY K 121 -29.65 -0.96 -15.70
N THR K 122 -28.62 -1.78 -15.89
CA THR K 122 -28.39 -2.51 -17.13
C THR K 122 -29.53 -3.50 -17.29
N PRO K 123 -30.16 -3.65 -18.47
CA PRO K 123 -31.24 -4.61 -18.65
C PRO K 123 -30.75 -6.06 -18.79
N THR K 124 -31.03 -6.90 -17.78
CA THR K 124 -30.43 -8.21 -17.69
C THR K 124 -30.89 -9.10 -18.85
N ARG K 125 -32.14 -8.94 -19.27
CA ARG K 125 -32.65 -9.76 -20.34
C ARG K 125 -31.90 -9.54 -21.65
N SER K 126 -31.48 -8.29 -21.90
CA SER K 126 -30.69 -7.98 -23.08
C SER K 126 -29.30 -8.61 -22.96
N VAL K 127 -28.73 -8.58 -21.74
CA VAL K 127 -27.42 -9.19 -21.51
C VAL K 127 -27.53 -10.68 -21.85
N ALA K 128 -28.63 -11.29 -21.40
CA ALA K 128 -28.84 -12.70 -21.62
C ALA K 128 -28.99 -12.97 -23.11
N ARG K 129 -29.63 -12.05 -23.84
CA ARG K 129 -29.82 -12.24 -25.27
C ARG K 129 -28.48 -12.19 -25.99
N ALA K 130 -27.59 -11.34 -25.50
CA ALA K 130 -26.24 -11.24 -26.05
C ALA K 130 -25.49 -12.56 -25.84
N VAL K 131 -25.64 -13.17 -24.68
CA VAL K 131 -24.98 -14.45 -24.40
C VAL K 131 -25.52 -15.54 -25.31
N GLN K 132 -26.82 -15.51 -25.63
CA GLN K 132 -27.40 -16.49 -26.53
C GLN K 132 -26.90 -16.28 -27.95
N LEU K 133 -26.67 -15.04 -28.36
CA LEU K 133 -26.22 -14.75 -29.70
C LEU K 133 -24.77 -15.20 -29.82
N MET K 134 -23.97 -14.97 -28.79
CA MET K 134 -22.59 -15.43 -28.79
C MET K 134 -22.57 -16.94 -28.88
N LYS K 135 -23.46 -17.62 -28.16
CA LYS K 135 -23.54 -19.06 -28.17
C LYS K 135 -23.75 -19.58 -29.59
N GLU K 136 -24.68 -18.99 -30.35
CA GLU K 136 -24.96 -19.52 -31.67
C GLU K 136 -23.73 -19.39 -32.58
N THR K 137 -23.03 -18.26 -32.48
CA THR K 137 -21.86 -18.03 -33.30
C THR K 137 -20.76 -19.01 -32.89
N ALA K 138 -20.48 -19.07 -31.59
CA ALA K 138 -19.44 -19.94 -31.05
C ALA K 138 -19.67 -21.38 -31.45
N ILE K 139 -20.90 -21.86 -31.33
CA ILE K 139 -21.17 -23.27 -31.55
C ILE K 139 -20.89 -23.57 -33.01
N GLY K 140 -21.14 -22.60 -33.90
CA GLY K 140 -20.89 -22.77 -35.32
C GLY K 140 -19.42 -23.02 -35.59
N TYR K 141 -18.55 -22.29 -34.90
CA TYR K 141 -17.10 -22.43 -35.07
C TYR K 141 -16.66 -23.79 -34.54
N VAL K 142 -17.18 -24.20 -33.38
CA VAL K 142 -16.86 -25.50 -32.83
C VAL K 142 -17.32 -26.59 -33.80
N ASN K 143 -18.50 -26.40 -34.39
CA ASN K 143 -19.07 -27.40 -35.28
C ASN K 143 -18.34 -27.45 -36.62
N SER K 144 -17.65 -26.37 -37.01
CA SER K 144 -17.02 -26.33 -38.31
C SER K 144 -15.60 -25.76 -38.20
N PRO K 145 -14.66 -26.47 -37.56
CA PRO K 145 -13.24 -26.07 -37.56
C PRO K 145 -12.66 -26.59 -38.87
N SER K 146 -11.57 -25.96 -39.33
CA SER K 146 -11.03 -26.25 -40.64
C SER K 146 -9.82 -27.18 -40.51
N GLY K 147 -9.87 -28.32 -41.21
CA GLY K 147 -8.75 -29.23 -41.26
C GLY K 147 -8.67 -30.14 -40.03
N VAL K 148 -9.69 -30.11 -39.18
CA VAL K 148 -9.79 -31.10 -38.11
C VAL K 148 -10.33 -32.41 -38.70
N THR K 149 -9.91 -33.54 -38.12
CA THR K 149 -10.38 -34.86 -38.50
C THR K 149 -11.88 -34.94 -38.20
N ARG K 150 -12.64 -35.47 -39.17
CA ARG K 150 -14.08 -35.58 -39.06
C ARG K 150 -14.46 -36.58 -37.98
N GLY K 151 -15.40 -36.15 -37.12
CA GLY K 151 -15.86 -36.99 -36.02
C GLY K 151 -17.15 -36.45 -35.44
N ASP K 152 -17.67 -37.14 -34.43
CA ASP K 152 -18.86 -36.66 -33.75
C ASP K 152 -18.43 -35.82 -32.55
N CYS K 153 -18.80 -34.54 -32.56
CA CYS K 153 -18.46 -33.62 -31.49
C CYS K 153 -19.70 -33.23 -30.69
N SER K 154 -20.80 -33.98 -30.88
CA SER K 154 -22.10 -33.55 -30.41
C SER K 154 -22.11 -33.36 -28.89
N ALA K 155 -21.51 -34.28 -28.15
CA ALA K 155 -21.49 -34.18 -26.70
C ALA K 155 -20.73 -32.93 -26.26
N LEU K 156 -19.64 -32.58 -26.94
CA LEU K 156 -18.88 -31.39 -26.58
C LEU K 156 -19.68 -30.13 -26.90
N VAL K 157 -20.39 -30.14 -28.03
CA VAL K 157 -21.23 -29.02 -28.38
C VAL K 157 -22.32 -28.82 -27.32
N ASN K 158 -22.95 -29.92 -26.89
CA ASN K 158 -23.98 -29.85 -25.87
C ASN K 158 -23.43 -29.30 -24.57
N GLU K 159 -22.23 -29.72 -24.19
CA GLU K 159 -21.61 -29.26 -22.95
C GLU K 159 -21.37 -27.76 -23.02
N ALA K 160 -20.92 -27.29 -24.20
CA ALA K 160 -20.66 -25.88 -24.39
C ALA K 160 -21.98 -25.11 -24.24
N ALA K 161 -23.02 -25.68 -24.85
CA ALA K 161 -24.32 -25.07 -24.83
C ALA K 161 -24.80 -24.85 -23.40
N THR K 162 -24.58 -25.85 -22.53
CA THR K 162 -25.05 -25.77 -21.15
C THR K 162 -24.33 -24.63 -20.42
N TYR K 163 -23.05 -24.44 -20.68
CA TYR K 163 -22.30 -23.39 -20.00
C TYR K 163 -22.82 -22.02 -20.42
N PHE K 164 -23.12 -21.86 -21.70
CA PHE K 164 -23.73 -20.63 -22.19
C PHE K 164 -25.08 -20.45 -21.50
N ASP K 165 -25.87 -21.54 -21.42
CA ASP K 165 -27.20 -21.48 -20.84
C ASP K 165 -27.17 -21.13 -19.36
N LYS K 166 -26.20 -21.69 -18.64
CA LYS K 166 -26.03 -21.35 -17.23
C LYS K 166 -25.81 -19.85 -17.10
N ALA K 167 -24.93 -19.31 -17.95
CA ALA K 167 -24.55 -17.91 -17.83
C ALA K 167 -25.78 -17.06 -18.06
N ALA K 168 -26.57 -17.43 -19.07
CA ALA K 168 -27.75 -16.65 -19.42
C ALA K 168 -28.76 -16.67 -18.27
N ALA K 169 -28.98 -17.85 -17.68
CA ALA K 169 -29.95 -18.00 -16.62
C ALA K 169 -29.54 -17.22 -15.36
N SER K 170 -28.23 -17.23 -15.05
CA SER K 170 -27.75 -16.49 -13.89
C SER K 170 -27.98 -14.99 -14.12
N ILE K 171 -27.59 -14.51 -15.30
CA ILE K 171 -27.60 -13.08 -15.60
C ILE K 171 -29.03 -12.59 -15.54
N ALA K 172 -29.96 -13.33 -16.17
CA ALA K 172 -31.35 -12.90 -16.15
C ALA K 172 -32.07 -13.51 -14.94
N MET L 1 9.82 -14.05 -22.91
CA MET L 1 8.86 -14.65 -23.89
C MET L 1 8.08 -15.77 -23.16
N LYS L 2 6.75 -15.71 -23.29
CA LYS L 2 5.90 -16.78 -22.82
C LYS L 2 6.10 -18.03 -23.66
N THR L 3 6.53 -19.12 -23.00
CA THR L 3 6.52 -20.44 -23.57
C THR L 3 5.95 -21.37 -22.50
N VAL L 4 5.71 -22.64 -22.81
CA VAL L 4 5.19 -23.52 -21.79
C VAL L 4 6.22 -23.59 -20.66
N ILE L 5 7.50 -23.67 -21.02
CA ILE L 5 8.54 -23.92 -20.04
C ILE L 5 8.72 -22.71 -19.15
N THR L 6 8.75 -21.50 -19.72
CA THR L 6 8.94 -20.33 -18.91
C THR L 6 7.75 -20.15 -17.96
N GLU L 7 6.55 -20.50 -18.42
CA GLU L 7 5.36 -20.26 -17.64
C GLU L 7 5.28 -21.18 -16.42
N VAL L 8 5.67 -22.44 -16.58
CA VAL L 8 5.66 -23.35 -15.45
C VAL L 8 6.74 -22.91 -14.46
N ILE L 9 7.91 -22.48 -14.94
CA ILE L 9 8.97 -22.07 -14.05
C ILE L 9 8.55 -20.82 -13.30
N ALA L 10 7.87 -19.91 -13.99
CA ALA L 10 7.43 -18.66 -13.38
C ALA L 10 6.42 -18.93 -12.27
N SER L 11 5.52 -19.88 -12.50
CA SER L 11 4.52 -20.22 -11.50
C SER L 11 5.20 -20.73 -10.24
N ALA L 12 6.14 -21.67 -10.43
CA ALA L 12 6.83 -22.28 -9.31
C ALA L 12 7.56 -21.20 -8.52
N ASP L 13 8.23 -20.29 -9.24
CA ASP L 13 9.03 -19.25 -8.62
C ASP L 13 8.13 -18.31 -7.82
N SER L 14 6.94 -18.01 -8.34
CA SER L 14 6.02 -17.11 -7.68
C SER L 14 5.59 -17.68 -6.34
N GLN L 15 5.35 -18.99 -6.29
CA GLN L 15 4.93 -19.63 -5.05
C GLN L 15 6.16 -19.95 -4.20
N GLY L 16 7.36 -19.81 -4.79
CA GLY L 16 8.60 -20.12 -4.10
C GLY L 16 8.73 -21.61 -3.81
N ARG L 17 8.37 -22.42 -4.81
CA ARG L 17 8.31 -23.86 -4.61
C ARG L 17 9.15 -24.57 -5.66
N PHE L 18 9.61 -25.79 -5.36
CA PHE L 18 10.28 -26.62 -6.34
C PHE L 18 9.30 -27.05 -7.43
N LEU L 19 9.80 -27.29 -8.65
CA LEU L 19 8.99 -27.82 -9.73
C LEU L 19 8.50 -29.20 -9.34
N ASN L 20 7.21 -29.48 -9.54
CA ASN L 20 6.62 -30.75 -9.15
C ASN L 20 6.09 -31.47 -10.38
N ASN L 21 5.45 -32.63 -10.18
CA ASN L 21 4.95 -33.45 -11.28
C ASN L 21 3.92 -32.69 -12.09
N THR L 22 3.15 -31.81 -11.44
CA THR L 22 2.19 -30.95 -12.12
C THR L 22 2.89 -30.15 -13.22
N GLU L 23 3.98 -29.46 -12.85
CA GLU L 23 4.76 -28.73 -13.83
C GLU L 23 5.39 -29.63 -14.88
N LEU L 24 5.94 -30.77 -14.47
CA LEU L 24 6.66 -31.61 -15.41
C LEU L 24 5.72 -32.21 -16.43
N GLN L 25 4.45 -32.43 -16.06
CA GLN L 25 3.50 -32.98 -17.00
C GLN L 25 3.24 -31.95 -18.08
N ALA L 26 3.03 -30.71 -17.67
CA ALA L 26 2.85 -29.62 -18.61
C ALA L 26 4.04 -29.51 -19.57
N ALA L 27 5.25 -29.58 -19.02
CA ALA L 27 6.46 -29.50 -19.79
C ALA L 27 6.53 -30.62 -20.82
N ASN L 28 6.05 -31.81 -20.45
CA ASN L 28 6.08 -32.93 -21.36
C ASN L 28 5.19 -32.66 -22.56
N GLY L 29 4.11 -31.90 -22.35
CA GLY L 29 3.18 -31.61 -23.43
C GLY L 29 3.82 -30.71 -24.47
N ARG L 30 4.66 -29.78 -24.03
CA ARG L 30 5.38 -28.94 -24.95
C ARG L 30 6.35 -29.74 -25.81
N PHE L 31 7.05 -30.69 -25.20
CA PHE L 31 8.08 -31.44 -25.89
C PHE L 31 7.48 -32.46 -26.85
N GLN L 32 6.25 -32.88 -26.60
CA GLN L 32 5.61 -33.82 -27.49
C GLN L 32 5.08 -33.10 -28.73
N ARG L 33 4.55 -31.88 -28.52
CA ARG L 33 4.02 -31.08 -29.60
C ARG L 33 5.12 -30.64 -30.55
N ALA L 34 6.35 -30.61 -30.05
CA ALA L 34 7.47 -29.97 -30.72
C ALA L 34 7.71 -30.54 -32.11
N THR L 35 7.51 -31.83 -32.29
CA THR L 35 7.80 -32.43 -33.58
C THR L 35 6.86 -31.89 -34.65
N ALA L 36 5.56 -31.76 -34.35
CA ALA L 36 4.61 -31.17 -35.30
C ALA L 36 4.90 -29.70 -35.53
N SER L 37 5.24 -28.98 -34.44
CA SER L 37 5.52 -27.56 -34.52
C SER L 37 6.74 -27.29 -35.40
N MET L 38 7.76 -28.14 -35.29
CA MET L 38 8.97 -27.96 -36.08
C MET L 38 8.65 -28.19 -37.55
N GLU L 39 7.79 -29.16 -37.84
CA GLU L 39 7.48 -29.49 -39.22
C GLU L 39 6.75 -28.33 -39.90
N ALA L 40 5.83 -27.71 -39.16
CA ALA L 40 5.13 -26.53 -39.62
C ALA L 40 6.14 -25.43 -39.91
N ALA L 41 7.05 -25.19 -38.94
CA ALA L 41 8.01 -24.10 -39.03
C ALA L 41 8.90 -24.27 -40.26
N ARG L 42 9.31 -25.49 -40.54
CA ARG L 42 10.13 -25.74 -41.71
C ARG L 42 9.38 -25.40 -43.00
N ALA L 43 8.09 -25.74 -43.06
CA ALA L 43 7.31 -25.55 -44.27
C ALA L 43 7.03 -24.06 -44.50
N LEU L 44 6.72 -23.34 -43.43
CA LEU L 44 6.51 -21.90 -43.53
C LEU L 44 7.79 -21.22 -43.98
N THR L 45 8.95 -21.71 -43.50
CA THR L 45 10.23 -21.09 -43.84
C THR L 45 10.56 -21.37 -45.30
N SER L 46 10.28 -22.58 -45.76
CA SER L 46 10.61 -22.95 -47.12
C SER L 46 9.82 -22.12 -48.14
N ASN L 47 8.53 -21.84 -47.86
CA ASN L 47 7.70 -21.13 -48.83
C ASN L 47 7.53 -19.65 -48.47
N ALA L 48 8.37 -19.13 -47.58
CA ALA L 48 8.12 -17.79 -47.03
C ALA L 48 8.25 -16.73 -48.11
N ASP L 49 9.18 -16.88 -49.06
CA ASP L 49 9.32 -15.91 -50.12
C ASP L 49 8.03 -15.84 -50.95
N SER L 50 7.53 -17.00 -51.39
CA SER L 50 6.32 -17.04 -52.18
C SER L 50 5.10 -16.61 -51.38
N LEU L 51 5.07 -16.96 -50.10
CA LEU L 51 3.93 -16.62 -49.27
C LEU L 51 3.80 -15.11 -49.17
N VAL L 52 4.92 -14.41 -49.01
CA VAL L 52 4.92 -12.98 -48.88
C VAL L 52 4.49 -12.32 -50.20
N LYS L 53 5.00 -12.79 -51.33
CA LYS L 53 4.64 -12.15 -52.58
C LYS L 53 3.14 -12.22 -52.83
N GLY L 54 2.55 -13.40 -52.62
CA GLY L 54 1.14 -13.60 -52.83
C GLY L 54 0.30 -12.78 -51.84
N ALA L 55 0.78 -12.70 -50.61
CA ALA L 55 0.04 -11.97 -49.59
C ALA L 55 -0.03 -10.48 -49.94
N VAL L 56 1.07 -9.93 -50.47
CA VAL L 56 1.11 -8.52 -50.77
C VAL L 56 0.19 -8.25 -51.95
N GLN L 57 0.19 -9.15 -52.93
CA GLN L 57 -0.63 -8.96 -54.11
C GLN L 57 -2.11 -9.02 -53.74
N GLU L 58 -2.43 -9.90 -52.78
CA GLU L 58 -3.80 -10.06 -52.33
C GLU L 58 -4.31 -8.75 -51.72
N VAL L 59 -3.45 -8.07 -50.94
CA VAL L 59 -3.85 -6.83 -50.32
C VAL L 59 -4.19 -5.83 -51.41
N TYR L 60 -3.39 -5.80 -52.47
CA TYR L 60 -3.61 -4.81 -53.50
C TYR L 60 -4.88 -5.15 -54.27
N ASN L 61 -5.23 -6.44 -54.39
CA ASN L 61 -6.45 -6.82 -55.07
C ASN L 61 -7.67 -6.52 -54.19
N LYS L 62 -7.55 -6.76 -52.89
CA LYS L 62 -8.67 -6.56 -51.98
C LYS L 62 -8.97 -5.08 -51.82
N PHE L 63 -7.93 -4.22 -51.81
CA PHE L 63 -8.12 -2.77 -51.73
C PHE L 63 -7.46 -2.11 -52.92
N PRO L 64 -8.11 -2.11 -54.09
CA PRO L 64 -7.51 -1.53 -55.31
C PRO L 64 -7.04 -0.08 -55.20
N TYR L 65 -7.65 0.71 -54.33
CA TYR L 65 -7.38 2.13 -54.22
C TYR L 65 -5.93 2.36 -53.79
N LEU L 66 -5.40 1.49 -52.92
CA LEU L 66 -4.08 1.70 -52.38
C LEU L 66 -3.04 1.90 -53.47
N THR L 67 -3.22 1.20 -54.57
CA THR L 67 -2.25 1.18 -55.66
C THR L 67 -2.28 2.50 -56.41
N GLN L 68 -3.40 3.23 -56.36
CA GLN L 68 -3.54 4.48 -57.08
C GLN L 68 -2.66 5.57 -56.46
N PRO L 69 -2.21 6.57 -57.25
CA PRO L 69 -1.28 7.60 -56.76
C PRO L 69 -1.82 8.47 -55.62
N GLY L 70 -0.91 8.83 -54.71
CA GLY L 70 -1.27 9.56 -53.51
C GLY L 70 -1.79 8.64 -52.41
N GLN L 71 -1.62 7.32 -52.58
CA GLN L 71 -2.18 6.36 -51.64
C GLN L 71 -1.07 5.52 -51.02
N MET L 72 -1.37 4.85 -49.91
CA MET L 72 -0.34 4.18 -49.14
C MET L 72 0.28 3.03 -49.92
N GLY L 73 -0.47 2.42 -50.82
CA GLY L 73 0.06 1.32 -51.60
C GLY L 73 1.00 1.78 -52.70
N TYR L 74 0.93 3.04 -53.08
CA TYR L 74 1.62 3.52 -54.28
C TYR L 74 3.11 3.75 -53.99
N GLY L 75 3.94 3.48 -54.99
CA GLY L 75 5.36 3.81 -54.93
C GLY L 75 6.19 2.65 -54.38
N ASP L 76 7.47 2.61 -54.79
CA ASP L 76 8.37 1.51 -54.49
C ASP L 76 8.64 1.40 -52.98
N THR L 77 8.87 2.54 -52.35
CA THR L 77 9.22 2.53 -50.94
C THR L 77 8.07 1.96 -50.13
N ASN L 78 6.84 2.35 -50.50
CA ASN L 78 5.65 1.90 -49.80
C ASN L 78 5.46 0.40 -50.01
N GLN L 79 5.63 -0.04 -51.25
CA GLN L 79 5.45 -1.44 -51.56
C GLN L 79 6.52 -2.29 -50.89
N ALA L 80 7.73 -1.74 -50.77
CA ALA L 80 8.83 -2.44 -50.14
C ALA L 80 8.56 -2.63 -48.65
N LYS L 81 7.99 -1.61 -48.03
CA LYS L 81 7.67 -1.68 -46.62
C LYS L 81 6.56 -2.68 -46.36
N CYS L 82 5.67 -2.85 -47.35
CA CYS L 82 4.62 -3.86 -47.22
C CYS L 82 5.25 -5.24 -47.14
N ALA L 83 6.12 -5.54 -48.12
CA ALA L 83 6.73 -6.84 -48.16
C ALA L 83 7.55 -7.11 -46.90
N ARG L 84 8.21 -6.08 -46.38
CA ARG L 84 8.97 -6.18 -45.15
C ARG L 84 8.06 -6.58 -44.01
N ASP L 85 6.88 -5.97 -43.92
CA ASP L 85 6.02 -6.17 -42.77
C ASP L 85 5.45 -7.59 -42.77
N ILE L 86 5.01 -8.04 -43.93
CA ILE L 86 4.47 -9.37 -44.03
C ILE L 86 5.57 -10.37 -43.72
N SER L 87 6.79 -10.11 -44.20
CA SER L 87 7.90 -10.99 -43.88
C SER L 87 8.10 -11.08 -42.36
N HIS L 88 7.99 -9.96 -41.67
CA HIS L 88 8.16 -9.96 -40.24
C HIS L 88 7.15 -10.89 -39.59
N TYR L 89 5.90 -10.79 -40.03
CA TYR L 89 4.83 -11.61 -39.50
C TYR L 89 5.15 -13.09 -39.65
N LEU L 90 5.56 -13.50 -40.84
CA LEU L 90 5.91 -14.89 -41.07
C LEU L 90 7.04 -15.33 -40.14
N ARG L 91 8.07 -14.48 -40.01
CA ARG L 91 9.24 -14.83 -39.23
C ARG L 91 8.85 -15.08 -37.78
N PHE L 92 8.01 -14.22 -37.22
CA PHE L 92 7.61 -14.35 -35.85
C PHE L 92 6.62 -15.50 -35.63
N ILE L 93 5.90 -15.90 -36.69
CA ILE L 93 5.07 -17.10 -36.59
C ILE L 93 5.96 -18.33 -36.49
N THR L 94 6.99 -18.43 -37.35
CA THR L 94 7.87 -19.58 -37.28
C THR L 94 8.61 -19.60 -35.94
N TYR L 95 8.96 -18.45 -35.42
CA TYR L 95 9.64 -18.41 -34.14
C TYR L 95 8.72 -18.95 -33.05
N SER L 96 7.44 -18.60 -33.09
CA SER L 96 6.47 -19.04 -32.09
C SER L 96 6.24 -20.55 -32.16
N LEU L 97 6.23 -21.08 -33.37
CA LEU L 97 6.15 -22.52 -33.53
C LEU L 97 7.31 -23.21 -32.82
N VAL L 98 8.53 -22.75 -33.08
CA VAL L 98 9.72 -23.36 -32.48
C VAL L 98 9.80 -23.11 -30.97
N ALA L 99 9.37 -21.96 -30.51
CA ALA L 99 9.50 -21.64 -29.10
C ALA L 99 8.50 -22.42 -28.24
N GLY L 100 7.38 -22.84 -28.82
CA GLY L 100 6.37 -23.53 -28.02
C GLY L 100 5.56 -22.55 -27.18
N GLY L 101 5.35 -21.36 -27.73
CA GLY L 101 4.44 -20.41 -27.14
C GLY L 101 4.17 -19.27 -28.10
N THR L 102 3.23 -18.41 -27.72
CA THR L 102 2.89 -17.24 -28.52
C THR L 102 3.80 -16.09 -28.15
N GLY L 103 4.71 -16.31 -27.19
CA GLY L 103 5.54 -15.26 -26.62
C GLY L 103 6.33 -14.46 -27.67
N PRO L 104 7.02 -15.10 -28.62
CA PRO L 104 7.70 -14.37 -29.68
C PRO L 104 6.77 -13.42 -30.42
N LEU L 105 5.58 -13.90 -30.81
CA LEU L 105 4.62 -13.04 -31.49
C LEU L 105 4.18 -11.90 -30.59
N ASP L 106 3.97 -12.22 -29.32
CA ASP L 106 3.47 -11.23 -28.38
C ASP L 106 4.45 -10.08 -28.15
N ASP L 107 5.72 -10.39 -27.97
CA ASP L 107 6.71 -9.39 -27.61
C ASP L 107 7.14 -8.57 -28.82
N TYR L 108 7.30 -9.21 -29.98
CA TYR L 108 7.76 -8.48 -31.13
C TYR L 108 6.63 -7.76 -31.84
N ILE L 109 5.46 -8.39 -32.02
CA ILE L 109 4.45 -7.78 -32.87
C ILE L 109 3.31 -7.20 -32.05
N VAL L 110 2.73 -7.97 -31.15
CA VAL L 110 1.46 -7.59 -30.55
C VAL L 110 1.64 -6.39 -29.62
N ALA L 111 2.72 -6.34 -28.85
CA ALA L 111 2.93 -5.21 -27.94
C ALA L 111 3.21 -3.94 -28.75
N GLY L 112 2.40 -2.89 -28.51
CA GLY L 112 2.57 -1.61 -29.16
C GLY L 112 1.95 -1.53 -30.56
N LEU L 113 1.28 -2.59 -31.00
CA LEU L 113 0.81 -2.70 -32.37
C LEU L 113 -0.16 -1.58 -32.73
N ARG L 114 -1.11 -1.33 -31.82
CA ARG L 114 -2.19 -0.41 -32.07
C ARG L 114 -1.68 1.02 -32.17
N GLU L 115 -0.73 1.38 -31.29
CA GLU L 115 -0.19 2.73 -31.26
C GLU L 115 0.64 3.01 -32.49
N VAL L 116 1.41 2.01 -32.90
CA VAL L 116 2.24 2.17 -34.08
C VAL L 116 1.36 2.34 -35.31
N ASN L 117 0.32 1.52 -35.40
CA ASN L 117 -0.52 1.51 -36.58
C ASN L 117 -1.31 2.80 -36.71
N ARG L 118 -1.71 3.35 -35.57
CA ARG L 118 -2.43 4.60 -35.53
C ARG L 118 -1.57 5.74 -36.06
N THR L 119 -0.35 5.84 -35.52
CA THR L 119 0.53 6.94 -35.84
C THR L 119 0.93 6.89 -37.32
N PHE L 120 1.16 5.70 -37.86
CA PHE L 120 1.62 5.60 -39.23
C PHE L 120 0.46 5.41 -40.19
N ASN L 121 -0.77 5.40 -39.66
CA ASN L 121 -1.97 5.24 -40.49
C ASN L 121 -1.89 3.94 -41.30
N LEU L 122 -1.53 2.85 -40.62
CA LEU L 122 -1.49 1.54 -41.24
C LEU L 122 -2.74 0.79 -40.81
N SER L 123 -3.57 0.35 -41.77
CA SER L 123 -4.83 -0.31 -41.47
C SER L 123 -4.63 -1.74 -41.01
N PRO L 124 -5.27 -2.17 -39.90
CA PRO L 124 -5.24 -3.56 -39.48
C PRO L 124 -5.84 -4.51 -40.53
N SER L 125 -6.79 -3.99 -41.30
CA SER L 125 -7.46 -4.75 -42.33
C SER L 125 -6.54 -5.22 -43.44
N TRP L 126 -5.48 -4.47 -43.76
CA TRP L 126 -4.60 -4.92 -44.82
C TRP L 126 -3.81 -6.13 -44.36
N TYR L 127 -3.37 -6.08 -43.11
CA TYR L 127 -2.59 -7.16 -42.57
C TYR L 127 -3.47 -8.38 -42.47
N ILE L 128 -4.71 -8.20 -42.01
CA ILE L 128 -5.62 -9.33 -41.84
C ILE L 128 -5.87 -10.00 -43.17
N GLU L 129 -5.98 -9.23 -44.24
CA GLU L 129 -6.20 -9.82 -45.54
C GLU L 129 -5.00 -10.64 -46.00
N ALA L 130 -3.80 -10.17 -45.68
CA ALA L 130 -2.58 -10.88 -46.05
C ALA L 130 -2.45 -12.17 -45.24
N LEU L 131 -2.71 -12.10 -43.94
CA LEU L 131 -2.61 -13.28 -43.09
C LEU L 131 -3.59 -14.35 -43.56
N LYS L 132 -4.82 -13.95 -43.92
CA LYS L 132 -5.81 -14.88 -44.40
C LYS L 132 -5.38 -15.52 -45.71
N HIS L 133 -4.64 -14.79 -46.54
CA HIS L 133 -4.17 -15.34 -47.78
C HIS L 133 -3.17 -16.47 -47.49
N ILE L 134 -2.28 -16.18 -46.54
CA ILE L 134 -1.25 -17.12 -46.14
C ILE L 134 -1.92 -18.37 -45.60
N LYS L 135 -2.93 -18.19 -44.78
CA LYS L 135 -3.62 -19.29 -44.12
C LYS L 135 -4.20 -20.26 -45.14
N GLY L 136 -4.75 -19.74 -46.22
CA GLY L 136 -5.24 -20.59 -47.27
C GLY L 136 -4.15 -21.39 -47.97
N LYS L 137 -2.99 -20.77 -48.20
CA LYS L 137 -1.89 -21.41 -48.90
C LYS L 137 -1.20 -22.41 -48.00
N VAL L 138 -1.10 -22.09 -46.71
CA VAL L 138 -0.51 -23.00 -45.75
C VAL L 138 -1.34 -24.28 -45.73
N GLY L 139 -2.66 -24.13 -45.78
CA GLY L 139 -3.55 -25.28 -45.75
C GLY L 139 -3.24 -26.28 -46.87
N SER L 140 -2.83 -25.77 -48.03
CA SER L 140 -2.39 -26.61 -49.13
C SER L 140 -1.07 -27.32 -48.78
N GLN L 141 -0.14 -26.62 -48.12
CA GLN L 141 1.20 -27.12 -47.87
C GLN L 141 1.24 -28.15 -46.73
N LEU L 142 0.45 -27.94 -45.68
CA LEU L 142 0.55 -28.75 -44.47
C LEU L 142 -0.73 -29.54 -44.23
N SER L 143 -0.64 -30.61 -43.43
CA SER L 143 -1.81 -31.40 -43.06
C SER L 143 -1.73 -31.82 -41.60
N GLY L 144 -2.87 -32.14 -41.01
CA GLY L 144 -2.94 -32.73 -39.68
C GLY L 144 -2.40 -31.80 -38.61
N GLN L 145 -1.58 -32.33 -37.71
CA GLN L 145 -1.21 -31.60 -36.52
C GLN L 145 -0.26 -30.46 -36.86
N PRO L 146 0.66 -30.61 -37.82
CA PRO L 146 1.41 -29.45 -38.32
C PRO L 146 0.48 -28.33 -38.75
N LEU L 147 -0.56 -28.68 -39.51
CA LEU L 147 -1.50 -27.68 -40.01
C LEU L 147 -2.23 -26.99 -38.87
N THR L 148 -2.52 -27.74 -37.83
CA THR L 148 -3.25 -27.22 -36.72
C THR L 148 -2.40 -26.18 -36.00
N GLU L 149 -1.12 -26.49 -35.83
CA GLU L 149 -0.16 -25.61 -35.17
C GLU L 149 -0.03 -24.29 -35.95
N ALA L 150 0.19 -24.43 -37.26
CA ALA L 150 0.34 -23.27 -38.11
C ALA L 150 -0.89 -22.37 -37.99
N ASN L 151 -2.08 -22.96 -38.11
CA ASN L 151 -3.33 -22.22 -38.13
C ASN L 151 -3.52 -21.45 -36.83
N ALA L 152 -3.05 -22.00 -35.72
CA ALA L 152 -3.25 -21.37 -34.43
C ALA L 152 -2.48 -20.07 -34.29
N TYR L 153 -1.25 -20.06 -34.81
CA TYR L 153 -0.38 -18.89 -34.74
C TYR L 153 -0.83 -17.84 -35.75
N ILE L 154 -1.31 -18.25 -36.91
CA ILE L 154 -1.88 -17.29 -37.84
C ILE L 154 -3.13 -16.65 -37.24
N ASP L 155 -3.95 -17.46 -36.57
CA ASP L 155 -5.19 -17.00 -35.96
C ASP L 155 -4.92 -16.03 -34.83
N TYR L 156 -3.86 -16.27 -34.08
CA TYR L 156 -3.51 -15.40 -33.00
C TYR L 156 -3.24 -13.98 -33.50
N CYS L 157 -2.53 -13.89 -34.61
CA CYS L 157 -2.21 -12.61 -35.21
C CYS L 157 -3.48 -11.92 -35.71
N ILE L 158 -4.34 -12.68 -36.38
CA ILE L 158 -5.56 -12.14 -36.91
C ILE L 158 -6.42 -11.57 -35.79
N ASN L 159 -6.52 -12.27 -34.66
CA ASN L 159 -7.30 -11.77 -33.55
C ASN L 159 -6.66 -10.54 -32.92
N ALA L 160 -5.33 -10.46 -32.91
CA ALA L 160 -4.65 -9.33 -32.30
C ALA L 160 -4.86 -8.08 -33.13
N LEU L 161 -4.88 -8.26 -34.46
CA LEU L 161 -5.14 -7.17 -35.38
C LEU L 161 -6.60 -6.76 -35.27
N SER L 162 -7.47 -7.75 -35.08
CA SER L 162 -8.90 -7.50 -34.90
C SER L 162 -9.18 -6.91 -33.50
N MET M 1 11.51 -14.46 -18.97
CA MET M 1 12.59 -15.43 -18.66
C MET M 1 13.18 -15.97 -19.96
N GLN M 2 14.28 -16.73 -19.89
CA GLN M 2 14.83 -17.32 -21.10
C GLN M 2 14.94 -18.84 -20.96
N ASP M 3 14.78 -19.53 -22.08
CA ASP M 3 15.03 -20.95 -22.18
C ASP M 3 15.88 -21.16 -23.43
N ALA M 4 16.29 -22.40 -23.68
CA ALA M 4 17.19 -22.65 -24.79
C ALA M 4 16.58 -22.25 -26.14
N PHE M 5 15.29 -22.56 -26.32
CA PHE M 5 14.58 -22.24 -27.54
C PHE M 5 14.49 -20.73 -27.68
N THR M 6 14.08 -20.07 -26.59
CA THR M 6 13.88 -18.63 -26.63
C THR M 6 15.20 -17.93 -26.96
N LYS M 7 16.32 -18.46 -26.48
CA LYS M 7 17.62 -17.85 -26.72
C LYS M 7 17.98 -17.89 -28.21
N ALA M 8 17.67 -18.99 -28.89
CA ALA M 8 17.99 -19.14 -30.29
C ALA M 8 17.20 -18.16 -31.16
N ILE M 9 15.95 -17.94 -30.78
CA ILE M 9 15.05 -17.07 -31.52
C ILE M 9 15.54 -15.63 -31.40
N VAL M 10 15.96 -15.24 -30.21
CA VAL M 10 16.43 -13.89 -29.97
C VAL M 10 17.66 -13.59 -30.82
N ALA M 11 18.54 -14.57 -30.97
CA ALA M 11 19.72 -14.40 -31.78
C ALA M 11 19.34 -14.22 -33.24
N ALA M 12 18.40 -15.05 -33.72
CA ALA M 12 18.03 -15.00 -35.12
C ALA M 12 17.30 -13.71 -35.42
N ASP M 13 16.53 -13.21 -34.44
CA ASP M 13 15.84 -11.96 -34.61
C ASP M 13 16.82 -10.81 -34.83
N LEU M 14 17.93 -10.78 -34.08
CA LEU M 14 18.89 -9.70 -34.22
C LEU M 14 19.52 -9.74 -35.61
N ARG M 15 19.68 -10.94 -36.17
CA ARG M 15 20.12 -11.07 -37.55
C ARG M 15 18.96 -10.71 -38.49
N GLY M 16 17.73 -10.69 -37.96
CA GLY M 16 16.53 -10.48 -38.75
C GLY M 16 16.27 -11.59 -39.75
N SER M 17 16.57 -12.85 -39.38
CA SER M 17 16.49 -13.95 -40.33
C SER M 17 15.69 -15.10 -39.74
N PHE M 18 15.15 -15.96 -40.63
CA PHE M 18 14.55 -17.21 -40.22
C PHE M 18 15.61 -18.10 -39.58
N LEU M 19 15.21 -18.86 -38.54
CA LEU M 19 16.11 -19.83 -37.91
C LEU M 19 16.68 -20.74 -39.01
N SER M 20 18.00 -20.95 -38.98
CA SER M 20 18.68 -21.79 -39.96
C SER M 20 18.50 -23.26 -39.63
N GLU M 21 18.69 -24.13 -40.64
CA GLU M 21 18.45 -25.57 -40.47
C GLU M 21 19.39 -26.15 -39.41
N GLN M 22 20.62 -25.62 -39.35
CA GLN M 22 21.55 -26.06 -38.33
C GLN M 22 21.04 -25.68 -36.95
N GLU M 23 20.54 -24.44 -36.80
CA GLU M 23 20.00 -24.00 -35.52
C GLU M 23 18.78 -24.85 -35.16
N LEU M 24 17.95 -25.16 -36.16
CA LEU M 24 16.80 -26.02 -35.94
C LEU M 24 17.24 -27.38 -35.42
N ASN M 25 18.30 -27.94 -36.04
CA ASN M 25 18.81 -29.24 -35.65
C ASN M 25 19.24 -29.25 -34.19
N GLN M 26 19.90 -28.20 -33.73
CA GLN M 26 20.29 -28.14 -32.34
C GLN M 26 19.08 -28.25 -31.43
N LEU M 27 18.01 -27.53 -31.78
CA LEU M 27 16.81 -27.50 -30.97
C LEU M 27 16.15 -28.88 -30.96
N THR M 28 16.18 -29.56 -32.12
CA THR M 28 15.62 -30.89 -32.23
C THR M 28 16.33 -31.85 -31.29
N ASN M 29 17.65 -31.70 -31.14
CA ASN M 29 18.43 -32.54 -30.25
C ASN M 29 18.02 -32.32 -28.80
N LEU M 30 17.70 -31.07 -28.43
CA LEU M 30 17.23 -30.81 -27.09
C LEU M 30 15.91 -31.51 -26.80
N VAL M 31 15.03 -31.55 -27.82
CA VAL M 31 13.74 -32.20 -27.69
C VAL M 31 13.95 -33.70 -27.58
N LYS M 32 14.93 -34.22 -28.32
CA LYS M 32 15.20 -35.64 -28.31
C LYS M 32 15.66 -36.13 -26.94
N GLU M 33 16.40 -35.30 -26.19
CA GLU M 33 16.91 -35.70 -24.89
C GLU M 33 16.01 -35.24 -23.74
N SER M 34 14.80 -34.78 -24.05
CA SER M 34 13.96 -34.08 -23.08
C SER M 34 13.45 -35.01 -21.97
N ASN M 35 13.25 -36.29 -22.28
CA ASN M 35 12.80 -37.24 -21.28
C ASN M 35 13.87 -37.39 -20.20
N LYS M 36 15.13 -37.52 -20.61
CA LYS M 36 16.22 -37.60 -19.64
C LYS M 36 16.27 -36.35 -18.79
N ARG M 37 16.08 -35.19 -19.43
CA ARG M 37 16.10 -33.95 -18.71
C ARG M 37 15.02 -33.93 -17.64
N LEU M 38 13.83 -34.41 -17.99
CA LEU M 38 12.69 -34.42 -17.08
C LEU M 38 12.99 -35.32 -15.88
N ASP M 39 13.60 -36.46 -16.16
CA ASP M 39 13.99 -37.36 -15.09
C ASP M 39 15.01 -36.70 -14.16
N ALA M 40 16.00 -35.98 -14.69
CA ALA M 40 16.97 -35.30 -13.86
C ALA M 40 16.31 -34.25 -12.97
N VAL M 41 15.39 -33.45 -13.52
CA VAL M 41 14.73 -32.43 -12.72
C VAL M 41 13.93 -33.10 -11.61
N ASN M 42 13.34 -34.27 -11.92
CA ASN M 42 12.53 -35.01 -10.97
C ASN M 42 13.41 -35.47 -9.81
N ALA M 43 14.63 -35.92 -10.12
CA ALA M 43 15.53 -36.46 -9.12
C ALA M 43 15.89 -35.41 -8.08
N ILE M 44 16.09 -34.17 -8.52
CA ILE M 44 16.45 -33.12 -7.59
C ILE M 44 15.23 -32.81 -6.73
N THR M 45 14.07 -32.65 -7.35
CA THR M 45 12.87 -32.27 -6.62
C THR M 45 12.48 -33.34 -5.61
N GLY M 46 12.60 -34.60 -6.03
CA GLY M 46 12.19 -35.71 -5.20
C GLY M 46 13.08 -35.89 -3.98
N ASN M 47 14.35 -35.46 -4.10
CA ASN M 47 15.30 -35.65 -3.02
C ASN M 47 15.71 -34.31 -2.42
N ALA M 48 14.91 -33.26 -2.59
CA ALA M 48 15.38 -31.92 -2.28
C ALA M 48 15.72 -31.77 -0.80
N ALA M 49 14.86 -32.28 0.08
CA ALA M 49 15.10 -32.16 1.50
C ALA M 49 16.36 -32.90 1.91
N GLU M 50 16.60 -34.07 1.31
CA GLU M 50 17.79 -34.84 1.63
C GLU M 50 19.06 -34.15 1.13
N ILE M 51 18.97 -33.52 -0.05
CA ILE M 51 20.12 -32.84 -0.61
C ILE M 51 20.55 -31.75 0.36
N ILE M 52 19.61 -30.93 0.82
CA ILE M 52 19.95 -29.82 1.69
C ILE M 52 20.47 -30.35 3.02
N SER M 53 19.83 -31.36 3.57
CA SER M 53 20.25 -31.87 4.86
C SER M 53 21.67 -32.41 4.76
N ASP M 54 21.96 -33.19 3.73
CA ASP M 54 23.27 -33.82 3.64
C ASP M 54 24.36 -32.77 3.47
N ALA M 55 24.07 -31.72 2.70
CA ALA M 55 24.99 -30.63 2.53
C ALA M 55 25.24 -29.92 3.85
N ALA M 56 24.15 -29.62 4.57
CA ALA M 56 24.26 -28.89 5.81
C ALA M 56 25.11 -29.68 6.81
N HIS M 57 24.89 -30.98 6.92
CA HIS M 57 25.67 -31.78 7.85
C HIS M 57 27.16 -31.69 7.52
N LYS M 58 27.47 -31.74 6.22
CA LYS M 58 28.86 -31.74 5.82
C LYS M 58 29.46 -30.36 6.07
N LEU M 59 28.71 -29.30 5.81
CA LEU M 59 29.21 -27.95 5.97
C LEU M 59 29.58 -27.70 7.41
N PHE M 60 28.71 -28.09 8.35
CA PHE M 60 28.91 -27.76 9.74
C PHE M 60 30.00 -28.64 10.34
N ALA M 61 30.26 -29.82 9.75
CA ALA M 61 31.39 -30.62 10.19
C ALA M 61 32.70 -30.00 9.72
N GLU M 62 32.72 -29.50 8.48
CA GLU M 62 33.89 -28.86 7.90
C GLU M 62 34.21 -27.56 8.65
N GLN M 63 33.19 -26.73 8.88
CA GLN M 63 33.40 -25.41 9.47
C GLN M 63 32.69 -25.30 10.81
N THR M 64 33.35 -25.76 11.87
CA THR M 64 32.80 -25.74 13.21
C THR M 64 32.48 -24.31 13.63
N ASP M 65 33.27 -23.34 13.14
CA ASP M 65 33.08 -21.96 13.54
C ASP M 65 31.66 -21.45 13.33
N LEU M 66 30.99 -21.88 12.28
CA LEU M 66 29.71 -21.29 11.94
C LEU M 66 28.66 -21.55 13.02
N ILE M 67 28.77 -22.72 13.66
CA ILE M 67 27.81 -23.20 14.64
C ILE M 67 28.24 -22.84 16.05
N ARG M 68 29.48 -22.44 16.26
CA ARG M 68 29.91 -21.99 17.58
C ARG M 68 29.28 -20.63 17.91
N PRO M 69 29.24 -20.20 19.17
CA PRO M 69 28.71 -18.89 19.54
C PRO M 69 29.43 -17.72 18.93
N GLY M 70 28.68 -16.84 18.25
CA GLY M 70 29.25 -15.79 17.44
C GLY M 70 29.37 -16.14 15.97
N GLY M 71 29.23 -17.44 15.63
CA GLY M 71 29.31 -17.93 14.26
C GLY M 71 28.17 -17.43 13.39
N ASN M 72 28.26 -17.49 12.07
CA ASN M 72 27.23 -16.88 11.25
C ASN M 72 25.98 -17.75 11.20
N ALA M 73 26.12 -19.04 11.50
CA ALA M 73 24.97 -19.92 11.58
C ALA M 73 24.48 -20.09 13.02
N TYR M 74 24.92 -19.23 13.93
CA TYR M 74 24.50 -19.28 15.30
C TYR M 74 23.83 -17.95 15.59
N PRO M 75 22.73 -17.85 16.36
CA PRO M 75 21.95 -18.98 16.88
C PRO M 75 20.83 -19.42 15.92
N ASN M 76 19.73 -19.95 16.43
CA ASN M 76 18.71 -20.61 15.63
C ASN M 76 18.19 -19.71 14.50
N ARG M 77 18.07 -18.41 14.76
CA ARG M 77 17.54 -17.55 13.72
C ARG M 77 18.45 -17.57 12.49
N ARG M 78 19.75 -17.49 12.75
CA ARG M 78 20.72 -17.45 11.67
C ARG M 78 20.80 -18.82 10.99
N MET M 79 20.79 -19.87 11.79
CA MET M 79 20.83 -21.21 11.24
C MET M 79 19.67 -21.44 10.29
N ALA M 80 18.50 -20.94 10.68
CA ALA M 80 17.32 -21.10 9.88
C ALA M 80 17.47 -20.36 8.57
N ALA M 81 18.03 -19.15 8.62
CA ALA M 81 18.25 -18.36 7.42
C ALA M 81 19.22 -19.05 6.48
N CYS M 82 20.26 -19.68 7.04
CA CYS M 82 21.24 -20.38 6.23
C CYS M 82 20.59 -21.52 5.45
N LEU M 83 19.74 -22.28 6.12
CA LEU M 83 19.10 -23.42 5.51
C LEU M 83 18.12 -22.96 4.43
N ARG M 84 17.49 -21.80 4.66
CA ARG M 84 16.56 -21.24 3.71
C ARG M 84 17.30 -20.88 2.42
N ASP M 85 18.47 -20.27 2.56
CA ASP M 85 19.24 -19.83 1.42
C ASP M 85 19.67 -21.01 0.55
N MET M 86 20.09 -22.11 1.20
CA MET M 86 20.50 -23.28 0.46
C MET M 86 19.35 -23.81 -0.38
N GLU M 87 18.15 -23.78 0.19
CA GLU M 87 16.97 -24.28 -0.50
C GLU M 87 16.65 -23.38 -1.68
N ILE M 88 16.79 -22.07 -1.53
CA ILE M 88 16.52 -21.14 -2.62
C ILE M 88 17.49 -21.39 -3.77
N ILE M 89 18.77 -21.54 -3.47
CA ILE M 89 19.73 -21.75 -4.55
C ILE M 89 19.41 -23.05 -5.28
N LEU M 90 19.08 -24.11 -4.55
CA LEU M 90 18.78 -25.39 -5.18
C LEU M 90 17.56 -25.28 -6.10
N ARG M 91 16.60 -24.49 -5.67
CA ARG M 91 15.38 -24.30 -6.44
C ARG M 91 15.74 -23.72 -7.79
N TYR M 92 16.57 -22.69 -7.81
CA TYR M 92 16.92 -21.99 -9.03
C TYR M 92 17.79 -22.84 -9.93
N VAL M 93 18.64 -23.69 -9.37
CA VAL M 93 19.42 -24.60 -10.19
C VAL M 93 18.48 -25.56 -10.90
N SER M 94 17.44 -26.00 -10.21
CA SER M 94 16.51 -26.95 -10.80
C SER M 94 15.71 -26.27 -11.92
N TYR M 95 15.36 -25.00 -11.70
CA TYR M 95 14.67 -24.24 -12.72
C TYR M 95 15.53 -24.16 -13.98
N ALA M 96 16.81 -23.87 -13.79
CA ALA M 96 17.74 -23.69 -14.90
C ALA M 96 17.92 -24.98 -15.67
N LEU M 97 17.88 -26.11 -14.96
CA LEU M 97 18.06 -27.40 -15.60
C LEU M 97 16.87 -27.73 -16.49
N LEU M 98 15.66 -27.32 -16.10
CA LEU M 98 14.50 -27.54 -16.96
C LEU M 98 14.57 -26.61 -18.17
N ALA M 99 14.90 -25.34 -17.94
CA ALA M 99 15.04 -24.36 -19.00
C ALA M 99 16.13 -24.74 -20.00
N GLY M 100 17.24 -25.31 -19.51
CA GLY M 100 18.37 -25.59 -20.37
C GLY M 100 19.26 -24.36 -20.55
N ASP M 101 19.01 -23.33 -19.74
CA ASP M 101 19.74 -22.07 -19.83
C ASP M 101 19.91 -21.52 -18.41
N ALA M 102 21.04 -20.88 -18.16
CA ALA M 102 21.39 -20.41 -16.82
C ALA M 102 20.79 -19.04 -16.52
N SER M 103 20.06 -18.44 -17.45
CA SER M 103 19.63 -17.07 -17.27
C SER M 103 18.75 -16.91 -16.03
N VAL M 104 17.81 -17.81 -15.79
CA VAL M 104 16.91 -17.66 -14.65
C VAL M 104 17.73 -17.65 -13.36
N LEU M 105 18.76 -18.49 -13.34
CA LEU M 105 19.66 -18.56 -12.19
C LEU M 105 20.41 -17.24 -12.04
N GLU M 106 20.94 -16.72 -13.14
CA GLU M 106 21.70 -15.49 -13.14
C GLU M 106 20.84 -14.28 -12.79
N ASP M 107 19.66 -14.16 -13.42
CA ASP M 107 18.89 -12.93 -13.29
C ASP M 107 18.24 -12.79 -11.93
N ARG M 108 17.77 -13.88 -11.35
CA ARG M 108 16.92 -13.80 -10.17
C ARG M 108 17.69 -14.18 -8.92
N CYS M 109 18.56 -15.19 -9.00
CA CYS M 109 19.28 -15.66 -7.83
C CYS M 109 20.63 -14.96 -7.72
N LEU M 110 21.44 -15.00 -8.78
CA LEU M 110 22.86 -14.71 -8.66
C LEU M 110 23.14 -13.22 -8.61
N ASN M 111 22.34 -12.40 -9.29
CA ASN M 111 22.67 -10.98 -9.41
C ASN M 111 22.36 -10.23 -8.12
N GLY M 112 23.39 -9.72 -7.45
CA GLY M 112 23.24 -9.02 -6.20
C GLY M 112 23.34 -9.94 -4.99
N LEU M 113 23.53 -11.24 -5.20
CA LEU M 113 23.66 -12.13 -4.06
C LEU M 113 24.96 -11.82 -3.30
N LYS M 114 26.07 -11.64 -4.04
CA LYS M 114 27.35 -11.40 -3.42
C LYS M 114 27.32 -10.10 -2.62
N GLU M 115 26.64 -9.10 -3.18
CA GLU M 115 26.51 -7.81 -2.53
C GLU M 115 25.72 -7.93 -1.25
N THR M 116 24.64 -8.70 -1.28
CA THR M 116 23.83 -8.92 -0.10
C THR M 116 24.68 -9.55 0.99
N TYR M 117 25.47 -10.56 0.62
CA TYR M 117 26.23 -11.29 1.61
C TYR M 117 27.30 -10.40 2.24
N VAL M 118 27.92 -9.55 1.42
CA VAL M 118 28.97 -8.67 1.89
C VAL M 118 28.41 -7.65 2.88
N ALA M 119 27.24 -7.08 2.56
CA ALA M 119 26.58 -6.15 3.45
C ALA M 119 26.22 -6.82 4.77
N LEU M 120 25.70 -8.05 4.71
CA LEU M 120 25.30 -8.74 5.92
C LEU M 120 26.52 -9.11 6.74
N GLY M 121 27.64 -9.38 6.07
CA GLY M 121 28.81 -9.91 6.75
C GLY M 121 28.85 -11.44 6.73
N THR M 122 27.94 -12.05 5.96
CA THR M 122 27.95 -13.48 5.73
C THR M 122 29.21 -13.85 4.98
N PRO M 123 29.96 -14.91 5.35
CA PRO M 123 31.16 -15.30 4.60
C PRO M 123 30.87 -16.00 3.27
N THR M 124 31.19 -15.31 2.16
CA THR M 124 30.76 -15.74 0.84
C THR M 124 31.41 -17.09 0.49
N ARG M 125 32.65 -17.29 0.92
CA ARG M 125 33.35 -18.51 0.57
C ARG M 125 32.68 -19.73 1.18
N SER M 126 32.12 -19.58 2.38
CA SER M 126 31.39 -20.66 3.02
C SER M 126 30.09 -20.92 2.25
N VAL M 127 29.43 -19.87 1.78
CA VAL M 127 28.20 -20.03 1.01
C VAL M 127 28.53 -20.84 -0.23
N ALA M 128 29.66 -20.51 -0.85
CA ALA M 128 30.08 -21.19 -2.05
C ALA M 128 30.36 -22.66 -1.75
N ARG M 129 30.92 -22.93 -0.57
CA ARG M 129 31.24 -24.30 -0.20
C ARG M 129 29.96 -25.11 -0.03
N ALA M 130 28.93 -24.46 0.50
CA ALA M 130 27.63 -25.08 0.66
C ALA M 130 27.05 -25.48 -0.69
N VAL M 131 27.20 -24.61 -1.69
CA VAL M 131 26.69 -24.90 -3.01
C VAL M 131 27.44 -26.07 -3.64
N GLN M 132 28.73 -26.20 -3.37
CA GLN M 132 29.51 -27.33 -3.87
C GLN M 132 29.08 -28.63 -3.20
N LEU M 133 28.74 -28.57 -1.92
CA LEU M 133 28.34 -29.77 -1.20
C LEU M 133 26.98 -30.23 -1.71
N MET M 134 26.09 -29.28 -1.95
CA MET M 134 24.79 -29.60 -2.51
C MET M 134 24.97 -30.26 -3.88
N LYS M 135 25.89 -29.73 -4.67
CA LYS M 135 26.13 -30.27 -6.00
C LYS M 135 26.48 -31.76 -5.92
N GLU M 136 27.36 -32.16 -5.02
CA GLU M 136 27.78 -33.55 -4.99
C GLU M 136 26.61 -34.46 -4.65
N THR M 137 25.77 -34.03 -3.71
CA THR M 137 24.62 -34.83 -3.32
C THR M 137 23.64 -34.93 -4.48
N ALA M 138 23.28 -33.77 -5.03
CA ALA M 138 22.32 -33.71 -6.11
C ALA M 138 22.77 -34.57 -7.27
N ILE M 139 24.04 -34.48 -7.66
CA ILE M 139 24.47 -35.16 -8.87
C ILE M 139 24.35 -36.66 -8.66
N GLY M 140 24.54 -37.12 -7.41
CA GLY M 140 24.41 -38.52 -7.08
C GLY M 140 23.01 -39.05 -7.36
N TYR M 141 22.02 -38.24 -7.00
CA TYR M 141 20.62 -38.58 -7.20
C TYR M 141 20.30 -38.66 -8.69
N VAL M 142 20.76 -37.67 -9.43
CA VAL M 142 20.56 -37.65 -10.86
C VAL M 142 21.22 -38.88 -11.47
N ASN M 143 22.41 -39.23 -11.00
CA ASN M 143 23.17 -40.34 -11.57
C ASN M 143 22.56 -41.69 -11.20
N SER M 144 21.77 -41.76 -10.13
CA SER M 144 21.20 -43.06 -9.74
C SER M 144 19.73 -42.91 -9.39
N PRO M 145 18.84 -42.65 -10.38
CA PRO M 145 17.40 -42.58 -10.16
C PRO M 145 16.86 -44.01 -10.15
N SER M 146 15.69 -44.19 -9.52
CA SER M 146 15.18 -45.53 -9.24
C SER M 146 14.09 -45.89 -10.26
N GLY M 147 14.26 -47.03 -10.93
CA GLY M 147 13.27 -47.52 -11.87
C GLY M 147 13.36 -46.86 -13.24
N VAL M 148 14.34 -45.98 -13.43
CA VAL M 148 14.48 -45.28 -14.70
C VAL M 148 15.21 -46.19 -15.70
N THR M 149 14.90 -46.04 -16.99
CA THR M 149 15.57 -46.77 -18.07
C THR M 149 17.06 -46.45 -18.06
N ARG M 150 17.90 -47.48 -18.18
CA ARG M 150 19.34 -47.28 -18.14
C ARG M 150 19.79 -46.61 -19.43
N GLY M 151 20.61 -45.57 -19.27
CA GLY M 151 21.10 -44.80 -20.40
C GLY M 151 22.27 -43.93 -19.97
N ASP M 152 22.85 -43.20 -20.92
CA ASP M 152 23.90 -42.26 -20.59
C ASP M 152 23.29 -40.90 -20.33
N CYS M 153 23.46 -40.40 -19.11
CA CYS M 153 22.93 -39.10 -18.71
C CYS M 153 24.04 -38.07 -18.54
N SER M 154 25.25 -38.42 -19.00
CA SER M 154 26.45 -37.70 -18.64
C SER M 154 26.38 -36.25 -19.10
N ALA M 155 25.88 -35.98 -20.31
CA ALA M 155 25.80 -34.61 -20.78
C ALA M 155 24.89 -33.76 -19.87
N LEU M 156 23.79 -34.34 -19.41
CA LEU M 156 22.88 -33.64 -18.53
C LEU M 156 23.52 -33.43 -17.17
N VAL M 157 24.29 -34.40 -16.70
CA VAL M 157 24.98 -34.26 -15.43
C VAL M 157 26.01 -33.13 -15.51
N ASN M 158 26.73 -33.06 -16.61
CA ASN M 158 27.70 -31.99 -16.82
C ASN M 158 26.99 -30.62 -16.84
N GLU M 159 25.83 -30.53 -17.48
CA GLU M 159 25.08 -29.29 -17.51
C GLU M 159 24.66 -28.85 -16.12
N ALA M 160 24.25 -29.82 -15.30
CA ALA M 160 23.87 -29.52 -13.93
C ALA M 160 25.07 -28.99 -13.17
N ALA M 161 26.21 -29.65 -13.41
CA ALA M 161 27.45 -29.27 -12.76
C ALA M 161 27.78 -27.80 -13.05
N THR M 162 27.62 -27.38 -14.30
CA THR M 162 27.95 -26.02 -14.70
C THR M 162 27.08 -25.01 -13.95
N TYR M 163 25.80 -25.33 -13.76
CA TYR M 163 24.90 -24.41 -13.11
C TYR M 163 25.30 -24.23 -11.66
N PHE M 164 25.65 -25.34 -11.01
CA PHE M 164 26.16 -25.26 -9.64
C PHE M 164 27.44 -24.42 -9.63
N ASP M 165 28.33 -24.66 -10.60
CA ASP M 165 29.60 -23.98 -10.64
C ASP M 165 29.42 -22.47 -10.86
N LYS M 166 28.48 -22.09 -11.73
CA LYS M 166 28.21 -20.68 -11.95
C LYS M 166 27.80 -20.04 -10.63
N ALA M 167 26.92 -20.71 -9.90
CA ALA M 167 26.39 -20.15 -8.68
C ALA M 167 27.52 -19.93 -7.69
N ALA M 168 28.40 -20.91 -7.60
CA ALA M 168 29.51 -20.86 -6.66
C ALA M 168 30.44 -19.70 -7.00
N ALA M 169 30.75 -19.56 -8.30
CA ALA M 169 31.66 -18.53 -8.75
C ALA M 169 31.09 -17.13 -8.53
N SER M 170 29.79 -16.96 -8.75
CA SER M 170 29.15 -15.68 -8.51
C SER M 170 29.24 -15.31 -7.03
N ILE M 171 28.88 -16.27 -6.17
CA ILE M 171 28.75 -16.00 -4.75
C ILE M 171 30.13 -15.67 -4.19
N ALA M 172 31.13 -16.46 -4.58
CA ALA M 172 32.48 -16.24 -4.08
C ALA M 172 33.09 -15.03 -4.77
CHA CYC N . -15.39 27.85 27.43
NA CYC N . -14.23 25.87 28.19
C1A CYC N . -15.02 26.55 27.33
C2A CYC N . -15.49 25.68 26.28
C3A CYC N . -14.87 24.50 26.47
C4A CYC N . -14.03 24.63 27.65
CMA CYC N . -14.84 23.38 25.46
CAA CYC N . -16.26 26.16 25.09
CBA CYC N . -17.71 25.68 25.06
CGA CYC N . -18.52 26.02 26.30
O1A CYC N . -18.95 27.17 26.43
O2A CYC N . -18.75 25.11 27.11
CHB CYC N . -13.23 23.67 28.21
NB CYC N . -14.70 21.76 27.98
C1B CYC N . -13.58 22.39 28.46
C2B CYC N . -12.81 21.45 29.19
C3B CYC N . -13.31 20.21 28.94
C4B CYC N . -14.58 20.41 28.16
CMB CYC N . -11.64 21.71 30.08
CAB CYC N . -12.71 18.87 29.21
CBB CYC N . -13.70 17.90 29.84
OB CYC N . -15.32 19.57 27.71
NC CYC N . -13.22 32.11 32.13
C1C CYC N . -12.51 32.97 32.93
C2C CYC N . -11.04 32.74 32.73
C3C CYC N . -11.00 31.32 32.13
C4C CYC N . -12.38 31.15 31.58
CMC CYC N . -10.38 33.79 31.88
CAC CYC N . -10.63 30.23 33.15
CBC CYC N . -9.16 29.94 33.21
OC CYC N . -12.98 33.77 33.69
CHD CYC N . -12.71 30.09 30.76
ND CYC N . -13.95 28.71 29.20
C1D CYC N . -13.73 29.90 29.83
C2D CYC N . -14.61 30.85 29.22
C3D CYC N . -15.34 30.20 28.27
C4D CYC N . -14.92 28.84 28.25
CMD CYC N . -14.62 32.30 29.51
CAD CYC N . -16.36 30.78 27.34
CBD CYC N . -15.80 30.84 25.91
CGD CYC N . -16.63 31.65 24.93
O1D CYC N . -17.70 31.16 24.46
O2D CYC N . -16.17 32.78 24.58
CHA CYC O . -11.97 -21.00 10.68
NA CYC O . -12.04 -19.54 12.58
C1A CYC O . -11.94 -19.75 11.23
C2A CYC O . -11.81 -18.50 10.52
C3A CYC O . -11.84 -17.53 11.47
C4A CYC O . -11.96 -18.19 12.75
CMA CYC O . -11.87 -16.05 11.20
CAA CYC O . -11.82 -18.33 9.04
CBA CYC O . -10.52 -17.81 8.46
CGA CYC O . -9.32 -18.67 8.79
O1A CYC O . -9.47 -19.93 8.80
O2A CYC O . -8.23 -18.09 9.05
CHB CYC O . -11.99 -17.61 13.95
NB CYC O . -10.38 -15.77 13.66
C1B CYC O . -11.22 -16.62 14.41
C2B CYC O . -11.18 -16.24 15.76
C3B CYC O . -10.61 -15.03 15.83
C4B CYC O . -10.00 -14.74 14.49
CMB CYC O . -11.55 -17.05 16.96
CAB CYC O . -10.69 -14.00 16.90
CBB CYC O . -11.50 -12.81 16.39
OB CYC O . -9.33 -13.79 14.16
NC CYC O . -14.05 -26.16 13.85
C1C CYC O . -14.41 -27.30 14.49
C2C CYC O . -13.98 -27.24 15.92
C3C CYC O . -13.44 -25.80 16.06
C4C CYC O . -13.32 -25.33 14.64
CMC CYC O . -15.07 -27.63 16.87
CAC CYC O . -12.15 -25.79 16.87
CBC CYC O . -12.44 -25.88 18.36
OC CYC O . -14.99 -28.22 14.00
CHD CYC O . -12.68 -24.20 14.23
ND CYC O . -12.31 -22.39 12.66
C1D CYC O . -12.47 -23.72 12.93
C2D CYC O . -12.35 -24.40 11.68
C3D CYC O . -12.17 -23.45 10.71
C4D CYC O . -12.14 -22.20 11.32
CMD CYC O . -12.44 -25.87 11.46
CAD CYC O . -11.98 -23.70 9.25
CBD CYC O . -13.27 -23.67 8.47
CGD CYC O . -13.05 -23.54 6.96
O1D CYC O . -12.23 -22.67 6.56
O2D CYC O . -13.71 -24.29 6.18
CHA CYC P . 1.58 -14.35 46.53
NA CYC P . 2.17 -14.04 44.20
C1A CYC P . 2.31 -13.82 45.53
C2A CYC P . 3.36 -12.86 45.79
C3A CYC P . 3.90 -12.56 44.59
C4A CYC P . 3.15 -13.32 43.59
CMA CYC P . 4.99 -11.54 44.38
CAA CYC P . 3.62 -12.27 47.13
CBA CYC P . 4.83 -12.87 47.80
CGA CYC P . 4.66 -14.31 48.21
O1A CYC P . 5.40 -15.19 47.66
O2A CYC P . 3.77 -14.59 49.08
CHB CYC P . 3.39 -13.41 42.27
NB CYC P . 4.18 -11.24 41.63
C1B CYC P . 3.81 -12.52 41.40
C2B CYC P . 4.02 -12.83 40.03
C3B CYC P . 4.58 -11.77 39.42
C4B CYC P . 4.79 -10.74 40.49
CMB CYC P . 3.63 -14.10 39.30
CAB CYC P . 4.89 -11.51 37.98
CBB CYC P . 6.33 -11.08 37.76
OB CYC P . 5.43 -9.72 40.44
NC CYC P . -2.35 -19.32 46.41
C1C CYC P . -3.03 -20.49 46.30
C2C CYC P . -3.80 -20.49 45.01
C3C CYC P . -3.10 -19.42 44.18
C4C CYC P . -2.41 -18.59 45.25
CMC CYC P . -3.85 -21.84 44.34
CAC CYC P . -3.98 -18.45 43.40
CBC CYC P . -3.81 -18.45 41.91
OC CYC P . -3.01 -21.40 47.11
CHD CYC P . -1.89 -17.34 45.05
ND CYC P . -0.08 -15.81 45.50
C1D CYC P . -1.13 -16.60 45.93
C2D CYC P . -1.21 -16.42 47.34
C3D CYC P . -0.20 -15.55 47.71
C4D CYC P . 0.49 -15.17 46.56
CMD CYC P . -2.26 -16.94 48.26
CAD CYC P . 0.12 -15.04 49.08
CBD CYC P . -0.78 -13.94 49.60
CGD CYC P . -1.26 -12.88 48.61
O1D CYC P . -2.49 -12.67 48.56
O2D CYC P . -0.39 -12.24 47.92
CHA CYC Q . 9.11 36.32 17.50
NA CYC Q . 8.06 36.13 15.30
C1A CYC Q . 8.87 35.70 16.31
C2A CYC Q . 9.52 34.47 15.95
C3A CYC Q . 9.07 34.15 14.70
C4A CYC Q . 8.14 35.20 14.32
CMA CYC Q . 9.32 32.83 14.04
CAA CYC Q . 10.28 33.62 16.91
CBA CYC Q . 11.78 33.50 16.64
CGA CYC Q . 12.47 34.84 16.39
O1A CYC Q . 12.88 35.46 17.40
O2A CYC Q . 12.58 35.26 15.19
CHB CYC Q . 7.42 35.28 13.15
NB CYC Q . 8.92 34.33 11.53
C1B CYC Q . 7.76 34.95 11.91
C2B CYC Q . 6.97 35.16 10.77
C3B CYC Q . 7.53 34.53 9.71
C4B CYC Q . 8.85 34.01 10.18
CMB CYC Q . 5.73 36.01 10.63
CAB CYC Q . 7.00 34.23 8.35
CBB CYC Q . 7.85 34.84 7.24
OB CYC Q . 9.70 33.44 9.54
NC CYC Q . 6.03 41.90 19.28
C1C CYC Q . 5.19 42.74 19.93
C2C CYC Q . 3.78 42.49 19.47
C3C CYC Q . 3.93 41.43 18.38
C4C CYC Q . 5.35 40.97 18.55
CMC CYC Q . 2.98 42.09 20.63
CAC CYC Q . 3.66 41.93 16.94
CBC CYC Q . 2.21 41.72 16.51
OC CYC Q . 5.52 43.55 20.74
CHD CYC Q . 5.89 39.87 17.92
ND CYC Q . 7.45 38.10 17.38
C1D CYC Q . 7.02 39.10 18.20
C2D CYC Q . 7.78 39.01 19.41
C3D CYC Q . 8.67 37.98 19.27
C4D CYC Q . 8.45 37.40 18.00
CMD CYC Q . 7.56 39.82 20.65
CAD CYC Q . 9.71 37.55 20.23
CBD CYC Q . 9.35 36.26 20.93
CGD CYC Q . 10.53 35.50 21.53
O1D CYC Q . 11.24 34.77 20.75
O2D CYC Q . 10.75 35.63 22.77
CHA CYC R . 12.46 3.98 -23.24
NA CYC R . 12.10 6.20 -22.42
C1A CYC R . 12.23 4.86 -22.23
C2A CYC R . 12.10 4.54 -20.82
C3A CYC R . 11.82 5.70 -20.19
C4A CYC R . 11.86 6.75 -21.20
CMA CYC R . 11.52 5.81 -18.72
CAA CYC R . 12.40 3.22 -20.19
CBA CYC R . 11.15 2.48 -19.73
CGA CYC R . 10.29 1.99 -20.88
O1A CYC R . 10.87 1.44 -21.87
O2A CYC R . 9.03 2.12 -20.77
CHB CYC R . 11.66 8.06 -21.03
NB CYC R . 11.23 8.65 -18.67
C1B CYC R . 11.18 8.84 -20.03
C2B CYC R . 10.63 10.12 -20.29
C3B CYC R . 10.34 10.71 -19.11
C4B CYC R . 10.70 9.74 -18.04
CMB CYC R . 10.43 10.82 -21.59
CAB CYC R . 9.77 12.06 -18.82
CBB CYC R . 8.60 12.00 -17.85
OB CYC R . 10.51 9.82 -16.85
NC CYC R . 14.54 5.36 -29.11
C1C CYC R . 14.94 5.57 -30.39
C2C CYC R . 14.45 6.90 -30.86
C3C CYC R . 13.78 7.49 -29.60
C4C CYC R . 13.70 6.34 -28.65
CMC CYC R . 15.52 7.73 -31.53
CAC CYC R . 12.45 8.13 -29.96
CBC CYC R . 12.66 9.51 -30.56
OC CYC R . 15.59 4.81 -31.06
CHD CYC R . 13.00 6.30 -27.48
ND CYC R . 12.67 5.40 -25.21
C1D CYC R . 12.89 5.24 -26.54
C2D CYC R . 12.97 3.83 -26.77
C3D CYC R . 12.84 3.21 -25.55
C4D CYC R . 12.64 4.20 -24.58
CMD CYC R . 13.09 3.11 -28.07
CAD CYC R . 12.80 1.75 -25.31
CBD CYC R . 14.21 1.21 -25.10
CGD CYC R . 14.28 -0.17 -24.47
O1D CYC R . 13.49 -0.45 -23.52
O2D CYC R . 15.13 -0.97 -24.94
CHA CYC S . -4.76 38.30 -29.80
NA CYC S . -5.23 36.16 -28.76
C1A CYC S . -5.51 37.47 -29.01
C2A CYC S . -6.68 37.89 -28.28
C3A CYC S . -7.12 36.79 -27.60
C4A CYC S . -6.26 35.69 -28.01
CMA CYC S . -8.19 36.79 -26.58
CAA CYC S . -7.30 39.25 -28.31
CBA CYC S . -8.45 39.37 -29.29
CGA CYC S . -8.02 39.46 -30.75
O1A CYC S . -8.62 38.71 -31.57
O2A CYC S . -7.14 40.30 -31.09
CHB CYC S . -6.40 34.37 -27.73
NB CYC S . -7.17 34.35 -25.45
C1B CYC S . -6.79 33.75 -26.63
C2B CYC S . -6.91 32.35 -26.50
C3B CYC S . -7.38 32.07 -25.27
C4B CYC S . -7.64 33.37 -24.60
CMB CYC S . -6.62 31.28 -27.51
CAB CYC S . -7.45 30.74 -24.59
CBB CYC S . -8.75 30.52 -23.83
OB CYC S . -8.18 33.58 -23.55
NC CYC S . -0.82 36.53 -34.35
C1C CYC S . 0.15 36.39 -35.30
C2C CYC S . 1.14 35.37 -34.81
C3C CYC S . 0.45 34.70 -33.64
C4C CYC S . -0.57 35.75 -33.26
CMC CYC S . 1.56 34.46 -35.94
CAC CYC S . 1.34 34.51 -32.43
CBC CYC S . 1.32 33.17 -31.71
OC CYC S . 0.19 36.94 -36.38
CHD CYC S . -1.15 35.93 -32.00
ND CYC S . -3.01 36.86 -30.78
C1D CYC S . -1.92 37.00 -31.59
C2D CYC S . -1.82 38.40 -31.87
C3D CYC S . -2.86 39.04 -31.23
C4D CYC S . -3.62 38.07 -30.54
CMD CYC S . -0.70 39.06 -32.59
CAD CYC S . -3.09 40.51 -31.08
CBD CYC S . -2.26 41.15 -29.96
CGD CYC S . -2.80 41.00 -28.52
O1D CYC S . -2.01 40.52 -27.65
O2D CYC S . -3.98 41.38 -28.26
CHA CYC T . 22.34 -30.45 16.48
NA CYC T . 21.53 -28.64 17.92
C1A CYC T . 21.98 -29.16 16.73
C2A CYC T . 22.06 -28.13 15.72
C3A CYC T . 21.60 -26.99 16.30
C4A CYC T . 21.33 -27.31 17.70
CMA CYC T . 21.31 -25.72 15.55
CAA CYC T . 22.46 -28.34 14.29
CBA CYC T . 23.87 -27.82 13.93
CGA CYC T . 24.98 -28.49 14.71
O1A CYC T . 25.34 -29.64 14.38
O2A CYC T . 25.49 -27.86 15.67
CHB CYC T . 20.96 -26.42 18.69
NB CYC T . 22.15 -24.39 18.09
C1B CYC T . 21.26 -25.12 18.86
C2B CYC T . 20.64 -24.27 19.78
C3B CYC T . 21.04 -22.99 19.53
C4B CYC T . 22.03 -23.05 18.42
CMB CYC T . 19.67 -24.60 20.87
CAB CYC T . 20.61 -21.69 20.14
CBB CYC T . 21.75 -20.97 20.85
OB CYC T . 22.58 -22.13 17.85
NC CYC T . 22.13 -35.65 20.88
C1C CYC T . 21.83 -36.53 21.91
C2C CYC T . 20.44 -36.21 22.39
C3C CYC T . 20.29 -34.73 22.00
C4C CYC T . 21.40 -34.48 21.00
CMC CYC T . 19.40 -37.16 21.87
CAC CYC T . 20.34 -33.80 23.22
CBC CYC T . 18.96 -33.52 23.79
OC CYC T . 22.53 -37.40 22.37
CHD CYC T . 21.67 -33.29 20.39
ND CYC T . 21.94 -31.63 18.60
C1D CYC T . 22.04 -32.90 19.07
C2D CYC T . 22.56 -33.69 18.00
C3D CYC T . 22.73 -32.86 16.93
C4D CYC T . 22.34 -31.57 17.30
CMD CYC T . 22.84 -35.15 18.04
CAD CYC T . 23.21 -33.25 15.55
CBD CYC T . 22.06 -33.49 14.59
CGD CYC T . 22.51 -33.86 13.20
O1D CYC T . 23.40 -33.13 12.66
O2D CYC T . 21.95 -34.84 12.62
CHA CYC U . 14.28 18.96 8.26
NA CYC U . 14.66 17.30 10.00
C1A CYC U . 14.31 17.67 8.74
C2A CYC U . 13.99 16.49 7.95
C3A CYC U . 14.10 15.43 8.78
C4A CYC U . 14.63 15.96 10.03
CMA CYC U . 14.00 13.99 8.35
CAA CYC U . 14.00 16.49 6.44
CBA CYC U . 12.70 16.06 5.82
CGA CYC U . 11.53 16.92 6.22
O1A CYC U . 10.89 17.52 5.32
O2A CYC U . 11.23 16.94 7.43
CHB CYC U . 15.05 15.25 11.06
NB CYC U . 13.50 13.38 11.20
C1B CYC U . 14.58 14.12 11.61
C2B CYC U . 15.12 13.55 12.77
C3B CYC U . 14.45 12.43 13.05
C4B CYC U . 13.33 12.33 12.07
CMB CYC U . 16.16 14.10 13.69
CAB CYC U . 14.65 11.41 14.13
CBB CYC U . 14.77 10.00 13.55
OB CYC U . 12.39 11.57 12.08
NC CYC U . 17.50 23.97 10.82
C1C CYC U . 18.12 25.02 11.43
C2C CYC U . 18.21 24.80 12.91
C3C CYC U . 17.70 23.36 13.06
C4C CYC U . 17.06 23.05 11.73
CMC CYC U . 19.58 25.04 13.49
CAC CYC U . 16.85 23.20 14.29
CBC CYC U . 17.69 23.04 15.55
OC CYC U . 18.57 25.97 10.84
CHD CYC U . 16.24 21.98 11.50
ND CYC U . 15.28 20.25 10.08
C1D CYC U . 15.58 21.56 10.33
C2D CYC U . 15.12 22.31 9.21
C3D CYC U . 14.59 21.43 8.31
C4D CYC U . 14.70 20.13 8.84
CMD CYC U . 15.14 23.79 9.08
CAD CYC U . 13.85 21.78 7.06
CBD CYC U . 14.80 22.16 5.95
CGD CYC U . 14.13 22.66 4.68
O1D CYC U . 12.86 22.63 4.57
O2D CYC U . 14.87 23.17 3.83
CHA CYC V . 14.59 8.43 45.90
NA CYC V . 13.18 8.14 43.92
C1A CYC V . 13.50 7.90 45.23
C2A CYC V . 12.57 6.96 45.82
C3A CYC V . 11.63 6.72 44.88
C4A CYC V . 11.94 7.57 43.74
CMA CYC V . 10.55 5.69 45.01
CAA CYC V . 12.70 6.36 47.19
CBA CYC V . 11.80 6.99 48.22
CGA CYC V . 11.99 8.49 48.42
O1A CYC V . 11.08 9.28 48.02
O2A CYC V . 13.06 8.85 48.97
CHB CYC V . 11.17 7.85 42.66
NB CYC V . 10.14 5.72 42.13
C1B CYC V . 10.48 7.04 41.87
C2B CYC V . 9.93 7.42 40.64
C3B CYC V . 9.23 6.39 40.13
C4B CYC V . 9.27 5.29 41.16
CMB CYC V . 10.05 8.73 39.93
CAB CYC V . 8.57 6.21 38.80
CBB CYC V . 7.05 6.06 38.92
OB CYC V . 8.60 4.29 41.21
NC CYC V . 17.67 13.54 44.42
C1C CYC V . 18.43 14.65 44.29
C2C CYC V . 18.87 14.77 42.86
C3C CYC V . 17.98 13.77 42.11
C4C CYC V . 17.51 12.87 43.22
CMC CYC V . 18.83 16.19 42.38
CAC CYC V . 18.67 12.84 41.10
CBC CYC V . 18.24 12.95 39.66
OC CYC V . 18.76 15.39 45.17
CHD CYC V . 17.04 11.58 43.09
ND CYC V . 15.62 9.94 44.24
C1D CYC V . 16.74 10.73 44.16
C2D CYC V . 17.47 10.52 45.37
C3D CYC V . 16.75 9.65 46.14
C4D CYC V . 15.58 9.28 45.43
CMD CYC V . 18.83 11.06 45.65
CAD CYC V . 17.13 9.08 47.47
CBD CYC V . 18.11 7.91 47.38
CGD CYC V . 17.53 6.63 46.77
O1D CYC V . 18.02 6.20 45.65
O2D CYC V . 16.66 6.02 47.44
CHA CYC W . -21.98 2.60 -36.12
NA CYC W . -21.20 4.44 -34.79
C1A CYC W . -21.71 3.18 -34.95
C2A CYC W . -21.88 2.52 -33.68
C3A CYC W . -21.52 3.42 -32.73
C4A CYC W . -21.17 4.65 -33.44
CMA CYC W . -21.24 3.08 -31.29
CAA CYC W . -22.09 1.04 -33.53
CBA CYC W . -23.45 0.62 -32.97
CGA CYC W . -24.65 1.03 -33.81
O1A CYC W . -24.91 0.41 -34.89
O2A CYC W . -25.36 1.93 -33.35
CHB CYC W . -20.84 5.87 -32.90
NB CYC W . -22.29 5.94 -30.96
C1B CYC W . -21.36 6.48 -31.83
C2B CYC W . -20.89 7.70 -31.30
C3B CYC W . -21.37 7.83 -30.04
C4B CYC W . -22.27 6.66 -29.78
CMB CYC W . -20.01 8.70 -31.99
CAB CYC W . -21.05 8.85 -29.00
CBB CYC W . -22.29 9.55 -28.42
OB CYC W . -22.81 6.33 -28.75
NC CYC W . -21.33 5.24 -42.31
C1C CYC W . -20.93 5.76 -43.50
C2C CYC W . -19.57 6.39 -43.33
C3C CYC W . -19.47 6.58 -41.82
C4C CYC W . -20.50 5.62 -41.27
CMC CYC W . -18.47 5.57 -43.93
CAC CYC W . -19.70 8.04 -41.41
CBC CYC W . -18.43 8.85 -41.37
OC CYC W . -21.54 5.73 -44.53
CHD CYC W . -20.63 5.36 -39.92
ND CYC W . -21.27 4.24 -37.82
C1D CYC W . -21.19 4.28 -39.19
C2D CYC W . -21.63 3.01 -39.67
C3D CYC W . -21.97 2.26 -38.57
C4D CYC W . -21.74 3.02 -37.41
CMD CYC W . -21.58 2.55 -41.08
CAD CYC W . -22.46 0.84 -38.56
CBD CYC W . -21.44 -0.06 -37.87
CGD CYC W . -21.74 -1.55 -37.97
O1D CYC W . -22.45 -2.09 -37.04
O2D CYC W . -21.28 -2.19 -39.00
CHA CYC X . -18.64 12.60 14.74
NA CYC X . -19.26 13.42 12.56
C1A CYC X . -18.67 12.50 13.37
C2A CYC X . -18.13 11.39 12.59
C3A CYC X . -18.34 11.71 11.30
C4A CYC X . -19.03 12.99 11.30
CMA CYC X . -18.08 10.80 10.14
CAA CYC X . -17.61 10.09 13.12
CBA CYC X . -16.09 10.04 13.11
CGA CYC X . -15.46 11.03 14.07
O1A CYC X . -15.78 10.94 15.28
O2A CYC X . -14.70 11.89 13.61
CHB CYC X . -19.46 13.66 10.23
NB CYC X . -17.76 13.20 8.58
C1B CYC X . -18.88 13.83 9.08
C2B CYC X . -19.37 14.73 8.12
C3B CYC X . -18.70 14.52 6.96
C4B CYC X . -17.59 13.58 7.28
CMB CYC X . -20.31 15.89 8.31
CAB CYC X . -19.01 14.99 5.59
CBB CYC X . -19.06 13.83 4.60
OB CYC X . -16.68 13.26 6.56
NC CYC X . -22.31 16.79 18.02
C1C CYC X . -23.08 17.68 18.69
C2C CYC X . -23.28 18.90 17.84
C3C CYC X . -22.63 18.51 16.52
C4C CYC X . -21.88 17.24 16.81
CMC CYC X . -24.74 19.28 17.74
CAC CYC X . -21.78 19.68 15.95
CBC CYC X . -22.64 20.71 15.26
OC CYC X . -23.58 17.48 19.78
CHD CYC X . -21.00 16.63 15.97
ND CYC X . -19.82 14.71 15.08
C1D CYC X . -20.24 15.46 16.14
C2D CYC X . -19.76 14.82 17.31
C3D CYC X . -19.11 13.67 16.91
C4D CYC X . -19.17 13.59 15.53
CMD CYC X . -19.94 15.27 18.72
CAD CYC X . -18.41 12.68 17.78
CBD CYC X . -19.33 11.61 18.35
CGD CYC X . -18.56 10.46 18.97
O1D CYC X . -17.55 10.02 18.34
O2D CYC X . -18.94 10.01 20.08
CHA CYC Y . -19.75 43.47 -9.39
NA CYC Y . -18.20 41.81 -8.57
C1A CYC Y . -18.60 42.75 -9.46
C2A CYC Y . -17.58 42.91 -10.50
C3A CYC Y . -16.62 42.03 -10.21
C4A CYC Y . -17.02 41.33 -8.99
CMA CYC Y . -15.43 41.76 -11.08
CAA CYC Y . -17.64 43.84 -11.68
CBA CYC Y . -16.97 45.17 -11.38
CGA CYC Y . -17.68 45.98 -10.29
O1A CYC Y . -17.11 46.11 -9.16
O2A CYC Y . -18.81 46.44 -10.58
CHB CYC Y . -16.36 40.38 -8.31
NB CYC Y . -15.13 39.12 -9.95
C1B CYC Y . -15.54 39.42 -8.68
C2B CYC Y . -14.88 38.59 -7.75
C3B CYC Y . -13.99 37.81 -8.43
C4B CYC Y . -14.10 38.21 -9.86
CMB CYC Y . -15.14 38.48 -6.27
CAB CYC Y . -13.10 36.73 -7.95
CBB CYC Y . -11.66 36.89 -8.44
OB CYC Y . -13.41 37.84 -10.77
NC CYC Y . -23.68 43.86 -4.45
C1C CYC Y . -24.40 44.02 -3.31
C2C CYC Y . -24.70 42.67 -2.73
C3C CYC Y . -23.65 41.77 -3.38
C4C CYC Y . -23.20 42.59 -4.56
CMC CYC Y . -24.71 42.71 -1.22
CAC CYC Y . -24.07 40.44 -4.01
CBC CYC Y . -23.59 39.21 -3.24
OC CYC Y . -24.78 45.07 -2.84
CHD CYC Y . -22.44 42.12 -5.57
ND CYC Y . -20.87 42.60 -7.39
C1D CYC Y . -22.07 42.78 -6.75
C2D CYC Y . -22.81 43.72 -7.53
C3D CYC Y . -22.04 44.08 -8.59
C4D CYC Y . -20.81 43.39 -8.50
CMD CYC Y . -24.25 44.10 -7.30
CAD CYC Y . -22.47 44.96 -9.73
CBD CYC Y . -23.21 44.17 -10.82
CGD CYC Y . -22.35 43.17 -11.58
O1D CYC Y . -22.78 41.98 -11.71
O2D CYC Y . -21.24 43.55 -12.07
CHA CYC Z . -4.06 -38.99 15.57
NA CYC Z . -3.71 -38.51 13.25
C1A CYC Z . -4.20 -38.23 14.48
C2A CYC Z . -4.96 -37.01 14.50
C3A CYC Z . -4.85 -36.50 13.26
C4A CYC Z . -4.08 -37.45 12.46
CMA CYC Z . -5.20 -35.07 12.93
CAA CYC Z . -5.41 -36.34 15.76
CBA CYC Z . -6.94 -36.31 15.91
CGA CYC Z . -7.55 -37.65 16.24
O1A CYC Z . -7.30 -38.16 17.36
O2A CYC Z . -8.28 -38.18 15.39
CHB CYC Z . -3.77 -37.39 11.12
NB CYC Z . -5.82 -36.44 10.27
C1B CYC Z . -4.57 -37.02 10.12
C2B CYC Z . -4.22 -37.02 8.75
C3B CYC Z . -5.15 -36.28 8.08
C4B CYC Z . -6.22 -35.93 9.06
CMB CYC Z . -3.07 -37.68 8.07
CAB CYC Z . -5.10 -35.69 6.71
CBB CYC Z . -6.26 -36.17 5.84
OB CYC Z . -7.23 -35.31 8.88
NC CYC Z . -0.53 -44.67 15.97
C1C CYC Z . 0.42 -45.66 15.94
C2C CYC Z . 1.63 -45.17 15.20
C3C CYC Z . 1.07 -43.99 14.41
C4C CYC Z . -0.19 -43.62 15.16
CMC CYC Z . 2.77 -44.81 16.11
CAC CYC Z . 0.84 -44.29 12.93
CBC CYC Z . 2.01 -43.93 12.10
OC CYC Z . 0.31 -46.73 16.45
CHD CYC Z . -0.84 -42.47 14.89
ND CYC Z . -2.45 -40.68 14.94
C1D CYC Z . -1.81 -41.72 15.55
C2D CYC Z . -2.23 -41.70 16.92
C3D CYC Z . -3.13 -40.68 17.05
C4D CYC Z . -3.25 -40.04 15.83
CMD CYC Z . -1.71 -42.55 18.02
CAD CYC Z . -3.82 -40.24 18.31
CBD CYC Z . -3.46 -38.80 18.67
CGD CYC Z . -3.22 -38.54 20.16
O1D CYC Z . -2.61 -37.47 20.48
O2D CYC Z . -3.69 -39.36 20.99
CHA CYC AA . -21.09 -2.24 -16.47
NA CYC AA . -20.62 -4.58 -16.19
C1A CYC AA . -20.56 -3.29 -15.77
C2A CYC AA . -19.90 -3.21 -14.48
C3A CYC AA . -19.51 -4.46 -14.17
C4A CYC AA . -20.00 -5.31 -15.25
CMA CYC AA . -18.82 -4.89 -12.91
CAA CYC AA . -19.82 -1.99 -13.61
CBA CYC AA . -18.47 -1.27 -13.61
CGA CYC AA . -17.85 -1.08 -14.99
O1A CYC AA . -18.43 -0.33 -15.83
O2A CYC AA . -16.79 -1.72 -15.25
CHB CYC AA . -19.86 -6.65 -15.35
NB CYC AA . -17.54 -6.93 -14.62
C1B CYC AA . -18.75 -7.37 -15.15
C2B CYC AA . -18.67 -8.74 -15.43
C3B CYC AA . -17.59 -9.22 -14.80
C4B CYC AA . -16.77 -8.05 -14.34
CMB CYC AA . -19.51 -9.56 -16.37
CAB CYC AA . -17.27 -10.60 -14.36
CBB CYC AA . -17.32 -10.70 -12.83
OB CYC AA . -15.69 -8.04 -13.83
NC CYC AA . -25.36 -3.01 -21.30
C1C CYC AA . -26.00 -3.07 -22.52
C2C CYC AA . -25.79 -4.41 -23.15
C3C CYC AA . -24.74 -5.03 -22.23
C4C CYC AA . -24.34 -3.94 -21.28
CMC CYC AA . -27.07 -5.18 -23.33
CAC CYC AA . -23.61 -5.64 -23.05
CBC CYC AA . -23.97 -7.05 -23.45
OC CYC AA . -26.68 -2.20 -23.02
CHD CYC AA . -23.23 -3.97 -20.47
ND CYC AA . -22.08 -3.39 -18.40
C1D CYC AA . -22.77 -3.03 -19.52
C2D CYC AA . -22.92 -1.61 -19.48
C3D CYC AA . -22.31 -1.17 -18.35
C4D CYC AA . -21.77 -2.27 -17.68
CMD CYC AA . -23.59 -0.76 -20.51
CAD CYC AA . -22.18 0.25 -17.89
CBD CYC AA . -23.24 0.63 -16.86
CGD CYC AA . -23.54 2.12 -16.85
O1D CYC AA . -22.69 2.86 -16.30
O2D CYC AA . -24.61 2.55 -17.42
CHA CYC BA . -8.36 -35.20 -33.17
NA CYC BA . -7.53 -33.31 -31.93
C1A CYC BA . -7.38 -34.51 -32.55
C2A CYC BA . -6.04 -35.03 -32.37
C3A CYC BA . -5.33 -34.01 -31.81
C4A CYC BA . -6.26 -32.90 -31.68
CMA CYC BA . -3.91 -34.11 -31.35
CAA CYC BA . -5.61 -36.43 -32.69
CBA CYC BA . -4.82 -36.55 -33.99
CGA CYC BA . -5.57 -36.08 -35.23
O1A CYC BA . -5.25 -34.97 -35.74
O2A CYC BA . -6.46 -36.82 -35.69
CHB CYC BA . -5.96 -31.62 -31.38
NB CYC BA . -4.55 -31.89 -29.43
C1B CYC BA . -5.24 -31.15 -30.35
C2B CYC BA . -5.06 -29.79 -30.12
C3B CYC BA . -4.14 -29.64 -29.14
C4B CYC BA . -3.79 -31.04 -28.68
CMB CYC BA . -5.82 -28.63 -30.73
CAB CYC BA . -3.54 -28.42 -28.54
CBB CYC BA . -2.00 -28.48 -28.54
OB CYC BA . -3.02 -31.36 -27.80
NC CYC BA . -13.81 -33.11 -35.46
C1C CYC BA . -14.98 -32.68 -36.02
C2C CYC BA . -15.63 -31.68 -35.11
C3C CYC BA . -14.52 -31.35 -34.11
C4C CYC BA . -13.57 -32.50 -34.26
CMC CYC BA . -16.15 -30.49 -35.87
CAC CYC BA . -14.82 -31.31 -32.63
CBC CYC BA . -14.69 -29.91 -32.02
OC CYC BA . -15.42 -33.06 -37.09
CHD CYC BA . -12.58 -32.84 -33.37
ND CYC BA . -10.34 -33.74 -33.13
C1D CYC BA . -11.66 -33.86 -33.50
C2D CYC BA . -11.85 -35.20 -33.97
C3D CYC BA . -10.64 -35.85 -33.87
C4D CYC BA . -9.70 -34.93 -33.36
CMD CYC BA . -13.15 -35.84 -34.30
CAD CYC BA . -10.31 -37.27 -34.19
CBD CYC BA . -10.67 -38.26 -33.10
CGD CYC BA . -10.30 -37.94 -31.66
O1D CYC BA . -11.13 -38.28 -30.80
O2D CYC BA . -9.19 -37.40 -31.38
CHA CYC CA . 5.53 1.27 -41.98
NA CYC CA . 5.43 -0.83 -40.79
C1A CYC CA . 5.72 0.49 -40.91
C2A CYC CA . 6.26 1.00 -39.67
C3A CYC CA . 6.29 -0.03 -38.80
C4A CYC CA . 5.75 -1.19 -39.51
CMA CYC CA . 6.66 0.11 -37.35
CAA CYC CA . 6.42 2.46 -39.38
CBA CYC CA . 7.86 2.96 -39.27
CGA CYC CA . 8.76 2.53 -40.41
O1A CYC CA . 8.77 3.22 -41.47
O2A CYC CA . 9.46 1.50 -40.21
CHB CYC CA . 5.63 -2.48 -39.05
NB CYC CA . 7.68 -2.67 -37.80
C1B CYC CA . 6.50 -3.17 -38.29
C2B CYC CA . 6.27 -4.42 -37.72
C3B CYC CA . 7.18 -4.63 -36.74
C4B CYC CA . 8.10 -3.46 -36.76
CMB CYC CA . 5.18 -5.41 -38.04
CAB CYC CA . 7.31 -5.71 -35.70
CBB CYC CA . 8.58 -6.54 -35.91
OB CYC CA . 8.97 -3.16 -35.98
NC CYC CA . 2.53 -0.69 -47.70
C1C CYC CA . 1.68 -1.09 -48.68
C2C CYC CA . 0.53 -1.83 -48.08
C3C CYC CA . 1.02 -2.13 -46.65
C4C CYC CA . 2.18 -1.19 -46.48
CMC CYC CA . -0.75 -1.08 -48.18
CAC CYC CA . 1.38 -3.60 -46.45
CBC CYC CA . 0.24 -4.48 -46.04
OC CYC CA . 1.82 -0.90 -49.86
CHD CYC CA . 2.88 -1.06 -45.30
ND CYC CA . 4.24 -0.17 -43.50
C1D CYC CA . 3.68 -0.06 -44.74
C2D CYC CA . 3.93 1.27 -45.19
C3D CYC CA . 4.64 1.92 -44.22
C4D CYC CA . 4.84 1.01 -43.14
CMD CYC CA . 3.36 1.88 -46.43
CAD CYC CA . 5.07 3.36 -44.20
CBD CYC CA . 4.24 4.14 -43.17
CGD CYC CA . 4.28 5.65 -43.34
O1D CYC CA . 5.23 6.18 -44.03
O2D CYC CA . 3.36 6.34 -42.77
CHA CYC DA . 20.51 -13.73 5.21
NA CYC DA . 20.11 -14.35 2.94
C1A CYC DA . 20.00 -13.49 3.97
C2A CYC DA . 19.18 -12.36 3.58
C3A CYC DA . 18.93 -12.51 2.26
C4A CYC DA . 19.56 -13.75 1.86
CMA CYC DA . 18.27 -11.47 1.39
CAA CYC DA . 18.76 -11.20 4.44
CBA CYC DA . 17.31 -11.37 4.88
CGA CYC DA . 17.15 -12.37 6.00
O1A CYC DA . 18.02 -12.40 6.93
O2A CYC DA . 16.14 -13.08 5.98
CHB CYC DA . 19.71 -14.26 0.66
NB CYC DA . 18.05 -13.29 -0.80
C1B CYC DA . 18.91 -14.27 -0.40
C2B CYC DA . 19.02 -15.23 -1.41
C3B CYC DA . 18.39 -14.78 -2.51
C4B CYC DA . 17.77 -13.47 -2.14
CMB CYC DA . 19.71 -16.56 -1.38
CAB CYC DA . 18.21 -15.45 -3.83
CBB CYC DA . 17.50 -14.60 -4.85
OB CYC DA . 17.15 -12.72 -2.85
NC CYC DA . 25.24 -17.96 6.55
C1C CYC DA . 26.15 -18.93 6.84
C2C CYC DA . 26.20 -19.93 5.71
C3C CYC DA . 25.00 -19.53 4.85
C4C CYC DA . 24.39 -18.35 5.54
CMC CYC DA . 27.54 -19.95 4.97
CAC CYC DA . 24.11 -20.73 4.58
CBC CYC DA . 24.73 -21.69 3.62
OC CYC DA . 26.86 -19.02 7.81
CHD CYC DA . 23.24 -17.76 5.15
ND CYC DA . 21.83 -15.78 4.87
C1D CYC DA . 22.57 -16.63 5.65
C2D CYC DA . 22.55 -16.09 6.96
C3D CYC DA . 21.77 -14.97 6.93
C4D CYC DA . 21.30 -14.78 5.64
CMD CYC DA . 23.21 -16.68 8.18
CAD CYC DA . 21.38 -14.14 8.10
CBD CYC DA . 22.24 -12.89 8.25
CGD CYC DA . 21.75 -12.04 9.39
O1D CYC DA . 20.53 -11.72 9.42
O2D CYC DA . 22.58 -11.76 10.30
CHA CYC EA . 13.28 -42.35 -20.35
NA CYC EA . 12.05 -40.72 -19.05
C1A CYC EA . 12.13 -41.69 -20.02
C2A CYC EA . 10.86 -41.85 -20.68
C3A CYC EA . 9.98 -41.07 -19.99
C4A CYC EA . 10.72 -40.49 -18.88
CMA CYC EA . 8.56 -40.83 -20.39
CAA CYC EA . 10.59 -42.75 -21.84
CBA CYC EA . 9.92 -44.06 -21.41
CGA CYC EA . 10.82 -44.97 -20.59
O1A CYC EA . 10.47 -45.25 -19.41
O2A CYC EA . 11.86 -45.39 -21.14
CHB CYC EA . 10.23 -39.78 -17.81
NB CYC EA . 8.65 -38.29 -18.88
C1B CYC EA . 9.41 -38.73 -17.82
C2B CYC EA . 9.14 -37.94 -16.70
C3B CYC EA . 8.14 -37.10 -17.00
C4B CYC EA . 7.75 -37.36 -18.42
CMB CYC EA . 9.81 -37.97 -15.35
CAB CYC EA . 7.50 -36.00 -16.19
CBB CYC EA . 5.99 -36.06 -16.26
OB CYC EA . 6.81 -36.91 -19.03
NC CYC EA . 18.35 -43.11 -16.75
C1C CYC EA . 19.67 -43.29 -16.46
C2C CYC EA . 20.21 -42.03 -15.83
C3C CYC EA . 19.01 -41.08 -15.80
C4C CYC EA . 18.02 -41.77 -16.70
CMC CYC EA . 20.90 -42.28 -14.55
CAC CYC EA . 19.19 -39.69 -16.42
CBC CYC EA . 18.90 -38.51 -15.48
OC CYC EA . 20.31 -44.27 -16.67
CHD CYC EA . 16.97 -41.18 -17.40
ND CYC EA . 14.93 -41.60 -18.66
C1D CYC EA . 16.27 -41.76 -18.44
C2D CYC EA . 16.77 -42.59 -19.49
C3D CYC EA . 15.71 -42.89 -20.31
C4D CYC EA . 14.55 -42.28 -19.79
CMD CYC EA . 18.21 -42.94 -19.71
CAD CYC EA . 15.76 -43.67 -21.59
CBD CYC EA . 16.15 -42.81 -22.79
CGD CYC EA . 15.12 -41.76 -23.15
O1D CYC EA . 14.94 -40.80 -22.34
O2D CYC EA . 14.50 -41.89 -24.26
#